data_1VAY
#
_entry.id   1VAY
#
_cell.length_a   83.330
_cell.length_b   122.280
_cell.length_c   283.920
_cell.angle_alpha   90.00
_cell.angle_beta   90.00
_cell.angle_gamma   90.00
#
_symmetry.space_group_name_H-M   'P 21 21 21'
#
loop_
_entity.id
_entity.type
_entity.pdbx_description
1 polymer 'Uric acid oxidase'
2 non-polymer 8-AZAXANTHINE
3 water water
#
_entity_poly.entity_id   1
_entity_poly.type   'polypeptide(L)'
_entity_poly.pdbx_seq_one_letter_code
;TKVVLGQNQYGKAEVRLVKVTRNTARHEIQDLNVTSQLRGDFEAAHTAGDNAHVVATDTQKNTVYAFARDGFATTEEFLL
RLGKHFTEGFDWVTGGRWAAQQFFWDRINDHDHAFSRNKSEVRTAVLEISGSEQAIVAGIEGLTVLKSTGSEFHGFPRDK
YTTLQETTDRILATDVSARWRYNTVEVDFDAVYASVRGLLLKAFAETHSLALQQTMYEMGRAVIETHPEIDEIKMSLPNK
HHFLVDLQPFGQDNPNEVFYAADRPYGLIEATIQREGSRADHPIWSN
;
_entity_poly.pdbx_strand_id   A,B,C,D,E,F,G,H
#
loop_
_chem_comp.id
_chem_comp.type
_chem_comp.name
_chem_comp.formula
AZA non-polymer 8-AZAXANTHINE 'C4 H3 N5 O2'
#
# COMPACT_ATOMS: atom_id res chain seq x y z
N THR A 1 -39.92 24.00 -59.43
CA THR A 1 -41.01 23.65 -60.38
C THR A 1 -41.89 22.53 -59.82
N LYS A 2 -42.22 21.56 -60.68
CA LYS A 2 -43.05 20.44 -60.26
C LYS A 2 -42.23 19.46 -59.43
N VAL A 3 -42.81 19.00 -58.33
CA VAL A 3 -42.14 18.07 -57.43
C VAL A 3 -42.84 16.72 -57.45
N VAL A 4 -42.05 15.65 -57.61
CA VAL A 4 -42.60 14.31 -57.67
C VAL A 4 -42.01 13.34 -56.64
N LEU A 5 -42.90 12.72 -55.87
CA LEU A 5 -42.50 11.75 -54.86
C LEU A 5 -41.96 10.51 -55.58
N GLY A 6 -40.66 10.24 -55.40
CA GLY A 6 -40.05 9.10 -56.05
C GLY A 6 -40.07 7.81 -55.24
N GLN A 7 -38.97 7.07 -55.27
CA GLN A 7 -38.87 5.82 -54.53
C GLN A 7 -38.97 6.15 -53.05
N ASN A 8 -39.58 5.23 -52.29
CA ASN A 8 -39.74 5.42 -50.86
C ASN A 8 -40.08 4.10 -50.19
N GLN A 9 -39.76 4.00 -48.91
CA GLN A 9 -40.03 2.81 -48.12
C GLN A 9 -39.95 3.20 -46.66
N TYR A 10 -40.63 2.46 -45.80
CA TYR A 10 -40.64 2.77 -44.38
C TYR A 10 -41.01 1.54 -43.57
N GLY A 11 -40.63 1.56 -42.30
CA GLY A 11 -40.92 0.47 -41.39
C GLY A 11 -40.21 0.69 -40.06
N LYS A 12 -39.99 -0.40 -39.32
CA LYS A 12 -39.30 -0.32 -38.05
C LYS A 12 -37.96 -1.02 -38.22
N ALA A 13 -36.87 -0.33 -37.88
CA ALA A 13 -35.54 -0.91 -38.01
C ALA A 13 -34.95 -1.39 -36.68
N GLU A 14 -34.13 -2.44 -36.75
CA GLU A 14 -33.45 -3.00 -35.59
C GLU A 14 -34.31 -3.40 -34.38
N VAL A 15 -35.20 -4.36 -34.61
CA VAL A 15 -36.06 -4.89 -33.56
C VAL A 15 -35.28 -6.09 -33.01
N ARG A 16 -34.69 -5.93 -31.82
CA ARG A 16 -33.90 -6.99 -31.21
C ARG A 16 -34.78 -8.08 -30.60
N LEU A 17 -34.71 -9.27 -31.19
CA LEU A 17 -35.51 -10.41 -30.75
C LEU A 17 -34.70 -11.61 -30.31
N VAL A 18 -35.11 -12.23 -29.21
CA VAL A 18 -34.44 -13.42 -28.70
C VAL A 18 -35.52 -14.47 -28.47
N LYS A 19 -35.38 -15.61 -29.14
CA LYS A 19 -36.36 -16.69 -29.03
C LYS A 19 -35.78 -17.90 -28.32
N VAL A 20 -36.31 -18.21 -27.14
CA VAL A 20 -35.83 -19.36 -26.42
C VAL A 20 -36.76 -20.53 -26.68
N THR A 21 -36.19 -21.67 -27.02
CA THR A 21 -36.97 -22.87 -27.25
C THR A 21 -36.69 -23.75 -26.06
N ARG A 22 -37.71 -23.96 -25.23
CA ARG A 22 -37.52 -24.77 -24.04
C ARG A 22 -38.55 -25.88 -23.87
N ASN A 23 -38.66 -26.74 -24.88
CA ASN A 23 -39.60 -27.85 -24.82
C ASN A 23 -38.96 -28.93 -23.96
N THR A 24 -37.70 -29.23 -24.24
CA THR A 24 -36.96 -30.22 -23.46
C THR A 24 -36.19 -29.42 -22.43
N ALA A 25 -35.36 -30.09 -21.64
CA ALA A 25 -34.57 -29.41 -20.61
C ALA A 25 -33.45 -28.64 -21.33
N ARG A 26 -33.07 -29.15 -22.49
CA ARG A 26 -32.02 -28.57 -23.29
C ARG A 26 -32.54 -27.40 -24.12
N HIS A 27 -32.35 -26.18 -23.62
CA HIS A 27 -32.81 -24.99 -24.30
C HIS A 27 -31.99 -24.64 -25.54
N GLU A 28 -32.63 -23.91 -26.46
CA GLU A 28 -32.00 -23.46 -27.69
C GLU A 28 -32.21 -21.95 -27.77
N ILE A 29 -31.28 -21.24 -28.40
CA ILE A 29 -31.41 -19.79 -28.53
C ILE A 29 -31.30 -19.31 -29.97
N GLN A 30 -32.16 -18.36 -30.33
CA GLN A 30 -32.15 -17.74 -31.64
C GLN A 30 -32.18 -16.23 -31.36
N ASP A 31 -31.14 -15.53 -31.79
CA ASP A 31 -31.00 -14.10 -31.55
C ASP A 31 -30.94 -13.34 -32.86
N LEU A 32 -31.86 -12.40 -33.07
CA LEU A 32 -31.90 -11.63 -34.30
C LEU A 32 -32.11 -10.13 -34.12
N ASN A 33 -31.64 -9.36 -35.09
CA ASN A 33 -31.82 -7.92 -35.11
C ASN A 33 -32.60 -7.82 -36.43
N VAL A 34 -33.89 -7.56 -36.33
CA VAL A 34 -34.77 -7.52 -37.50
C VAL A 34 -35.21 -6.13 -37.98
N THR A 35 -35.24 -5.95 -39.29
CA THR A 35 -35.69 -4.69 -39.88
C THR A 35 -36.76 -4.99 -40.92
N SER A 36 -37.87 -4.27 -40.81
CA SER A 36 -38.98 -4.44 -41.73
C SER A 36 -39.42 -3.13 -42.35
N GLN A 37 -39.37 -3.04 -43.68
CA GLN A 37 -39.80 -1.83 -44.37
C GLN A 37 -40.80 -2.24 -45.47
N LEU A 38 -41.81 -1.39 -45.67
CA LEU A 38 -42.83 -1.67 -46.66
C LEU A 38 -42.72 -0.74 -47.85
N ARG A 39 -43.20 -1.22 -48.99
CA ARG A 39 -43.20 -0.46 -50.22
C ARG A 39 -44.58 -0.57 -50.88
N GLY A 40 -45.04 0.53 -51.44
CA GLY A 40 -46.34 0.54 -52.09
C GLY A 40 -46.81 1.95 -52.37
N ASP A 41 -48.13 2.14 -52.28
CA ASP A 41 -48.72 3.43 -52.54
C ASP A 41 -48.86 4.26 -51.26
N PHE A 42 -47.91 5.16 -51.04
CA PHE A 42 -47.91 6.02 -49.86
C PHE A 42 -47.84 7.48 -50.30
N GLU A 43 -48.39 7.73 -51.48
CA GLU A 43 -48.42 9.06 -52.07
C GLU A 43 -49.11 10.05 -51.14
N ALA A 44 -50.35 9.73 -50.77
CA ALA A 44 -51.13 10.60 -49.90
C ALA A 44 -50.52 10.81 -48.52
N ALA A 45 -49.78 9.81 -48.03
CA ALA A 45 -49.15 9.91 -46.73
C ALA A 45 -48.06 10.99 -46.75
N HIS A 46 -47.27 11.01 -47.82
CA HIS A 46 -46.20 11.99 -47.94
C HIS A 46 -46.70 13.36 -48.36
N THR A 47 -47.56 13.40 -49.38
CA THR A 47 -48.07 14.65 -49.91
C THR A 47 -49.19 15.31 -49.13
N ALA A 48 -50.08 14.52 -48.54
CA ALA A 48 -51.23 15.05 -47.82
C ALA A 48 -51.24 14.85 -46.31
N GLY A 49 -50.46 13.91 -45.82
CA GLY A 49 -50.45 13.64 -44.39
C GLY A 49 -51.55 12.66 -44.03
N ASP A 50 -52.14 12.01 -45.04
CA ASP A 50 -53.19 11.02 -44.84
C ASP A 50 -52.52 9.68 -44.51
N ASN A 51 -52.68 9.20 -43.29
CA ASN A 51 -52.05 7.95 -42.88
C ASN A 51 -52.89 6.69 -43.02
N ALA A 52 -53.96 6.77 -43.81
CA ALA A 52 -54.84 5.63 -44.02
C ALA A 52 -54.07 4.40 -44.48
N HIS A 53 -53.04 4.60 -45.30
CA HIS A 53 -52.24 3.51 -45.82
C HIS A 53 -51.04 3.13 -44.95
N VAL A 54 -50.72 3.96 -43.96
CA VAL A 54 -49.57 3.71 -43.11
C VAL A 54 -49.70 2.65 -42.02
N VAL A 55 -49.33 1.41 -42.31
CA VAL A 55 -49.36 0.35 -41.32
C VAL A 55 -48.22 0.76 -40.37
N ALA A 56 -48.57 1.17 -39.16
CA ALA A 56 -47.60 1.65 -38.18
C ALA A 56 -46.30 0.88 -38.02
N THR A 57 -45.19 1.62 -37.90
CA THR A 57 -43.91 0.97 -37.70
C THR A 57 -44.03 0.19 -36.40
N ASP A 58 -44.83 0.73 -35.48
CA ASP A 58 -45.06 0.07 -34.19
C ASP A 58 -45.75 -1.28 -34.42
N THR A 59 -46.72 -1.30 -35.34
CA THR A 59 -47.45 -2.52 -35.67
C THR A 59 -46.51 -3.55 -36.28
N GLN A 60 -45.63 -3.08 -37.15
CA GLN A 60 -44.67 -3.97 -37.78
C GLN A 60 -43.80 -4.59 -36.67
N LYS A 61 -43.39 -3.76 -35.71
CA LYS A 61 -42.59 -4.26 -34.60
C LYS A 61 -43.36 -5.34 -33.84
N ASN A 62 -44.63 -5.09 -33.53
CA ASN A 62 -45.43 -6.07 -32.79
C ASN A 62 -45.57 -7.39 -33.55
N THR A 63 -45.72 -7.30 -34.87
CA THR A 63 -45.88 -8.49 -35.70
C THR A 63 -44.66 -9.39 -35.63
N VAL A 64 -43.48 -8.78 -35.60
CA VAL A 64 -42.25 -9.54 -35.51
C VAL A 64 -42.26 -10.44 -34.28
N TYR A 65 -42.60 -9.88 -33.12
CA TYR A 65 -42.63 -10.65 -31.89
C TYR A 65 -43.77 -11.68 -31.86
N ALA A 66 -44.93 -11.30 -32.38
CA ALA A 66 -46.07 -12.21 -32.42
C ALA A 66 -45.73 -13.43 -33.25
N PHE A 67 -45.11 -13.22 -34.41
CA PHE A 67 -44.73 -14.34 -35.27
C PHE A 67 -43.65 -15.18 -34.63
N ALA A 68 -42.77 -14.52 -33.86
CA ALA A 68 -41.70 -15.23 -33.17
C ALA A 68 -42.24 -16.29 -32.22
N ARG A 69 -43.40 -16.02 -31.62
CA ARG A 69 -44.04 -16.96 -30.69
C ARG A 69 -44.23 -18.36 -31.32
N ASP A 70 -44.59 -18.40 -32.59
CA ASP A 70 -44.79 -19.67 -33.29
C ASP A 70 -43.48 -20.35 -33.64
N GLY A 71 -42.37 -19.67 -33.41
CA GLY A 71 -41.08 -20.26 -33.72
C GLY A 71 -40.79 -20.18 -35.21
N PHE A 72 -39.53 -20.41 -35.57
CA PHE A 72 -39.09 -20.37 -36.96
C PHE A 72 -37.89 -21.30 -37.07
N ALA A 73 -37.75 -21.96 -38.21
CA ALA A 73 -36.65 -22.89 -38.42
C ALA A 73 -35.34 -22.21 -38.80
N THR A 74 -35.43 -21.14 -39.56
CA THR A 74 -34.24 -20.42 -39.97
C THR A 74 -34.57 -18.94 -40.03
N THR A 75 -33.55 -18.10 -40.18
CA THR A 75 -33.76 -16.66 -40.25
C THR A 75 -34.51 -16.32 -41.54
N GLU A 76 -34.14 -16.99 -42.62
CA GLU A 76 -34.78 -16.75 -43.92
C GLU A 76 -36.28 -17.10 -43.91
N GLU A 77 -36.64 -18.14 -43.19
CA GLU A 77 -38.04 -18.56 -43.14
C GLU A 77 -38.86 -17.59 -42.31
N PHE A 78 -38.20 -16.91 -41.37
CA PHE A 78 -38.87 -15.92 -40.54
C PHE A 78 -39.19 -14.70 -41.40
N LEU A 79 -38.22 -14.27 -42.20
CA LEU A 79 -38.40 -13.12 -43.08
C LEU A 79 -39.43 -13.40 -44.16
N LEU A 80 -39.41 -14.60 -44.74
CA LEU A 80 -40.37 -14.95 -45.78
C LEU A 80 -41.77 -14.78 -45.24
N ARG A 81 -42.00 -15.30 -44.04
CA ARG A 81 -43.32 -15.19 -43.43
C ARG A 81 -43.69 -13.72 -43.21
N LEU A 82 -42.76 -12.94 -42.68
CA LEU A 82 -43.04 -11.53 -42.44
C LEU A 82 -43.44 -10.82 -43.72
N GLY A 83 -42.67 -11.05 -44.79
CA GLY A 83 -42.95 -10.41 -46.06
C GLY A 83 -44.27 -10.76 -46.73
N LYS A 84 -44.65 -12.03 -46.65
CA LYS A 84 -45.90 -12.48 -47.25
C LYS A 84 -47.08 -11.84 -46.53
N HIS A 85 -46.98 -11.76 -45.21
CA HIS A 85 -48.02 -11.16 -44.38
C HIS A 85 -48.32 -9.72 -44.77
N PHE A 86 -47.29 -8.89 -44.85
CA PHE A 86 -47.48 -7.48 -45.18
C PHE A 86 -47.90 -7.21 -46.62
N THR A 87 -47.37 -7.96 -47.58
CA THR A 87 -47.75 -7.74 -48.97
C THR A 87 -49.15 -8.27 -49.21
N GLU A 88 -49.49 -9.38 -48.58
CA GLU A 88 -50.80 -10.00 -48.74
C GLU A 88 -51.93 -9.41 -47.88
N GLY A 89 -51.61 -8.92 -46.69
CA GLY A 89 -52.64 -8.37 -45.82
C GLY A 89 -53.03 -6.92 -46.08
N PHE A 90 -52.41 -6.30 -47.07
CA PHE A 90 -52.72 -4.90 -47.39
C PHE A 90 -52.63 -4.71 -48.88
N ASP A 91 -53.73 -4.34 -49.51
CA ASP A 91 -53.74 -4.15 -50.96
C ASP A 91 -52.80 -3.07 -51.44
N TRP A 92 -52.61 -2.02 -50.65
CA TRP A 92 -51.72 -0.94 -51.06
C TRP A 92 -50.24 -1.25 -50.86
N VAL A 93 -49.93 -2.31 -50.12
CA VAL A 93 -48.53 -2.68 -49.94
C VAL A 93 -48.20 -3.71 -51.02
N THR A 94 -47.32 -3.31 -51.93
CA THR A 94 -46.93 -4.15 -53.06
C THR A 94 -45.61 -4.88 -52.89
N GLY A 95 -44.92 -4.62 -51.77
CA GLY A 95 -43.65 -5.27 -51.53
C GLY A 95 -42.89 -4.62 -50.39
N GLY A 96 -41.57 -4.80 -50.38
CA GLY A 96 -40.75 -4.23 -49.33
C GLY A 96 -39.42 -4.91 -49.12
N ARG A 97 -38.76 -4.59 -48.02
CA ARG A 97 -37.45 -5.16 -47.70
C ARG A 97 -37.39 -5.57 -46.24
N TRP A 98 -37.09 -6.85 -46.00
CA TRP A 98 -36.99 -7.39 -44.65
C TRP A 98 -35.59 -7.97 -44.46
N ALA A 99 -34.86 -7.39 -43.50
CA ALA A 99 -33.49 -7.79 -43.22
C ALA A 99 -33.33 -8.26 -41.79
N ALA A 100 -32.27 -9.02 -41.54
CA ALA A 100 -32.03 -9.51 -40.20
C ALA A 100 -30.59 -9.94 -40.01
N GLN A 101 -30.06 -9.66 -38.83
CA GLN A 101 -28.71 -10.07 -38.48
C GLN A 101 -28.99 -11.20 -37.52
N GLN A 102 -28.17 -12.24 -37.57
CA GLN A 102 -28.34 -13.38 -36.67
C GLN A 102 -27.07 -13.52 -35.87
N PHE A 103 -27.19 -13.49 -34.54
CA PHE A 103 -26.04 -13.61 -33.66
C PHE A 103 -25.96 -15.02 -33.11
N PHE A 104 -24.75 -15.58 -33.09
CA PHE A 104 -24.55 -16.94 -32.60
C PHE A 104 -24.18 -17.01 -31.14
N TRP A 105 -24.63 -18.10 -30.50
CA TRP A 105 -24.35 -18.38 -29.10
C TRP A 105 -23.85 -19.80 -28.98
N ASP A 106 -22.90 -20.01 -28.07
CA ASP A 106 -22.34 -21.34 -27.81
C ASP A 106 -22.68 -21.70 -26.37
N ARG A 107 -22.93 -22.98 -26.13
CA ARG A 107 -23.23 -23.43 -24.79
C ARG A 107 -21.98 -23.34 -23.93
N ILE A 108 -22.16 -23.09 -22.65
CA ILE A 108 -21.03 -23.04 -21.73
C ILE A 108 -20.91 -24.47 -21.21
N ASN A 109 -19.86 -25.16 -21.65
CA ASN A 109 -19.61 -26.55 -21.27
C ASN A 109 -20.84 -27.43 -21.47
N ASP A 110 -21.41 -27.37 -22.67
CA ASP A 110 -22.58 -28.14 -23.01
C ASP A 110 -23.64 -28.11 -21.90
N HIS A 111 -24.01 -26.90 -21.48
CA HIS A 111 -25.01 -26.72 -20.43
C HIS A 111 -26.38 -26.53 -21.07
N ASP A 112 -27.41 -27.14 -20.47
CA ASP A 112 -28.79 -27.09 -20.96
C ASP A 112 -29.36 -25.70 -21.25
N HIS A 113 -29.04 -24.71 -20.42
CA HIS A 113 -29.58 -23.38 -20.62
C HIS A 113 -28.65 -22.21 -20.28
N ALA A 114 -27.37 -22.39 -20.51
CA ALA A 114 -26.39 -21.34 -20.23
C ALA A 114 -25.48 -21.22 -21.46
N PHE A 115 -25.35 -20.00 -21.99
CA PHE A 115 -24.54 -19.77 -23.18
C PHE A 115 -23.68 -18.51 -23.13
N SER A 116 -22.75 -18.44 -24.07
CA SER A 116 -21.86 -17.30 -24.22
C SER A 116 -21.90 -16.97 -25.70
N ARG A 117 -21.79 -15.69 -26.02
CA ARG A 117 -21.83 -15.26 -27.42
C ARG A 117 -20.55 -15.50 -28.20
N ASN A 118 -20.74 -15.89 -29.46
CA ASN A 118 -19.67 -16.11 -30.39
C ASN A 118 -19.76 -14.89 -31.29
N LYS A 119 -18.90 -13.90 -31.03
CA LYS A 119 -18.91 -12.64 -31.78
C LYS A 119 -17.97 -12.62 -32.97
N SER A 120 -17.44 -13.78 -33.35
CA SER A 120 -16.47 -13.84 -34.45
C SER A 120 -17.03 -13.61 -35.85
N GLU A 121 -18.34 -13.55 -35.96
CA GLU A 121 -18.97 -13.33 -37.26
C GLU A 121 -20.44 -13.08 -37.00
N VAL A 122 -21.07 -12.37 -37.92
CA VAL A 122 -22.49 -12.10 -37.81
C VAL A 122 -23.13 -12.53 -39.13
N ARG A 123 -24.19 -13.34 -39.04
CA ARG A 123 -24.89 -13.82 -40.22
C ARG A 123 -25.98 -12.82 -40.61
N THR A 124 -26.20 -12.67 -41.92
CA THR A 124 -27.21 -11.75 -42.41
C THR A 124 -28.09 -12.39 -43.48
N ALA A 125 -29.26 -11.79 -43.68
CA ALA A 125 -30.20 -12.25 -44.67
C ALA A 125 -31.09 -11.08 -45.03
N VAL A 126 -31.41 -10.95 -46.31
CA VAL A 126 -32.28 -9.88 -46.78
C VAL A 126 -33.29 -10.46 -47.73
N LEU A 127 -34.55 -10.08 -47.53
CA LEU A 127 -35.63 -10.54 -48.40
C LEU A 127 -36.27 -9.32 -49.02
N GLU A 128 -36.46 -9.37 -50.33
CA GLU A 128 -37.11 -8.30 -51.03
C GLU A 128 -38.25 -8.88 -51.85
N ILE A 129 -39.40 -8.22 -51.77
CA ILE A 129 -40.55 -8.67 -52.52
C ILE A 129 -41.00 -7.52 -53.39
N SER A 130 -41.29 -7.82 -54.65
CA SER A 130 -41.77 -6.85 -55.60
C SER A 130 -42.93 -7.50 -56.32
N GLY A 131 -44.15 -7.21 -55.86
CA GLY A 131 -45.32 -7.80 -56.46
C GLY A 131 -45.25 -9.31 -56.33
N SER A 132 -45.19 -9.99 -57.47
CA SER A 132 -45.12 -11.45 -57.46
C SER A 132 -43.70 -11.97 -57.24
N GLU A 133 -42.71 -11.13 -57.56
CA GLU A 133 -41.31 -11.51 -57.39
C GLU A 133 -40.88 -11.56 -55.93
N GLN A 134 -39.87 -12.38 -55.66
CA GLN A 134 -39.36 -12.56 -54.31
C GLN A 134 -37.90 -13.02 -54.39
N ALA A 135 -36.99 -12.28 -53.78
CA ALA A 135 -35.58 -12.67 -53.82
C ALA A 135 -34.92 -12.63 -52.44
N ILE A 136 -34.00 -13.57 -52.20
CA ILE A 136 -33.30 -13.63 -50.93
C ILE A 136 -31.78 -13.54 -51.10
N VAL A 137 -31.16 -12.77 -50.21
CA VAL A 137 -29.71 -12.58 -50.19
C VAL A 137 -29.23 -12.95 -48.79
N ALA A 138 -28.37 -13.95 -48.71
CA ALA A 138 -27.83 -14.35 -47.42
C ALA A 138 -26.40 -13.85 -47.38
N GLY A 139 -25.86 -13.62 -46.18
CA GLY A 139 -24.50 -13.15 -46.11
C GLY A 139 -23.77 -13.38 -44.81
N ILE A 140 -22.51 -12.97 -44.78
CA ILE A 140 -21.68 -13.09 -43.60
C ILE A 140 -20.88 -11.80 -43.52
N GLU A 141 -20.52 -11.38 -42.30
CA GLU A 141 -19.76 -10.14 -42.10
C GLU A 141 -19.12 -10.10 -40.72
N GLY A 142 -18.09 -9.27 -40.56
CA GLY A 142 -17.43 -9.16 -39.28
C GLY A 142 -16.50 -10.32 -39.01
N LEU A 143 -16.21 -11.11 -40.05
CA LEU A 143 -15.32 -12.26 -39.89
C LEU A 143 -13.91 -11.90 -40.34
N THR A 144 -13.07 -11.56 -39.38
CA THR A 144 -11.69 -11.16 -39.64
C THR A 144 -10.75 -12.35 -39.81
N VAL A 145 -9.93 -12.29 -40.85
CA VAL A 145 -8.98 -13.36 -41.14
C VAL A 145 -7.64 -12.78 -41.50
N LEU A 146 -6.59 -13.58 -41.36
CA LEU A 146 -5.25 -13.10 -41.66
C LEU A 146 -4.28 -14.22 -42.02
N LYS A 147 -3.45 -13.95 -43.02
CA LYS A 147 -2.42 -14.90 -43.43
C LYS A 147 -1.11 -14.20 -43.14
N SER A 148 -0.20 -14.90 -42.46
CA SER A 148 1.09 -14.32 -42.09
C SER A 148 2.12 -14.43 -43.22
N THR A 149 1.81 -15.25 -44.20
CA THR A 149 2.68 -15.42 -45.37
C THR A 149 1.82 -16.01 -46.49
N GLY A 150 2.43 -16.32 -47.62
CA GLY A 150 1.66 -16.86 -48.72
C GLY A 150 0.83 -15.76 -49.35
N SER A 151 1.42 -14.56 -49.41
CA SER A 151 0.79 -13.38 -49.99
C SER A 151 1.86 -12.51 -50.61
N GLU A 152 1.64 -12.12 -51.86
CA GLU A 152 2.57 -11.28 -52.60
C GLU A 152 1.80 -10.16 -53.29
N PHE A 153 2.54 -9.14 -53.73
CA PHE A 153 1.98 -8.01 -54.48
C PHE A 153 3.09 -7.32 -55.23
N HIS A 154 3.17 -7.60 -56.53
CA HIS A 154 4.18 -7.02 -57.39
C HIS A 154 3.69 -6.96 -58.82
N GLY A 155 4.41 -6.23 -59.67
CA GLY A 155 4.04 -6.12 -61.05
C GLY A 155 3.04 -5.00 -61.34
N PHE A 156 2.75 -4.18 -60.35
CA PHE A 156 1.81 -3.08 -60.58
C PHE A 156 2.56 -1.93 -61.26
N PRO A 157 1.83 -1.05 -61.96
CA PRO A 157 2.42 0.10 -62.66
C PRO A 157 3.05 1.06 -61.67
N ARG A 158 4.15 1.69 -62.07
CA ARG A 158 4.82 2.65 -61.21
C ARG A 158 4.73 4.04 -61.85
N ASP A 159 3.64 4.73 -61.54
CA ASP A 159 3.41 6.07 -62.07
C ASP A 159 4.23 7.08 -61.25
N LYS A 160 4.11 8.37 -61.57
CA LYS A 160 4.90 9.38 -60.88
C LYS A 160 4.62 9.59 -59.40
N TYR A 161 3.57 8.96 -58.89
CA TYR A 161 3.22 9.09 -57.48
C TYR A 161 3.31 7.74 -56.74
N THR A 162 3.91 6.74 -57.37
CA THR A 162 4.04 5.41 -56.77
C THR A 162 5.31 5.20 -55.98
N THR A 163 5.15 4.91 -54.68
CA THR A 163 6.29 4.67 -53.82
C THR A 163 6.28 3.26 -53.23
N LEU A 164 5.14 2.58 -53.36
CA LEU A 164 5.01 1.22 -52.83
C LEU A 164 6.00 0.28 -53.49
N GLN A 165 6.75 -0.47 -52.67
CA GLN A 165 7.75 -1.41 -53.18
C GLN A 165 7.14 -2.79 -53.42
N GLU A 166 7.65 -3.50 -54.41
CA GLU A 166 7.16 -4.83 -54.69
C GLU A 166 7.53 -5.75 -53.53
N THR A 167 6.73 -6.77 -53.28
CA THR A 167 7.02 -7.70 -52.20
C THR A 167 6.53 -9.09 -52.56
N THR A 168 7.24 -10.12 -52.07
CA THR A 168 6.83 -11.50 -52.33
C THR A 168 6.50 -12.19 -51.00
N ASP A 169 6.46 -11.42 -49.92
CA ASP A 169 6.15 -11.99 -48.61
C ASP A 169 5.56 -10.88 -47.75
N ARG A 170 4.27 -10.97 -47.48
CA ARG A 170 3.60 -9.95 -46.69
C ARG A 170 2.38 -10.55 -45.98
N ILE A 171 1.83 -9.80 -45.03
CA ILE A 171 0.65 -10.24 -44.31
C ILE A 171 -0.57 -9.80 -45.11
N LEU A 172 -1.59 -10.64 -45.16
CA LEU A 172 -2.82 -10.29 -45.85
C LEU A 172 -3.96 -10.48 -44.86
N ALA A 173 -4.54 -9.36 -44.42
CA ALA A 173 -5.62 -9.40 -43.44
C ALA A 173 -6.82 -8.63 -43.96
N THR A 174 -8.02 -9.14 -43.69
CA THR A 174 -9.24 -8.49 -44.16
C THR A 174 -10.43 -8.88 -43.30
N ASP A 175 -11.54 -8.19 -43.51
CA ASP A 175 -12.78 -8.51 -42.81
C ASP A 175 -13.62 -9.12 -43.92
N VAL A 176 -14.04 -10.37 -43.76
CA VAL A 176 -14.84 -10.98 -44.81
C VAL A 176 -16.31 -10.58 -44.76
N SER A 177 -16.72 -9.77 -45.72
CA SER A 177 -18.10 -9.35 -45.86
C SER A 177 -18.52 -9.94 -47.21
N ALA A 178 -19.40 -10.94 -47.18
CA ALA A 178 -19.85 -11.57 -48.41
C ALA A 178 -21.35 -11.77 -48.38
N ARG A 179 -21.98 -11.48 -49.52
CA ARG A 179 -23.42 -11.61 -49.69
C ARG A 179 -23.73 -12.32 -51.00
N TRP A 180 -24.54 -13.37 -50.93
CA TRP A 180 -24.89 -14.13 -52.13
C TRP A 180 -26.41 -14.18 -52.34
N ARG A 181 -26.80 -14.11 -53.61
CA ARG A 181 -28.20 -14.12 -54.02
C ARG A 181 -28.64 -15.48 -54.54
N TYR A 182 -29.67 -16.05 -53.92
CA TYR A 182 -30.18 -17.36 -54.32
C TYR A 182 -31.10 -17.22 -55.52
N ASN A 183 -31.11 -18.23 -56.39
CA ASN A 183 -31.96 -18.19 -57.58
C ASN A 183 -33.31 -18.84 -57.27
N THR A 184 -33.45 -19.37 -56.06
CA THR A 184 -34.69 -19.99 -55.61
C THR A 184 -34.79 -19.88 -54.08
N VAL A 185 -36.00 -19.96 -53.54
CA VAL A 185 -36.18 -19.89 -52.09
C VAL A 185 -36.15 -21.29 -51.48
N GLU A 186 -36.19 -22.32 -52.33
CA GLU A 186 -36.13 -23.69 -51.81
C GLU A 186 -34.68 -24.03 -51.56
N VAL A 187 -34.19 -23.68 -50.37
CA VAL A 187 -32.81 -23.91 -49.99
C VAL A 187 -32.70 -24.32 -48.51
N ASP A 188 -31.70 -25.14 -48.21
CA ASP A 188 -31.45 -25.56 -46.84
C ASP A 188 -30.57 -24.41 -46.34
N PHE A 189 -31.20 -23.27 -46.11
CA PHE A 189 -30.52 -22.06 -45.67
C PHE A 189 -29.36 -22.26 -44.68
N ASP A 190 -29.58 -23.03 -43.63
CA ASP A 190 -28.52 -23.25 -42.65
C ASP A 190 -27.34 -24.04 -43.22
N ALA A 191 -27.62 -25.10 -43.97
CA ALA A 191 -26.56 -25.91 -44.55
C ALA A 191 -25.74 -25.09 -45.56
N VAL A 192 -26.40 -24.28 -46.35
CA VAL A 192 -25.68 -23.49 -47.33
C VAL A 192 -24.82 -22.41 -46.67
N TYR A 193 -25.34 -21.78 -45.62
CA TYR A 193 -24.56 -20.75 -44.93
C TYR A 193 -23.27 -21.39 -44.40
N ALA A 194 -23.41 -22.54 -43.75
CA ALA A 194 -22.25 -23.25 -43.21
C ALA A 194 -21.25 -23.54 -44.30
N SER A 195 -21.74 -24.03 -45.44
CA SER A 195 -20.89 -24.37 -46.57
C SER A 195 -20.13 -23.16 -47.14
N VAL A 196 -20.86 -22.12 -47.51
CA VAL A 196 -20.25 -20.92 -48.07
C VAL A 196 -19.16 -20.37 -47.16
N ARG A 197 -19.45 -20.28 -45.87
CA ARG A 197 -18.49 -19.77 -44.90
C ARG A 197 -17.23 -20.61 -45.01
N GLY A 198 -17.43 -21.93 -44.99
CA GLY A 198 -16.31 -22.84 -45.08
C GLY A 198 -15.53 -22.68 -46.36
N LEU A 199 -16.22 -22.44 -47.47
CA LEU A 199 -15.55 -22.28 -48.75
C LEU A 199 -14.73 -20.97 -48.79
N LEU A 200 -15.32 -19.89 -48.26
CA LEU A 200 -14.63 -18.60 -48.26
C LEU A 200 -13.36 -18.68 -47.44
N LEU A 201 -13.48 -19.20 -46.23
CA LEU A 201 -12.36 -19.35 -45.31
C LEU A 201 -11.26 -20.19 -45.96
N LYS A 202 -11.67 -21.31 -46.58
CA LYS A 202 -10.75 -22.23 -47.24
C LYS A 202 -10.04 -21.56 -48.42
N ALA A 203 -10.81 -20.86 -49.25
CA ALA A 203 -10.24 -20.17 -50.42
C ALA A 203 -9.30 -19.06 -49.95
N PHE A 204 -9.65 -18.41 -48.84
CA PHE A 204 -8.77 -17.35 -48.35
C PHE A 204 -7.46 -17.96 -47.89
N ALA A 205 -7.55 -19.01 -47.09
CA ALA A 205 -6.36 -19.66 -46.53
C ALA A 205 -5.41 -20.39 -47.51
N GLU A 206 -5.97 -21.20 -48.39
CA GLU A 206 -5.18 -22.00 -49.31
C GLU A 206 -4.64 -21.36 -50.60
N THR A 207 -5.27 -20.28 -51.04
CA THR A 207 -4.84 -19.60 -52.26
C THR A 207 -3.56 -18.81 -52.04
N HIS A 208 -2.50 -19.12 -52.79
CA HIS A 208 -1.26 -18.37 -52.66
C HIS A 208 -1.57 -17.03 -53.33
N SER A 209 -1.87 -16.02 -52.52
CA SER A 209 -2.27 -14.71 -53.02
C SER A 209 -1.26 -13.81 -53.70
N LEU A 210 -1.59 -13.39 -54.92
CA LEU A 210 -0.75 -12.47 -55.69
C LEU A 210 -1.38 -11.09 -55.60
N ALA A 211 -2.59 -11.04 -55.03
CA ALA A 211 -3.34 -9.81 -54.84
C ALA A 211 -4.67 -10.09 -54.14
N LEU A 212 -5.14 -9.14 -53.33
CA LEU A 212 -6.40 -9.34 -52.63
C LEU A 212 -7.49 -9.60 -53.68
N GLN A 213 -7.34 -8.99 -54.85
CA GLN A 213 -8.27 -9.17 -55.95
C GLN A 213 -8.33 -10.66 -56.34
N GLN A 214 -7.17 -11.28 -56.55
CA GLN A 214 -7.09 -12.69 -56.92
C GLN A 214 -7.72 -13.58 -55.85
N THR A 215 -7.34 -13.36 -54.59
CA THR A 215 -7.87 -14.11 -53.47
C THR A 215 -9.39 -14.05 -53.44
N MET A 216 -9.94 -12.84 -53.54
CA MET A 216 -11.38 -12.63 -53.52
C MET A 216 -12.08 -13.36 -54.69
N TYR A 217 -11.42 -13.41 -55.85
CA TYR A 217 -12.00 -14.07 -57.01
C TYR A 217 -12.13 -15.57 -56.75
N GLU A 218 -11.08 -16.16 -56.19
CA GLU A 218 -11.08 -17.59 -55.89
C GLU A 218 -12.13 -17.93 -54.85
N MET A 219 -12.27 -17.07 -53.84
CA MET A 219 -13.26 -17.28 -52.79
C MET A 219 -14.64 -17.37 -53.41
N GLY A 220 -14.95 -16.41 -54.28
CA GLY A 220 -16.24 -16.42 -54.94
C GLY A 220 -16.39 -17.52 -55.97
N ARG A 221 -15.27 -17.92 -56.57
CA ARG A 221 -15.30 -18.97 -57.58
C ARG A 221 -15.74 -20.29 -56.94
N ALA A 222 -15.15 -20.61 -55.78
CA ALA A 222 -15.49 -21.84 -55.07
C ALA A 222 -16.97 -21.88 -54.68
N VAL A 223 -17.50 -20.72 -54.33
CA VAL A 223 -18.89 -20.63 -53.93
C VAL A 223 -19.83 -20.92 -55.07
N ILE A 224 -19.62 -20.26 -56.21
CA ILE A 224 -20.47 -20.47 -57.38
C ILE A 224 -20.33 -21.90 -57.90
N GLU A 225 -19.10 -22.41 -57.92
CA GLU A 225 -18.87 -23.76 -58.41
C GLU A 225 -19.49 -24.83 -57.52
N THR A 226 -19.65 -24.54 -56.24
CA THR A 226 -20.21 -25.51 -55.30
C THR A 226 -21.73 -25.47 -55.14
N HIS A 227 -22.34 -24.29 -55.26
CA HIS A 227 -23.79 -24.17 -55.08
C HIS A 227 -24.59 -23.65 -56.27
N PRO A 228 -25.34 -24.55 -56.93
CA PRO A 228 -26.17 -24.23 -58.10
C PRO A 228 -27.28 -23.21 -57.79
N GLU A 229 -27.78 -23.22 -56.57
CA GLU A 229 -28.86 -22.30 -56.19
C GLU A 229 -28.42 -20.84 -56.02
N ILE A 230 -27.12 -20.61 -56.07
CA ILE A 230 -26.59 -19.25 -55.94
C ILE A 230 -26.25 -18.68 -57.32
N ASP A 231 -26.72 -17.46 -57.60
CA ASP A 231 -26.46 -16.82 -58.89
C ASP A 231 -25.26 -15.89 -58.88
N GLU A 232 -24.98 -15.28 -57.73
CA GLU A 232 -23.85 -14.36 -57.64
C GLU A 232 -23.47 -14.09 -56.20
N ILE A 233 -22.20 -13.76 -55.98
CA ILE A 233 -21.74 -13.45 -54.64
C ILE A 233 -20.92 -12.17 -54.67
N LYS A 234 -21.29 -11.23 -53.82
CA LYS A 234 -20.59 -9.97 -53.73
C LYS A 234 -19.74 -9.92 -52.48
N MET A 235 -18.53 -9.40 -52.62
CA MET A 235 -17.62 -9.28 -51.49
C MET A 235 -17.02 -7.88 -51.43
N SER A 236 -16.78 -7.43 -50.21
CA SER A 236 -16.18 -6.13 -49.95
C SER A 236 -15.09 -6.45 -48.94
N LEU A 237 -13.84 -6.46 -49.41
CA LEU A 237 -12.73 -6.82 -48.55
C LEU A 237 -11.70 -5.72 -48.33
N PRO A 238 -11.63 -5.17 -47.10
CA PRO A 238 -10.64 -4.13 -46.86
C PRO A 238 -9.28 -4.82 -46.74
N ASN A 239 -8.23 -4.12 -47.13
CA ASN A 239 -6.88 -4.65 -47.03
C ASN A 239 -6.37 -3.96 -45.76
N LYS A 240 -6.54 -4.63 -44.62
CA LYS A 240 -6.14 -4.09 -43.33
C LYS A 240 -4.63 -4.18 -43.21
N HIS A 241 -3.98 -3.09 -43.60
CA HIS A 241 -2.54 -3.03 -43.60
C HIS A 241 -1.83 -3.25 -42.28
N HIS A 242 -0.84 -4.14 -42.34
CA HIS A 242 0.01 -4.50 -41.22
C HIS A 242 1.38 -4.16 -41.78
N PHE A 243 1.90 -2.99 -41.41
CA PHE A 243 3.19 -2.56 -41.90
C PHE A 243 4.36 -3.19 -41.18
N LEU A 244 5.28 -3.78 -41.93
CA LEU A 244 6.47 -4.39 -41.35
C LEU A 244 7.29 -3.22 -40.82
N VAL A 245 7.44 -3.13 -39.51
CA VAL A 245 8.18 -2.02 -38.90
C VAL A 245 9.67 -2.01 -39.23
N ASP A 246 10.20 -0.83 -39.50
CA ASP A 246 11.63 -0.67 -39.81
C ASP A 246 12.42 -0.53 -38.52
N LEU A 247 13.16 -1.58 -38.17
CA LEU A 247 13.95 -1.58 -36.94
C LEU A 247 15.44 -1.36 -37.19
N GLN A 248 15.80 -1.17 -38.45
CA GLN A 248 17.21 -0.94 -38.77
C GLN A 248 17.80 0.27 -38.08
N PRO A 249 16.99 1.33 -37.90
CA PRO A 249 17.53 2.52 -37.23
C PRO A 249 17.92 2.20 -35.78
N PHE A 250 17.45 1.05 -35.30
CA PHE A 250 17.73 0.60 -33.95
C PHE A 250 18.78 -0.50 -33.98
N GLY A 251 19.32 -0.76 -35.17
CA GLY A 251 20.35 -1.79 -35.32
C GLY A 251 19.80 -3.20 -35.37
N GLN A 252 18.54 -3.35 -35.77
CA GLN A 252 17.91 -4.66 -35.84
C GLN A 252 17.33 -4.95 -37.20
N ASP A 253 17.18 -6.24 -37.49
CA ASP A 253 16.55 -6.67 -38.73
C ASP A 253 15.13 -7.00 -38.31
N ASN A 254 14.27 -7.31 -39.28
CA ASN A 254 12.89 -7.67 -38.99
C ASN A 254 12.42 -8.71 -40.02
N PRO A 255 12.71 -10.00 -39.77
CA PRO A 255 12.33 -11.09 -40.67
C PRO A 255 10.84 -11.43 -40.69
N ASN A 256 10.04 -10.44 -41.09
CA ASN A 256 8.59 -10.60 -41.18
C ASN A 256 7.96 -11.03 -39.85
N GLU A 257 8.40 -10.42 -38.76
CA GLU A 257 7.87 -10.78 -37.44
C GLU A 257 7.16 -9.66 -36.67
N VAL A 258 7.66 -8.43 -36.79
CA VAL A 258 7.07 -7.31 -36.08
C VAL A 258 6.26 -6.38 -36.99
N PHE A 259 4.96 -6.27 -36.73
CA PHE A 259 4.11 -5.42 -37.54
C PHE A 259 3.30 -4.40 -36.75
N TYR A 260 2.91 -3.35 -37.47
CA TYR A 260 2.08 -2.27 -36.93
C TYR A 260 0.78 -2.35 -37.71
N ALA A 261 -0.31 -2.71 -37.02
CA ALA A 261 -1.60 -2.80 -37.68
C ALA A 261 -2.25 -1.43 -37.69
N ALA A 262 -2.26 -0.78 -38.86
CA ALA A 262 -2.84 0.55 -38.98
C ALA A 262 -4.36 0.51 -39.12
N ASP A 263 -5.02 1.54 -38.58
CA ASP A 263 -6.47 1.64 -38.63
C ASP A 263 -6.90 2.13 -39.99
N ARG A 264 -6.48 3.35 -40.31
CA ARG A 264 -6.80 4.01 -41.57
C ARG A 264 -5.54 4.67 -42.10
N PRO A 265 -5.43 4.81 -43.42
CA PRO A 265 -6.42 4.36 -44.41
C PRO A 265 -6.28 2.85 -44.65
N TYR A 266 -7.16 2.31 -45.51
CA TYR A 266 -7.13 0.90 -45.85
C TYR A 266 -7.56 0.65 -47.28
N GLY A 267 -6.96 -0.34 -47.91
CA GLY A 267 -7.38 -0.65 -49.25
C GLY A 267 -8.77 -1.23 -49.16
N LEU A 268 -9.59 -0.98 -50.17
CA LEU A 268 -10.93 -1.52 -50.20
C LEU A 268 -11.12 -2.14 -51.58
N ILE A 269 -11.04 -3.46 -51.65
CA ILE A 269 -11.18 -4.20 -52.89
C ILE A 269 -12.54 -4.89 -52.86
N GLU A 270 -13.36 -4.62 -53.87
CA GLU A 270 -14.71 -5.17 -53.93
C GLU A 270 -15.02 -5.73 -55.32
N ALA A 271 -15.85 -6.78 -55.39
CA ALA A 271 -16.20 -7.40 -56.66
C ALA A 271 -17.32 -8.41 -56.56
N THR A 272 -17.99 -8.66 -57.68
CA THR A 272 -19.08 -9.61 -57.77
C THR A 272 -18.64 -10.81 -58.59
N ILE A 273 -18.74 -12.00 -58.03
CA ILE A 273 -18.39 -13.22 -58.76
C ILE A 273 -19.72 -13.88 -59.07
N GLN A 274 -20.02 -14.11 -60.34
CA GLN A 274 -21.30 -14.68 -60.70
C GLN A 274 -21.27 -15.84 -61.69
N ARG A 275 -22.41 -16.51 -61.81
CA ARG A 275 -22.58 -17.63 -62.72
C ARG A 275 -22.79 -17.02 -64.11
N GLU A 276 -22.00 -17.46 -65.08
CA GLU A 276 -22.10 -16.94 -66.44
C GLU A 276 -23.52 -16.83 -66.97
N GLY A 277 -23.92 -15.61 -67.31
CA GLY A 277 -25.25 -15.40 -67.84
C GLY A 277 -26.29 -14.90 -66.85
N SER A 278 -26.06 -15.11 -65.56
CA SER A 278 -27.01 -14.67 -64.54
C SER A 278 -27.17 -13.16 -64.64
N ARG A 279 -28.27 -12.64 -64.10
CA ARG A 279 -28.55 -11.21 -64.15
C ARG A 279 -27.40 -10.29 -63.76
N ALA A 280 -27.43 -9.07 -64.28
CA ALA A 280 -26.40 -8.08 -64.04
C ALA A 280 -26.63 -7.12 -62.87
N ASP A 281 -27.85 -6.60 -62.73
CA ASP A 281 -28.13 -5.66 -61.64
C ASP A 281 -29.49 -5.87 -60.97
N HIS A 282 -29.62 -6.94 -60.20
CA HIS A 282 -30.86 -7.26 -59.48
C HIS A 282 -31.22 -6.07 -58.59
N PRO A 283 -32.51 -5.76 -58.47
CA PRO A 283 -32.96 -4.65 -57.64
C PRO A 283 -32.62 -4.81 -56.16
N ILE A 284 -32.47 -6.05 -55.70
CA ILE A 284 -32.17 -6.32 -54.30
C ILE A 284 -30.85 -5.73 -53.84
N TRP A 285 -29.97 -5.45 -54.80
CA TRP A 285 -28.69 -4.86 -54.46
C TRP A 285 -28.81 -3.36 -54.38
N SER A 286 -30.01 -2.85 -54.65
CA SER A 286 -30.25 -1.41 -54.63
C SER A 286 -30.70 -0.86 -53.27
N ASN A 287 -31.22 -1.73 -52.42
CA ASN A 287 -31.66 -1.32 -51.08
C ASN A 287 -32.65 -0.15 -51.07
N THR B 1 -5.06 30.76 -5.28
CA THR B 1 -3.75 31.28 -4.82
C THR B 1 -2.59 30.53 -5.47
N LYS B 2 -2.01 29.60 -4.74
CA LYS B 2 -0.88 28.82 -5.24
C LYS B 2 -1.30 27.55 -5.97
N VAL B 3 -1.10 27.56 -7.28
CA VAL B 3 -1.43 26.41 -8.11
C VAL B 3 -0.25 25.44 -8.11
N VAL B 4 -0.53 24.17 -7.82
CA VAL B 4 0.49 23.14 -7.77
C VAL B 4 0.18 22.04 -8.78
N LEU B 5 1.23 21.33 -9.21
CA LEU B 5 1.09 20.22 -10.15
C LEU B 5 0.99 18.93 -9.33
N GLY B 6 -0.12 18.21 -9.49
CA GLY B 6 -0.32 16.97 -8.75
C GLY B 6 0.08 15.72 -9.52
N GLN B 7 -0.66 14.63 -9.32
CA GLN B 7 -0.38 13.39 -10.00
C GLN B 7 -0.40 13.67 -11.50
N ASN B 8 0.50 13.02 -12.23
CA ASN B 8 0.58 13.20 -13.68
C ASN B 8 1.30 12.02 -14.33
N GLN B 9 0.98 11.78 -15.61
CA GLN B 9 1.59 10.71 -16.38
C GLN B 9 1.43 10.95 -17.88
N TYR B 10 2.34 10.41 -18.68
CA TYR B 10 2.30 10.58 -20.13
C TYR B 10 2.99 9.43 -20.86
N GLY B 11 2.63 9.24 -22.12
CA GLY B 11 3.22 8.18 -22.92
C GLY B 11 2.47 7.94 -24.22
N LYS B 12 2.72 6.81 -24.86
CA LYS B 12 2.02 6.52 -26.11
C LYS B 12 0.95 5.48 -25.84
N ALA B 13 -0.28 5.85 -26.18
CA ALA B 13 -1.42 4.99 -25.98
C ALA B 13 -1.83 4.28 -27.26
N GLU B 14 -2.30 3.05 -27.09
CA GLU B 14 -2.80 2.21 -28.17
C GLU B 14 -1.89 1.94 -29.36
N VAL B 15 -0.73 1.38 -29.05
CA VAL B 15 0.23 1.01 -30.08
C VAL B 15 -0.20 -0.42 -30.48
N ARG B 16 -0.71 -0.59 -31.70
CA ARG B 16 -1.16 -1.89 -32.18
C ARG B 16 0.02 -2.68 -32.71
N LEU B 17 0.28 -3.80 -32.05
CA LEU B 17 1.41 -4.62 -32.42
C LEU B 17 1.00 -6.04 -32.77
N VAL B 18 1.56 -6.55 -33.85
CA VAL B 18 1.29 -7.92 -34.24
C VAL B 18 2.64 -8.57 -34.35
N LYS B 19 2.87 -9.58 -33.53
CA LYS B 19 4.12 -10.32 -33.52
C LYS B 19 3.88 -11.69 -34.10
N VAL B 20 4.59 -12.00 -35.17
CA VAL B 20 4.48 -13.29 -35.80
C VAL B 20 5.69 -14.14 -35.45
N THR B 21 5.44 -15.38 -35.07
CA THR B 21 6.52 -16.29 -34.74
C THR B 21 6.57 -17.27 -35.90
N ARG B 22 7.71 -17.32 -36.58
CA ARG B 22 7.86 -18.18 -37.74
C ARG B 22 9.28 -18.75 -37.92
N ASN B 23 9.81 -19.42 -36.89
CA ASN B 23 11.13 -20.02 -37.02
C ASN B 23 10.91 -21.36 -37.70
N THR B 24 9.71 -21.92 -37.50
CA THR B 24 9.31 -23.17 -38.14
C THR B 24 8.15 -22.77 -39.04
N ALA B 25 7.67 -23.68 -39.88
CA ALA B 25 6.57 -23.35 -40.79
C ALA B 25 5.24 -23.18 -40.08
N ARG B 26 5.20 -23.60 -38.81
CA ARG B 26 4.01 -23.50 -37.98
C ARG B 26 3.98 -22.11 -37.33
N HIS B 27 3.38 -21.13 -38.00
CA HIS B 27 3.32 -19.76 -37.48
C HIS B 27 2.42 -19.53 -36.28
N GLU B 28 2.86 -18.64 -35.39
CA GLU B 28 2.12 -18.27 -34.20
C GLU B 28 1.78 -16.77 -34.26
N ILE B 29 0.65 -16.38 -33.70
CA ILE B 29 0.26 -14.98 -33.72
C ILE B 29 0.04 -14.39 -32.33
N GLN B 30 0.55 -13.18 -32.13
CA GLN B 30 0.36 -12.45 -30.89
C GLN B 30 -0.04 -11.06 -31.35
N ASP B 31 -1.26 -10.69 -31.01
CA ASP B 31 -1.87 -9.42 -31.41
C ASP B 31 -2.12 -8.60 -30.13
N LEU B 32 -1.53 -7.42 -30.04
CA LEU B 32 -1.68 -6.58 -28.85
C LEU B 32 -1.95 -5.11 -29.14
N ASN B 33 -2.59 -4.44 -28.19
CA ASN B 33 -2.88 -3.01 -28.27
C ASN B 33 -2.17 -2.48 -27.00
N VAL B 34 -0.95 -2.00 -27.18
CA VAL B 34 -0.10 -1.55 -26.08
C VAL B 34 -0.14 -0.07 -25.71
N THR B 35 -0.15 0.19 -24.41
CA THR B 35 -0.16 1.54 -23.89
C THR B 35 0.95 1.71 -22.86
N SER B 36 1.79 2.72 -23.06
CA SER B 36 2.90 3.01 -22.18
C SER B 36 2.85 4.44 -21.65
N GLN B 37 2.90 4.59 -20.34
CA GLN B 37 2.89 5.91 -19.72
C GLN B 37 3.90 5.93 -18.60
N LEU B 38 4.63 7.04 -18.48
CA LEU B 38 5.66 7.13 -17.46
C LEU B 38 5.28 8.08 -16.33
N ARG B 39 5.87 7.83 -15.17
CA ARG B 39 5.65 8.65 -13.99
C ARG B 39 7.00 8.98 -13.39
N GLY B 40 7.14 10.18 -12.87
CA GLY B 40 8.40 10.57 -12.27
C GLY B 40 8.42 12.07 -12.07
N ASP B 41 9.59 12.67 -12.21
CA ASP B 41 9.71 14.11 -12.03
C ASP B 41 9.58 14.85 -13.34
N PHE B 42 8.37 15.33 -13.62
CA PHE B 42 8.09 16.08 -14.84
C PHE B 42 7.58 17.47 -14.50
N GLU B 43 8.09 17.99 -13.39
CA GLU B 43 7.72 19.31 -12.87
C GLU B 43 8.06 20.42 -13.84
N ALA B 44 9.29 20.39 -14.36
CA ALA B 44 9.74 21.43 -15.30
C ALA B 44 9.02 21.38 -16.64
N ALA B 45 8.77 20.17 -17.14
CA ALA B 45 8.09 20.02 -18.42
C ALA B 45 6.71 20.67 -18.37
N HIS B 46 6.05 20.60 -17.23
CA HIS B 46 4.72 21.19 -17.08
C HIS B 46 4.69 22.70 -16.83
N THR B 47 5.56 23.18 -15.94
CA THR B 47 5.58 24.60 -15.60
C THR B 47 6.49 25.49 -16.46
N ALA B 48 7.56 24.92 -17.02
CA ALA B 48 8.47 25.72 -17.82
C ALA B 48 8.58 25.31 -19.28
N GLY B 49 8.01 24.16 -19.63
CA GLY B 49 8.10 23.71 -21.01
C GLY B 49 9.50 23.16 -21.30
N ASP B 50 10.21 22.80 -20.24
CA ASP B 50 11.56 22.25 -20.33
C ASP B 50 11.42 20.73 -20.49
N ASN B 51 11.67 20.24 -21.70
CA ASN B 51 11.52 18.82 -22.00
C ASN B 51 12.72 17.90 -21.85
N ALA B 52 13.74 18.32 -21.10
CA ALA B 52 14.92 17.50 -20.92
C ALA B 52 14.57 16.16 -20.30
N HIS B 53 13.48 16.12 -19.54
CA HIS B 53 13.02 14.90 -18.88
C HIS B 53 11.99 14.12 -19.71
N VAL B 54 11.53 14.73 -20.80
CA VAL B 54 10.50 14.08 -21.59
C VAL B 54 10.90 13.05 -22.63
N VAL B 55 10.98 11.79 -22.19
CA VAL B 55 11.29 10.69 -23.11
C VAL B 55 10.12 10.76 -24.09
N ALA B 56 10.40 11.05 -25.36
CA ALA B 56 9.35 11.19 -26.36
C ALA B 56 8.34 10.04 -26.39
N THR B 57 7.06 10.38 -26.57
CA THR B 57 6.05 9.33 -26.63
C THR B 57 6.36 8.54 -27.90
N ASP B 58 6.96 9.22 -28.87
CA ASP B 58 7.33 8.56 -30.12
C ASP B 58 8.42 7.52 -29.82
N THR B 59 9.31 7.86 -28.91
CA THR B 59 10.40 6.97 -28.53
C THR B 59 9.85 5.74 -27.81
N GLN B 60 8.85 5.96 -26.95
CA GLN B 60 8.22 4.86 -26.22
C GLN B 60 7.61 3.90 -27.25
N LYS B 61 6.94 4.47 -28.25
CA LYS B 61 6.33 3.67 -29.30
C LYS B 61 7.39 2.84 -29.98
N ASN B 62 8.54 3.46 -30.27
CA ASN B 62 9.63 2.74 -30.93
C ASN B 62 10.19 1.60 -30.07
N THR B 63 10.26 1.82 -28.75
CA THR B 63 10.78 0.80 -27.86
C THR B 63 9.87 -0.43 -27.84
N VAL B 64 8.57 -0.22 -28.01
CA VAL B 64 7.62 -1.33 -28.04
C VAL B 64 7.92 -2.27 -29.21
N TYR B 65 8.08 -1.71 -30.42
CA TYR B 65 8.35 -2.53 -31.60
C TYR B 65 9.74 -3.14 -31.56
N ALA B 66 10.71 -2.39 -31.07
CA ALA B 66 12.07 -2.88 -30.96
C ALA B 66 12.08 -4.11 -30.04
N PHE B 67 11.42 -3.99 -28.90
CA PHE B 67 11.39 -5.09 -27.94
C PHE B 67 10.63 -6.31 -28.46
N ALA B 68 9.55 -6.06 -29.21
CA ALA B 68 8.73 -7.13 -29.76
C ALA B 68 9.55 -8.09 -30.60
N ARG B 69 10.57 -7.53 -31.27
CA ARG B 69 11.47 -8.30 -32.12
C ARG B 69 12.02 -9.55 -31.43
N ASP B 70 12.42 -9.40 -30.16
CA ASP B 70 12.96 -10.50 -29.38
C ASP B 70 11.90 -11.50 -28.96
N GLY B 71 10.64 -11.10 -29.11
CA GLY B 71 9.55 -11.99 -28.74
C GLY B 71 9.27 -11.93 -27.25
N PHE B 72 8.13 -12.47 -26.84
CA PHE B 72 7.74 -12.50 -25.43
C PHE B 72 6.83 -13.71 -25.19
N ALA B 73 7.06 -14.37 -24.05
CA ALA B 73 6.28 -15.56 -23.71
C ALA B 73 4.83 -15.23 -23.44
N THR B 74 4.59 -14.15 -22.70
CA THR B 74 3.22 -13.75 -22.39
C THR B 74 3.08 -12.24 -22.45
N THR B 75 1.84 -11.76 -22.42
CA THR B 75 1.57 -10.34 -22.48
C THR B 75 2.14 -9.67 -21.22
N GLU B 76 1.90 -10.28 -20.06
CA GLU B 76 2.40 -9.75 -18.80
C GLU B 76 3.93 -9.65 -18.82
N GLU B 77 4.59 -10.66 -19.39
CA GLU B 77 6.05 -10.66 -19.47
C GLU B 77 6.54 -9.49 -20.32
N PHE B 78 5.86 -9.24 -21.44
CA PHE B 78 6.24 -8.17 -22.34
C PHE B 78 6.15 -6.82 -21.64
N LEU B 79 5.07 -6.61 -20.87
CA LEU B 79 4.88 -5.35 -20.17
C LEU B 79 5.91 -5.15 -19.05
N LEU B 80 6.24 -6.22 -18.34
CA LEU B 80 7.23 -6.14 -17.28
C LEU B 80 8.55 -5.68 -17.89
N ARG B 81 8.83 -6.15 -19.10
CA ARG B 81 10.07 -5.76 -19.75
C ARG B 81 10.09 -4.26 -20.08
N LEU B 82 8.98 -3.74 -20.61
CA LEU B 82 8.89 -2.32 -20.93
C LEU B 82 9.00 -1.47 -19.66
N GLY B 83 8.30 -1.88 -18.61
CA GLY B 83 8.33 -1.16 -17.36
C GLY B 83 9.73 -1.08 -16.77
N LYS B 84 10.40 -2.22 -16.71
CA LYS B 84 11.76 -2.27 -16.16
C LYS B 84 12.69 -1.38 -16.97
N HIS B 85 12.50 -1.34 -18.29
CA HIS B 85 13.35 -0.53 -19.13
C HIS B 85 13.28 0.98 -18.87
N PHE B 86 12.07 1.53 -18.75
CA PHE B 86 11.93 2.97 -18.54
C PHE B 86 12.24 3.44 -17.13
N THR B 87 11.84 2.67 -16.13
CA THR B 87 12.09 3.06 -14.76
C THR B 87 13.60 3.02 -14.49
N GLU B 88 14.23 1.92 -14.89
CA GLU B 88 15.66 1.75 -14.71
C GLU B 88 16.54 2.55 -15.68
N GLY B 89 16.00 2.88 -16.85
CA GLY B 89 16.79 3.60 -17.83
C GLY B 89 16.86 5.11 -17.66
N PHE B 90 16.01 5.65 -16.80
CA PHE B 90 15.98 7.09 -16.56
C PHE B 90 15.79 7.34 -15.06
N ASP B 91 16.64 8.18 -14.50
CA ASP B 91 16.61 8.48 -13.06
C ASP B 91 15.36 9.22 -12.60
N TRP B 92 14.86 10.12 -13.44
CA TRP B 92 13.67 10.91 -13.11
C TRP B 92 12.39 10.14 -13.35
N VAL B 93 12.51 8.97 -13.96
CA VAL B 93 11.34 8.13 -14.21
C VAL B 93 11.37 7.09 -13.10
N THR B 94 10.44 7.21 -12.15
CA THR B 94 10.39 6.31 -11.01
C THR B 94 9.29 5.25 -11.09
N GLY B 95 8.50 5.29 -12.15
CA GLY B 95 7.43 4.32 -12.30
C GLY B 95 6.65 4.54 -13.59
N GLY B 96 5.45 3.96 -13.64
CA GLY B 96 4.62 4.12 -14.81
C GLY B 96 3.48 3.12 -14.84
N ARG B 97 2.74 3.12 -15.95
CA ARG B 97 1.61 2.24 -16.14
C ARG B 97 1.63 1.74 -17.57
N TRP B 98 1.86 0.44 -17.72
CA TRP B 98 1.90 -0.20 -19.02
C TRP B 98 0.72 -1.16 -19.13
N ALA B 99 -0.13 -0.93 -20.13
CA ALA B 99 -1.29 -1.79 -20.31
C ALA B 99 -1.37 -2.35 -21.71
N ALA B 100 -2.26 -3.31 -21.88
CA ALA B 100 -2.42 -3.92 -23.18
C ALA B 100 -3.67 -4.76 -23.27
N GLN B 101 -4.18 -4.89 -24.49
CA GLN B 101 -5.33 -5.71 -24.78
C GLN B 101 -4.74 -6.80 -25.65
N GLN B 102 -5.10 -8.05 -25.37
CA GLN B 102 -4.59 -9.15 -26.16
C GLN B 102 -5.78 -9.70 -26.94
N PHE B 103 -5.64 -9.78 -28.26
CA PHE B 103 -6.70 -10.27 -29.11
C PHE B 103 -6.40 -11.71 -29.51
N PHE B 104 -7.41 -12.55 -29.53
CA PHE B 104 -7.21 -13.95 -29.85
C PHE B 104 -7.48 -14.36 -31.29
N TRP B 105 -6.66 -15.27 -31.80
CA TRP B 105 -6.79 -15.78 -33.16
C TRP B 105 -6.82 -17.31 -33.17
N ASP B 106 -7.63 -17.88 -34.06
CA ASP B 106 -7.71 -19.34 -34.18
C ASP B 106 -7.20 -19.70 -35.58
N ARG B 107 -6.63 -20.88 -35.73
CA ARG B 107 -6.16 -21.28 -37.06
C ARG B 107 -7.38 -21.64 -37.89
N ILE B 108 -7.31 -21.39 -39.19
CA ILE B 108 -8.41 -21.74 -40.09
C ILE B 108 -8.15 -23.20 -40.45
N ASN B 109 -8.99 -24.11 -39.95
CA ASN B 109 -8.82 -25.52 -40.22
C ASN B 109 -7.40 -26.03 -39.98
N ASP B 110 -6.84 -25.65 -38.84
CA ASP B 110 -5.49 -26.06 -38.46
C ASP B 110 -4.40 -25.69 -39.48
N HIS B 111 -4.64 -24.63 -40.26
CA HIS B 111 -3.66 -24.18 -41.24
C HIS B 111 -2.43 -23.68 -40.48
N ASP B 112 -1.27 -23.80 -41.11
CA ASP B 112 0.00 -23.36 -40.50
C ASP B 112 0.20 -21.85 -40.39
N HIS B 113 -0.39 -21.08 -41.31
CA HIS B 113 -0.21 -19.63 -41.27
C HIS B 113 -1.42 -18.82 -41.74
N ALA B 114 -2.61 -19.32 -41.47
CA ALA B 114 -3.83 -18.64 -41.87
C ALA B 114 -4.74 -18.70 -40.64
N PHE B 115 -5.30 -17.57 -40.25
CA PHE B 115 -6.11 -17.55 -39.05
C PHE B 115 -7.36 -16.70 -39.15
N SER B 116 -8.25 -16.88 -38.17
CA SER B 116 -9.48 -16.11 -38.06
C SER B 116 -9.53 -15.58 -36.63
N ARG B 117 -9.98 -14.35 -36.51
CA ARG B 117 -10.05 -13.65 -35.25
C ARG B 117 -11.21 -14.12 -34.35
N ASN B 118 -10.88 -14.50 -33.12
CA ASN B 118 -11.88 -14.93 -32.13
C ASN B 118 -12.21 -13.67 -31.33
N LYS B 119 -13.34 -13.06 -31.64
CA LYS B 119 -13.76 -11.82 -30.99
C LYS B 119 -14.68 -11.99 -29.78
N SER B 120 -14.88 -13.22 -29.33
CA SER B 120 -15.77 -13.47 -28.20
C SER B 120 -15.30 -12.92 -26.85
N GLU B 121 -14.01 -12.64 -26.73
CA GLU B 121 -13.48 -12.07 -25.49
C GLU B 121 -12.17 -11.33 -25.76
N VAL B 122 -11.85 -10.39 -24.90
CA VAL B 122 -10.61 -9.64 -25.03
C VAL B 122 -9.84 -9.75 -23.71
N ARG B 123 -8.58 -10.13 -23.80
CA ARG B 123 -7.75 -10.27 -22.62
C ARG B 123 -7.03 -8.97 -22.34
N THR B 124 -6.88 -8.64 -21.06
CA THR B 124 -6.21 -7.40 -20.66
C THR B 124 -5.14 -7.62 -19.61
N ALA B 125 -4.29 -6.61 -19.44
CA ALA B 125 -3.21 -6.66 -18.49
C ALA B 125 -2.73 -5.24 -18.27
N VAL B 126 -2.46 -4.90 -17.02
CA VAL B 126 -1.98 -3.57 -16.66
C VAL B 126 -0.86 -3.72 -15.64
N LEU B 127 0.31 -3.19 -15.96
CA LEU B 127 1.44 -3.22 -15.04
C LEU B 127 1.68 -1.84 -14.48
N GLU B 128 1.79 -1.76 -13.17
CA GLU B 128 2.08 -0.48 -12.56
C GLU B 128 3.32 -0.62 -11.69
N ILE B 129 4.32 0.20 -11.97
CA ILE B 129 5.54 0.15 -11.20
C ILE B 129 5.60 1.38 -10.31
N SER B 130 5.93 1.16 -9.04
CA SER B 130 6.05 2.22 -8.07
C SER B 130 7.37 1.93 -7.39
N GLY B 131 8.44 2.49 -7.93
CA GLY B 131 9.75 2.25 -7.39
C GLY B 131 10.10 0.77 -7.50
N SER B 132 10.20 0.11 -6.36
CA SER B 132 10.54 -1.29 -6.28
C SER B 132 9.36 -2.22 -6.56
N GLU B 133 8.15 -1.74 -6.28
CA GLU B 133 6.97 -2.54 -6.49
C GLU B 133 6.42 -2.56 -7.91
N GLN B 134 5.99 -3.74 -8.33
CA GLN B 134 5.39 -3.88 -9.64
C GLN B 134 4.12 -4.69 -9.45
N ALA B 135 2.99 -4.02 -9.64
CA ALA B 135 1.70 -4.65 -9.49
C ALA B 135 1.12 -5.01 -10.85
N ILE B 136 0.53 -6.19 -10.94
CA ILE B 136 -0.05 -6.64 -12.19
C ILE B 136 -1.51 -7.04 -12.02
N VAL B 137 -2.37 -6.44 -12.84
CA VAL B 137 -3.79 -6.79 -12.83
C VAL B 137 -4.13 -7.31 -14.21
N ALA B 138 -4.63 -8.54 -14.26
CA ALA B 138 -5.02 -9.17 -15.52
C ALA B 138 -6.53 -9.12 -15.54
N GLY B 139 -7.11 -9.30 -16.73
CA GLY B 139 -8.56 -9.26 -16.82
C GLY B 139 -9.14 -9.85 -18.08
N ILE B 140 -10.47 -9.80 -18.18
CA ILE B 140 -11.19 -10.30 -19.32
C ILE B 140 -12.37 -9.36 -19.51
N GLU B 141 -12.72 -9.08 -20.76
CA GLU B 141 -13.83 -8.21 -21.05
C GLU B 141 -14.47 -8.64 -22.36
N GLY B 142 -15.68 -8.14 -22.61
CA GLY B 142 -16.37 -8.48 -23.84
C GLY B 142 -16.94 -9.89 -23.93
N LEU B 143 -16.87 -10.64 -22.83
CA LEU B 143 -17.41 -12.01 -22.82
C LEU B 143 -18.88 -11.97 -22.38
N THR B 144 -19.77 -12.00 -23.36
CA THR B 144 -21.21 -11.96 -23.12
C THR B 144 -21.76 -13.36 -22.83
N VAL B 145 -22.57 -13.46 -21.77
CA VAL B 145 -23.17 -14.73 -21.37
C VAL B 145 -24.67 -14.55 -21.09
N LEU B 146 -25.40 -15.67 -21.12
CA LEU B 146 -26.83 -15.63 -20.88
C LEU B 146 -27.36 -16.99 -20.41
N LYS B 147 -28.30 -16.93 -19.46
CA LYS B 147 -28.95 -18.12 -18.92
C LYS B 147 -30.41 -17.91 -19.34
N SER B 148 -31.03 -18.92 -19.95
CA SER B 148 -32.41 -18.76 -20.37
C SER B 148 -33.38 -19.03 -19.24
N THR B 149 -32.87 -19.64 -18.17
CA THR B 149 -33.67 -19.94 -16.98
C THR B 149 -32.71 -20.19 -15.82
N GLY B 150 -33.23 -20.54 -14.65
CA GLY B 150 -32.35 -20.77 -13.53
C GLY B 150 -31.85 -19.45 -12.97
N SER B 151 -32.75 -18.47 -12.97
CA SER B 151 -32.46 -17.15 -12.47
C SER B 151 -33.75 -16.54 -11.97
N GLU B 152 -33.75 -16.05 -10.73
CA GLU B 152 -34.93 -15.42 -10.19
C GLU B 152 -34.58 -14.12 -9.45
N PHE B 153 -35.59 -13.32 -9.16
CA PHE B 153 -35.40 -12.07 -8.43
C PHE B 153 -36.68 -11.71 -7.71
N HIS B 154 -36.64 -11.79 -6.38
CA HIS B 154 -37.79 -11.48 -5.54
C HIS B 154 -37.34 -11.21 -4.10
N GLY B 155 -38.22 -10.60 -3.32
CA GLY B 155 -37.91 -10.28 -1.95
C GLY B 155 -37.31 -8.90 -1.75
N PHE B 156 -37.30 -8.09 -2.81
CA PHE B 156 -36.75 -6.74 -2.73
C PHE B 156 -37.75 -5.74 -2.16
N PRO B 157 -37.26 -4.65 -1.56
CA PRO B 157 -38.11 -3.61 -0.97
C PRO B 157 -39.07 -3.06 -2.01
N ARG B 158 -40.22 -2.58 -1.56
CA ARG B 158 -41.20 -2.00 -2.48
C ARG B 158 -41.67 -0.65 -1.95
N ASP B 159 -41.07 0.42 -2.45
CA ASP B 159 -41.45 1.77 -2.03
C ASP B 159 -42.44 2.29 -3.05
N LYS B 160 -42.81 3.56 -2.97
CA LYS B 160 -43.79 4.10 -3.91
C LYS B 160 -43.29 4.20 -5.35
N TYR B 161 -42.00 3.96 -5.54
CA TYR B 161 -41.41 4.03 -6.86
C TYR B 161 -41.15 2.65 -7.45
N THR B 162 -41.64 1.62 -6.77
CA THR B 162 -41.42 0.24 -7.20
C THR B 162 -42.59 -0.35 -8.00
N THR B 163 -42.29 -0.83 -9.21
CA THR B 163 -43.31 -1.44 -10.06
C THR B 163 -42.88 -2.85 -10.47
N LEU B 164 -41.58 -3.09 -10.43
CA LEU B 164 -41.00 -4.38 -10.81
C LEU B 164 -41.70 -5.59 -10.21
N GLN B 165 -42.07 -6.54 -11.06
CA GLN B 165 -42.73 -7.77 -10.60
C GLN B 165 -41.70 -8.82 -10.23
N GLU B 166 -41.92 -9.48 -9.10
CA GLU B 166 -40.99 -10.52 -8.68
C GLU B 166 -41.08 -11.65 -9.68
N THR B 167 -40.06 -12.49 -9.73
CA THR B 167 -40.06 -13.62 -10.64
C THR B 167 -39.14 -14.74 -10.14
N THR B 168 -39.48 -15.97 -10.52
CA THR B 168 -38.70 -17.13 -10.15
C THR B 168 -38.10 -17.73 -11.43
N ASP B 169 -38.39 -17.11 -12.56
CA ASP B 169 -37.87 -17.58 -13.85
C ASP B 169 -37.76 -16.42 -14.84
N ARG B 170 -36.53 -16.01 -15.14
CA ARG B 170 -36.30 -14.91 -16.07
C ARG B 170 -35.00 -15.21 -16.81
N ILE B 171 -34.59 -14.31 -17.70
CA ILE B 171 -33.33 -14.49 -18.40
C ILE B 171 -32.29 -13.65 -17.68
N LEU B 172 -31.07 -14.17 -17.58
CA LEU B 172 -29.99 -13.42 -16.94
C LEU B 172 -28.88 -13.33 -17.97
N ALA B 173 -28.61 -12.10 -18.43
CA ALA B 173 -27.56 -11.89 -19.40
C ALA B 173 -26.69 -10.71 -19.02
N THR B 174 -25.38 -10.86 -19.21
CA THR B 174 -24.44 -9.81 -18.88
C THR B 174 -23.15 -9.93 -19.68
N ASP B 175 -22.33 -8.89 -19.61
CA ASP B 175 -21.02 -8.87 -20.28
C ASP B 175 -20.00 -9.03 -19.16
N VAL B 176 -19.28 -10.14 -19.18
CA VAL B 176 -18.30 -10.42 -18.14
C VAL B 176 -17.04 -9.56 -18.22
N SER B 177 -16.98 -8.52 -17.40
CA SER B 177 -15.80 -7.66 -17.31
C SER B 177 -15.24 -7.93 -15.93
N ALA B 178 -14.15 -8.70 -15.89
CA ALA B 178 -13.51 -9.06 -14.64
C ALA B 178 -12.06 -8.65 -14.69
N ARG B 179 -11.54 -8.26 -13.53
CA ARG B 179 -10.15 -7.86 -13.41
C ARG B 179 -9.64 -8.32 -12.06
N TRP B 180 -8.46 -8.90 -12.06
CA TRP B 180 -7.89 -9.40 -10.82
C TRP B 180 -6.45 -8.98 -10.61
N ARG B 181 -6.13 -8.65 -9.36
CA ARG B 181 -4.79 -8.22 -8.98
C ARG B 181 -4.00 -9.36 -8.35
N TYR B 182 -2.83 -9.64 -8.93
CA TYR B 182 -1.95 -10.69 -8.44
C TYR B 182 -1.11 -10.14 -7.28
N ASN B 183 -0.88 -10.95 -6.25
CA ASN B 183 -0.06 -10.51 -5.11
C ASN B 183 1.42 -10.85 -5.32
N THR B 184 1.74 -11.46 -6.45
CA THR B 184 3.11 -11.83 -6.77
C THR B 184 3.29 -11.81 -8.28
N VAL B 185 4.49 -11.48 -8.76
CA VAL B 185 4.73 -11.44 -10.20
C VAL B 185 5.14 -12.81 -10.71
N GLU B 186 5.43 -13.74 -9.81
CA GLU B 186 5.80 -15.07 -10.26
C GLU B 186 4.51 -15.87 -10.40
N VAL B 187 3.90 -15.74 -11.58
CA VAL B 187 2.66 -16.41 -11.91
C VAL B 187 2.69 -17.00 -13.31
N ASP B 188 2.05 -18.16 -13.48
CA ASP B 188 1.96 -18.78 -14.80
C ASP B 188 0.76 -18.03 -15.40
N PHE B 189 1.03 -16.84 -15.92
CA PHE B 189 -0.01 -15.97 -16.45
C PHE B 189 -1.05 -16.57 -17.40
N ASP B 190 -0.60 -17.27 -18.44
CA ASP B 190 -1.54 -17.87 -19.38
C ASP B 190 -2.42 -18.94 -18.76
N ALA B 191 -1.82 -19.78 -17.92
CA ALA B 191 -2.59 -20.85 -17.29
C ALA B 191 -3.59 -20.28 -16.30
N VAL B 192 -3.19 -19.26 -15.57
CA VAL B 192 -4.09 -18.66 -14.58
C VAL B 192 -5.25 -17.96 -15.28
N TYR B 193 -4.95 -17.31 -16.39
CA TYR B 193 -6.01 -16.62 -17.15
C TYR B 193 -7.05 -17.63 -17.64
N ALA B 194 -6.58 -18.74 -18.22
CA ALA B 194 -7.49 -19.78 -18.73
C ALA B 194 -8.31 -20.35 -17.58
N SER B 195 -7.66 -20.55 -16.43
CA SER B 195 -8.35 -21.10 -15.27
C SER B 195 -9.42 -20.14 -14.76
N VAL B 196 -9.04 -18.87 -14.57
CA VAL B 196 -9.99 -17.87 -14.09
C VAL B 196 -11.20 -17.76 -15.01
N ARG B 197 -10.93 -17.70 -16.30
CA ARG B 197 -12.00 -17.62 -17.29
C ARG B 197 -12.97 -18.80 -17.11
N GLY B 198 -12.42 -19.99 -16.92
CA GLY B 198 -13.26 -21.17 -16.74
C GLY B 198 -14.07 -21.14 -15.47
N LEU B 199 -13.47 -20.64 -14.39
CA LEU B 199 -14.17 -20.56 -13.11
C LEU B 199 -15.29 -19.56 -13.23
N LEU B 200 -15.03 -18.43 -13.88
CA LEU B 200 -16.05 -17.41 -14.04
C LEU B 200 -17.28 -17.95 -14.80
N LEU B 201 -17.04 -18.60 -15.94
CA LEU B 201 -18.14 -19.16 -16.74
C LEU B 201 -18.91 -20.25 -15.97
N LYS B 202 -18.16 -21.17 -15.38
CA LYS B 202 -18.76 -22.27 -14.63
C LYS B 202 -19.69 -21.75 -13.55
N ALA B 203 -19.19 -20.83 -12.74
CA ALA B 203 -19.96 -20.24 -11.64
C ALA B 203 -21.21 -19.53 -12.14
N PHE B 204 -21.09 -18.79 -13.24
CA PHE B 204 -22.24 -18.08 -13.78
C PHE B 204 -23.32 -19.04 -14.25
N ALA B 205 -22.89 -20.09 -14.96
CA ALA B 205 -23.81 -21.07 -15.52
C ALA B 205 -24.41 -22.07 -14.52
N GLU B 206 -23.62 -22.51 -13.55
CA GLU B 206 -24.09 -23.50 -12.59
C GLU B 206 -24.72 -22.94 -11.33
N THR B 207 -24.61 -21.64 -11.11
CA THR B 207 -25.22 -21.06 -9.92
C THR B 207 -26.68 -20.74 -10.20
N HIS B 208 -27.56 -21.26 -9.36
CA HIS B 208 -28.98 -20.97 -9.49
C HIS B 208 -29.05 -19.55 -8.92
N SER B 209 -29.27 -18.58 -9.78
CA SER B 209 -29.26 -17.18 -9.36
C SER B 209 -30.50 -16.62 -8.68
N LEU B 210 -30.27 -16.00 -7.52
CA LEU B 210 -31.34 -15.35 -6.77
C LEU B 210 -31.20 -13.85 -7.04
N ALA B 211 -30.08 -13.46 -7.64
CA ALA B 211 -29.77 -12.07 -8.00
C ALA B 211 -28.42 -12.02 -8.72
N LEU B 212 -28.19 -10.97 -9.51
CA LEU B 212 -26.93 -10.84 -10.22
C LEU B 212 -25.81 -10.69 -9.20
N GLN B 213 -26.14 -10.14 -8.03
CA GLN B 213 -25.14 -9.96 -6.98
C GLN B 213 -24.66 -11.29 -6.42
N GLN B 214 -25.57 -12.26 -6.30
CA GLN B 214 -25.19 -13.56 -5.77
C GLN B 214 -24.35 -14.33 -6.77
N THR B 215 -24.69 -14.21 -8.05
CA THR B 215 -23.95 -14.89 -9.11
C THR B 215 -22.52 -14.37 -9.13
N MET B 216 -22.38 -13.05 -9.14
CA MET B 216 -21.08 -12.40 -9.16
C MET B 216 -20.24 -12.82 -7.96
N TYR B 217 -20.86 -12.86 -6.79
CA TYR B 217 -20.15 -13.27 -5.58
C TYR B 217 -19.61 -14.68 -5.75
N GLU B 218 -20.45 -15.60 -6.24
CA GLU B 218 -20.03 -16.98 -6.43
C GLU B 218 -18.92 -17.07 -7.47
N MET B 219 -18.98 -16.20 -8.47
CA MET B 219 -17.95 -16.16 -9.50
C MET B 219 -16.62 -15.73 -8.90
N GLY B 220 -16.65 -14.65 -8.11
CA GLY B 220 -15.44 -14.16 -7.49
C GLY B 220 -14.90 -15.12 -6.44
N ARG B 221 -15.79 -15.68 -5.64
CA ARG B 221 -15.37 -16.60 -4.59
C ARG B 221 -14.61 -17.78 -5.17
N ALA B 222 -15.12 -18.32 -6.28
CA ALA B 222 -14.46 -19.45 -6.92
C ALA B 222 -13.03 -19.11 -7.32
N VAL B 223 -12.81 -17.90 -7.81
CA VAL B 223 -11.47 -17.50 -8.23
C VAL B 223 -10.53 -17.33 -7.04
N ILE B 224 -10.98 -16.59 -6.03
CA ILE B 224 -10.15 -16.35 -4.85
C ILE B 224 -9.75 -17.64 -4.14
N GLU B 225 -10.66 -18.60 -4.09
CA GLU B 225 -10.41 -19.86 -3.42
C GLU B 225 -9.44 -20.76 -4.14
N THR B 226 -9.44 -20.70 -5.48
CA THR B 226 -8.58 -21.53 -6.31
C THR B 226 -7.16 -21.00 -6.51
N HIS B 227 -7.03 -19.68 -6.67
CA HIS B 227 -5.71 -19.08 -6.88
C HIS B 227 -5.17 -18.22 -5.75
N PRO B 228 -4.21 -18.75 -4.98
CA PRO B 228 -3.58 -18.06 -3.86
C PRO B 228 -2.80 -16.80 -4.28
N GLU B 229 -2.39 -16.76 -5.54
CA GLU B 229 -1.64 -15.61 -6.05
C GLU B 229 -2.55 -14.44 -6.38
N ILE B 230 -3.85 -14.61 -6.18
CA ILE B 230 -4.80 -13.54 -6.45
C ILE B 230 -5.37 -12.98 -5.15
N ASP B 231 -5.21 -11.67 -4.93
CA ASP B 231 -5.69 -11.01 -3.72
C ASP B 231 -7.14 -10.55 -3.80
N GLU B 232 -7.53 -10.07 -4.99
CA GLU B 232 -8.88 -9.57 -5.20
C GLU B 232 -9.27 -9.64 -6.67
N ILE B 233 -10.57 -9.69 -6.92
CA ILE B 233 -11.06 -9.73 -8.29
C ILE B 233 -12.26 -8.82 -8.36
N LYS B 234 -12.20 -7.85 -9.26
CA LYS B 234 -13.31 -6.92 -9.42
C LYS B 234 -14.10 -7.24 -10.68
N MET B 235 -15.40 -7.07 -10.60
CA MET B 235 -16.28 -7.33 -11.72
C MET B 235 -17.30 -6.22 -11.89
N SER B 236 -17.60 -5.91 -13.15
CA SER B 236 -18.58 -4.90 -13.48
C SER B 236 -19.51 -5.64 -14.43
N LEU B 237 -20.69 -6.01 -13.93
CA LEU B 237 -21.64 -6.79 -14.73
C LEU B 237 -22.94 -6.08 -15.03
N PRO B 238 -23.15 -5.74 -16.30
CA PRO B 238 -24.41 -5.07 -16.62
C PRO B 238 -25.51 -6.12 -16.68
N ASN B 239 -26.73 -5.73 -16.33
CA ASN B 239 -27.84 -6.65 -16.39
C ASN B 239 -28.51 -6.32 -17.72
N LYS B 240 -28.08 -6.98 -18.79
CA LYS B 240 -28.64 -6.72 -20.12
C LYS B 240 -30.07 -7.25 -20.10
N HIS B 241 -31.02 -6.33 -19.94
CA HIS B 241 -32.42 -6.70 -19.84
C HIS B 241 -33.09 -7.27 -21.08
N HIS B 242 -33.65 -8.46 -20.90
CA HIS B 242 -34.40 -9.16 -21.93
C HIS B 242 -35.82 -9.23 -21.38
N PHE B 243 -36.66 -8.33 -21.88
CA PHE B 243 -38.05 -8.24 -21.44
C PHE B 243 -38.97 -9.24 -22.14
N LEU B 244 -39.73 -10.01 -21.36
CA LEU B 244 -40.66 -10.99 -21.92
C LEU B 244 -41.78 -10.17 -22.56
N VAL B 245 -41.87 -10.19 -23.89
CA VAL B 245 -42.89 -9.39 -24.57
C VAL B 245 -44.33 -9.81 -24.25
N ASP B 246 -45.20 -8.80 -24.04
CA ASP B 246 -46.60 -9.06 -23.74
C ASP B 246 -47.32 -9.33 -25.07
N LEU B 247 -47.65 -10.61 -25.30
CA LEU B 247 -48.32 -10.99 -26.54
C LEU B 247 -49.81 -11.23 -26.37
N GLN B 248 -50.30 -11.01 -25.16
CA GLN B 248 -51.71 -11.23 -24.89
C GLN B 248 -52.58 -10.35 -25.77
N PRO B 249 -52.20 -9.07 -25.97
CA PRO B 249 -53.02 -8.19 -26.82
C PRO B 249 -53.18 -8.76 -28.23
N PHE B 250 -52.35 -9.75 -28.56
CA PHE B 250 -52.39 -10.37 -29.88
C PHE B 250 -53.09 -11.72 -29.76
N GLY B 251 -53.57 -12.03 -28.56
CA GLY B 251 -54.28 -13.27 -28.33
C GLY B 251 -53.38 -14.47 -28.11
N GLN B 252 -52.15 -14.22 -27.70
CA GLN B 252 -51.19 -15.31 -27.47
C GLN B 252 -50.51 -15.18 -26.11
N ASP B 253 -50.08 -16.31 -25.57
CA ASP B 253 -49.36 -16.28 -24.31
C ASP B 253 -47.88 -16.29 -24.64
N ASN B 254 -47.03 -16.17 -23.63
CA ASN B 254 -45.59 -16.14 -23.85
C ASN B 254 -44.90 -16.89 -22.73
N PRO B 255 -44.79 -18.22 -22.86
CA PRO B 255 -44.14 -19.02 -21.81
C PRO B 255 -42.63 -18.91 -21.79
N ASN B 256 -42.14 -17.72 -21.45
CA ASN B 256 -40.71 -17.45 -21.37
C ASN B 256 -39.99 -17.80 -22.67
N GLU B 257 -40.56 -17.38 -23.80
CA GLU B 257 -39.95 -17.67 -25.10
C GLU B 257 -39.59 -16.46 -25.95
N VAL B 258 -40.49 -15.50 -26.06
CA VAL B 258 -40.21 -14.32 -26.88
C VAL B 258 -39.73 -13.13 -26.06
N PHE B 259 -38.53 -12.66 -26.35
CA PHE B 259 -37.96 -11.53 -25.62
C PHE B 259 -37.48 -10.37 -26.46
N TYR B 260 -37.49 -9.20 -25.83
CA TYR B 260 -37.02 -7.96 -26.41
C TYR B 260 -35.75 -7.63 -25.64
N ALA B 261 -34.62 -7.56 -26.34
CA ALA B 261 -33.33 -7.26 -25.70
C ALA B 261 -33.07 -5.75 -25.77
N ALA B 262 -33.32 -5.05 -24.67
CA ALA B 262 -33.14 -3.60 -24.59
C ALA B 262 -31.69 -3.15 -24.48
N ASP B 263 -31.36 -2.05 -25.14
CA ASP B 263 -30.02 -1.50 -25.11
C ASP B 263 -29.80 -0.78 -23.79
N ARG B 264 -30.57 0.29 -23.59
CA ARG B 264 -30.46 1.07 -22.37
C ARG B 264 -31.87 1.37 -21.88
N PRO B 265 -32.04 1.56 -20.56
CA PRO B 265 -30.97 1.49 -19.56
C PRO B 265 -30.66 0.04 -19.17
N TYR B 266 -29.68 -0.15 -18.30
CA TYR B 266 -29.32 -1.49 -17.86
C TYR B 266 -28.83 -1.45 -16.42
N GLY B 267 -29.04 -2.56 -15.71
CA GLY B 267 -28.58 -2.63 -14.35
C GLY B 267 -27.06 -2.75 -14.42
N LEU B 268 -26.39 -2.24 -13.41
CA LEU B 268 -24.94 -2.31 -13.35
C LEU B 268 -24.55 -2.72 -11.95
N ILE B 269 -24.27 -4.00 -11.80
CA ILE B 269 -23.89 -4.59 -10.54
C ILE B 269 -22.37 -4.70 -10.53
N GLU B 270 -21.74 -4.14 -9.49
CA GLU B 270 -20.28 -4.16 -9.39
C GLU B 270 -19.83 -4.53 -7.99
N ALA B 271 -18.74 -5.28 -7.90
CA ALA B 271 -18.23 -5.68 -6.59
C ALA B 271 -16.79 -6.18 -6.66
N THR B 272 -16.16 -6.20 -5.49
CA THR B 272 -14.80 -6.67 -5.35
C THR B 272 -14.89 -7.88 -4.42
N ILE B 273 -14.33 -9.01 -4.85
CA ILE B 273 -14.34 -10.21 -4.02
C ILE B 273 -12.87 -10.40 -3.71
N GLN B 274 -12.54 -10.70 -2.45
CA GLN B 274 -11.13 -10.82 -2.11
C GLN B 274 -10.75 -11.66 -0.91
N ARG B 275 -9.44 -11.80 -0.75
CA ARG B 275 -8.84 -12.54 0.34
C ARG B 275 -8.98 -11.62 1.55
N GLU B 276 -9.54 -12.15 2.64
CA GLU B 276 -9.72 -11.35 3.84
C GLU B 276 -8.42 -10.65 4.25
N GLY B 277 -8.52 -9.37 4.61
CA GLY B 277 -7.36 -8.62 5.04
C GLY B 277 -6.38 -8.16 3.99
N SER B 278 -6.70 -8.35 2.71
CA SER B 278 -5.79 -7.93 1.64
C SER B 278 -5.93 -6.44 1.38
N ARG B 279 -5.00 -5.88 0.61
CA ARG B 279 -5.03 -4.46 0.31
C ARG B 279 -6.06 -4.11 -0.76
N ALA B 280 -7.30 -3.90 -0.34
CA ALA B 280 -8.35 -3.55 -1.27
C ALA B 280 -8.32 -2.04 -1.55
N ASP B 281 -7.13 -1.44 -1.48
CA ASP B 281 -6.98 -0.02 -1.71
C ASP B 281 -5.84 0.30 -2.66
N HIS B 282 -5.22 -0.73 -3.23
CA HIS B 282 -4.10 -0.54 -4.15
C HIS B 282 -4.32 0.59 -5.16
N PRO B 283 -3.29 1.41 -5.39
CA PRO B 283 -3.32 2.54 -6.32
C PRO B 283 -3.64 2.17 -7.78
N ILE B 284 -3.20 0.99 -8.20
CA ILE B 284 -3.43 0.53 -9.56
C ILE B 284 -4.89 0.63 -9.98
N TRP B 285 -5.80 0.57 -9.01
CA TRP B 285 -7.22 0.66 -9.31
C TRP B 285 -7.64 2.10 -9.56
N SER B 286 -6.68 3.02 -9.52
CA SER B 286 -6.95 4.43 -9.75
C SER B 286 -6.77 4.78 -11.21
N ASN B 287 -5.93 4.02 -11.90
CA ASN B 287 -5.66 4.25 -13.33
C ASN B 287 -5.00 5.61 -13.59
N THR C 1 -8.70 -19.22 1.45
CA THR C 1 -9.58 -19.83 2.49
C THR C 1 -10.71 -18.87 2.87
N LYS C 2 -10.36 -17.76 3.51
CA LYS C 2 -11.34 -16.77 3.96
C LYS C 2 -11.66 -15.73 2.87
N VAL C 3 -12.82 -15.89 2.23
CA VAL C 3 -13.25 -14.98 1.18
C VAL C 3 -14.16 -13.90 1.76
N VAL C 4 -13.98 -12.67 1.29
CA VAL C 4 -14.76 -11.54 1.78
C VAL C 4 -15.26 -10.61 0.69
N LEU C 5 -16.44 -10.03 0.90
CA LEU C 5 -17.03 -9.10 -0.05
C LEU C 5 -16.43 -7.73 0.26
N GLY C 6 -15.74 -7.16 -0.72
CA GLY C 6 -15.14 -5.85 -0.52
C GLY C 6 -16.05 -4.74 -1.00
N GLN C 7 -15.47 -3.65 -1.49
CA GLN C 7 -16.26 -2.54 -1.98
C GLN C 7 -17.26 -3.00 -3.03
N ASN C 8 -18.44 -2.39 -3.04
CA ASN C 8 -19.46 -2.74 -4.01
C ASN C 8 -20.50 -1.64 -4.19
N GLN C 9 -21.15 -1.65 -5.35
CA GLN C 9 -22.19 -0.68 -5.68
C GLN C 9 -23.04 -1.25 -6.81
N TYR C 10 -24.28 -0.75 -6.94
CA TYR C 10 -25.16 -1.25 -7.98
C TYR C 10 -26.35 -0.30 -8.24
N GLY C 11 -26.85 -0.31 -9.47
CA GLY C 11 -27.98 0.55 -9.78
C GLY C 11 -28.34 0.51 -11.24
N LYS C 12 -29.01 1.56 -11.72
CA LYS C 12 -29.39 1.60 -13.12
C LYS C 12 -28.50 2.61 -13.84
N ALA C 13 -27.80 2.14 -14.86
CA ALA C 13 -26.91 2.99 -15.62
C ALA C 13 -27.56 3.42 -16.92
N GLU C 14 -27.17 4.60 -17.39
CA GLU C 14 -27.65 5.19 -18.65
C GLU C 14 -29.16 5.24 -18.88
N VAL C 15 -29.84 6.00 -18.03
CA VAL C 15 -31.27 6.21 -18.12
C VAL C 15 -31.44 7.48 -18.94
N ARG C 16 -31.89 7.34 -20.19
CA ARG C 16 -32.05 8.48 -21.08
C ARG C 16 -33.28 9.30 -20.78
N LEU C 17 -33.05 10.54 -20.38
CA LEU C 17 -34.12 11.43 -19.99
C LEU C 17 -34.20 12.72 -20.80
N VAL C 18 -35.43 13.07 -21.13
CA VAL C 18 -35.72 14.29 -21.87
C VAL C 18 -36.88 14.93 -21.13
N LYS C 19 -36.65 16.13 -20.61
CA LYS C 19 -37.67 16.86 -19.88
C LYS C 19 -38.01 18.13 -20.64
N VAL C 20 -39.27 18.24 -21.04
CA VAL C 20 -39.70 19.42 -21.76
C VAL C 20 -40.43 20.37 -20.82
N THR C 21 -40.04 21.63 -20.88
CA THR C 21 -40.68 22.64 -20.06
C THR C 21 -41.61 23.34 -21.03
N ARG C 22 -42.90 23.11 -20.87
CA ARG C 22 -43.87 23.74 -21.76
C ARG C 22 -45.01 24.47 -21.03
N ASN C 23 -44.68 25.18 -19.97
CA ASN C 23 -45.69 25.94 -19.24
C ASN C 23 -46.11 27.13 -20.11
N THR C 24 -45.15 27.70 -20.83
CA THR C 24 -45.45 28.79 -21.75
C THR C 24 -45.27 28.16 -23.13
N ALA C 25 -45.48 28.94 -24.19
CA ALA C 25 -45.34 28.41 -25.55
C ALA C 25 -43.87 28.28 -25.95
N ARG C 26 -43.00 28.90 -25.16
CA ARG C 26 -41.56 28.87 -25.40
C ARG C 26 -41.01 27.62 -24.72
N HIS C 27 -41.01 26.51 -25.42
CA HIS C 27 -40.54 25.26 -24.85
C HIS C 27 -39.05 25.23 -24.49
N GLU C 28 -38.73 24.48 -23.45
CA GLU C 28 -37.35 24.32 -23.01
C GLU C 28 -37.05 22.83 -23.05
N ILE C 29 -35.80 22.48 -23.35
CA ILE C 29 -35.40 21.08 -23.41
C ILE C 29 -34.22 20.77 -22.49
N GLN C 30 -34.35 19.67 -21.75
CA GLN C 30 -33.28 19.20 -20.87
C GLN C 30 -33.09 17.75 -21.24
N ASP C 31 -31.86 17.40 -21.60
CA ASP C 31 -31.54 16.04 -22.03
C ASP C 31 -30.39 15.47 -21.23
N LEU C 32 -30.63 14.35 -20.55
CA LEU C 32 -29.60 13.72 -19.74
C LEU C 32 -29.50 12.22 -19.92
N ASN C 33 -28.32 11.68 -19.60
CA ASN C 33 -28.04 10.25 -19.61
C ASN C 33 -27.64 10.06 -18.15
N VAL C 34 -28.56 9.53 -17.35
CA VAL C 34 -28.35 9.37 -15.91
C VAL C 34 -28.02 7.98 -15.38
N THR C 35 -27.08 7.93 -14.44
CA THR C 35 -26.70 6.67 -13.82
C THR C 35 -26.81 6.77 -12.30
N SER C 36 -27.51 5.80 -11.71
CA SER C 36 -27.71 5.76 -10.27
C SER C 36 -27.20 4.44 -9.69
N GLN C 37 -26.34 4.54 -8.69
CA GLN C 37 -25.78 3.37 -8.02
C GLN C 37 -25.73 3.63 -6.52
N LEU C 38 -26.09 2.62 -5.74
CA LEU C 38 -26.12 2.74 -4.29
C LEU C 38 -24.99 2.03 -3.57
N ARG C 39 -24.60 2.58 -2.43
CA ARG C 39 -23.55 2.01 -1.59
C ARG C 39 -24.09 1.85 -0.18
N GLY C 40 -23.78 0.72 0.44
CA GLY C 40 -24.25 0.48 1.79
C GLY C 40 -24.03 -0.95 2.21
N ASP C 41 -24.94 -1.46 3.04
CA ASP C 41 -24.84 -2.82 3.52
C ASP C 41 -25.60 -3.79 2.61
N PHE C 42 -24.88 -4.43 1.70
CA PHE C 42 -25.51 -5.39 0.80
C PHE C 42 -24.85 -6.75 0.92
N GLU C 43 -24.30 -7.00 2.10
CA GLU C 43 -23.62 -8.25 2.44
C GLU C 43 -24.43 -9.51 2.15
N ALA C 44 -25.66 -9.54 2.68
CA ALA C 44 -26.54 -10.69 2.50
C ALA C 44 -27.03 -10.89 1.06
N ALA C 45 -27.20 -9.80 0.33
CA ALA C 45 -27.65 -9.89 -1.06
C ALA C 45 -26.62 -10.69 -1.87
N HIS C 46 -25.33 -10.40 -1.65
CA HIS C 46 -24.27 -11.10 -2.38
C HIS C 46 -23.97 -12.52 -1.89
N THR C 47 -23.93 -12.67 -0.58
CA THR C 47 -23.59 -13.96 0.05
C THR C 47 -24.71 -14.98 0.24
N ALA C 48 -25.96 -14.54 0.26
CA ALA C 48 -27.06 -15.46 0.48
C ALA C 48 -28.24 -15.34 -0.47
N GLY C 49 -28.26 -14.30 -1.28
CA GLY C 49 -29.37 -14.13 -2.20
C GLY C 49 -30.56 -13.47 -1.53
N ASP C 50 -30.34 -12.94 -0.33
CA ASP C 50 -31.39 -12.26 0.42
C ASP C 50 -31.46 -10.84 -0.14
N ASN C 51 -32.54 -10.51 -0.82
CA ASN C 51 -32.69 -9.19 -1.43
C ASN C 51 -33.43 -8.13 -0.65
N ALA C 52 -33.65 -8.36 0.63
CA ALA C 52 -34.36 -7.41 1.49
C ALA C 52 -33.78 -5.99 1.40
N HIS C 53 -32.47 -5.89 1.24
CA HIS C 53 -31.82 -4.57 1.17
C HIS C 53 -31.70 -4.03 -0.24
N VAL C 54 -32.01 -4.86 -1.22
CA VAL C 54 -31.87 -4.45 -2.61
C VAL C 54 -32.97 -3.60 -3.23
N VAL C 55 -32.81 -2.29 -3.16
CA VAL C 55 -33.76 -1.36 -3.77
C VAL C 55 -33.54 -1.63 -5.26
N ALA C 56 -34.53 -2.20 -5.93
CA ALA C 56 -34.42 -2.54 -7.35
C ALA C 56 -33.83 -1.43 -8.25
N THR C 57 -32.97 -1.84 -9.18
CA THR C 57 -32.39 -0.88 -10.12
C THR C 57 -33.55 -0.28 -10.93
N ASP C 58 -34.56 -1.10 -11.21
CA ASP C 58 -35.72 -0.64 -11.97
C ASP C 58 -36.37 0.51 -11.20
N THR C 59 -36.41 0.35 -9.88
CA THR C 59 -36.99 1.36 -8.98
C THR C 59 -36.17 2.64 -9.02
N GLN C 60 -34.85 2.51 -9.11
CA GLN C 60 -33.98 3.67 -9.17
C GLN C 60 -34.26 4.42 -10.49
N LYS C 61 -34.51 3.66 -11.55
CA LYS C 61 -34.85 4.26 -12.84
C LYS C 61 -36.17 5.00 -12.70
N ASN C 62 -37.14 4.34 -12.06
CA ASN C 62 -38.46 4.93 -11.85
C ASN C 62 -38.38 6.25 -11.10
N THR C 63 -37.47 6.31 -10.11
CA THR C 63 -37.30 7.52 -9.31
C THR C 63 -36.77 8.69 -10.13
N VAL C 64 -35.88 8.39 -11.08
CA VAL C 64 -35.31 9.41 -11.95
C VAL C 64 -36.40 10.15 -12.74
N TYR C 65 -37.31 9.37 -13.34
CA TYR C 65 -38.39 9.94 -14.13
C TYR C 65 -39.42 10.64 -13.26
N ALA C 66 -39.69 10.09 -12.08
CA ALA C 66 -40.63 10.71 -11.16
C ALA C 66 -40.12 12.08 -10.73
N PHE C 67 -38.87 12.15 -10.27
CA PHE C 67 -38.29 13.42 -9.85
C PHE C 67 -38.20 14.40 -11.02
N ALA C 68 -37.93 13.90 -12.22
CA ALA C 68 -37.83 14.77 -13.39
C ALA C 68 -39.13 15.54 -13.60
N ARG C 69 -40.25 14.88 -13.28
CA ARG C 69 -41.57 15.48 -13.44
C ARG C 69 -41.68 16.84 -12.75
N ASP C 70 -40.90 17.03 -11.69
CA ASP C 70 -40.93 18.30 -10.95
C ASP C 70 -39.95 19.29 -11.54
N GLY C 71 -39.19 18.86 -12.54
CA GLY C 71 -38.21 19.75 -13.15
C GLY C 71 -37.02 19.96 -12.23
N PHE C 72 -35.93 20.47 -12.80
CA PHE C 72 -34.71 20.73 -12.04
C PHE C 72 -34.04 21.93 -12.66
N ALA C 73 -33.34 22.72 -11.86
CA ALA C 73 -32.66 23.92 -12.36
C ALA C 73 -31.41 23.57 -13.14
N THR C 74 -30.58 22.69 -12.58
CA THR C 74 -29.34 22.26 -13.24
C THR C 74 -29.15 20.76 -13.10
N THR C 75 -28.13 20.22 -13.76
CA THR C 75 -27.86 18.79 -13.69
C THR C 75 -27.42 18.42 -12.28
N GLU C 76 -26.55 19.25 -11.69
CA GLU C 76 -26.07 18.97 -10.35
C GLU C 76 -27.23 18.95 -9.36
N GLU C 77 -28.16 19.88 -9.51
CA GLU C 77 -29.31 19.91 -8.61
C GLU C 77 -30.04 18.58 -8.63
N PHE C 78 -30.39 18.13 -9.83
CA PHE C 78 -31.09 16.86 -10.03
C PHE C 78 -30.33 15.72 -9.35
N LEU C 79 -29.03 15.67 -9.57
CA LEU C 79 -28.22 14.62 -8.96
C LEU C 79 -28.26 14.73 -7.44
N LEU C 80 -28.16 15.96 -6.93
CA LEU C 80 -28.20 16.19 -5.49
C LEU C 80 -29.49 15.65 -4.89
N ARG C 81 -30.60 15.82 -5.59
CA ARG C 81 -31.90 15.34 -5.10
C ARG C 81 -31.94 13.82 -5.02
N LEU C 82 -31.52 13.16 -6.11
CA LEU C 82 -31.51 11.70 -6.16
C LEU C 82 -30.62 11.13 -5.05
N GLY C 83 -29.48 11.76 -4.82
CA GLY C 83 -28.57 11.28 -3.79
C GLY C 83 -29.15 11.33 -2.38
N LYS C 84 -29.75 12.46 -2.03
CA LYS C 84 -30.34 12.63 -0.70
C LYS C 84 -31.53 11.70 -0.52
N HIS C 85 -32.35 11.57 -1.55
CA HIS C 85 -33.51 10.70 -1.49
C HIS C 85 -33.11 9.26 -1.13
N PHE C 86 -32.13 8.71 -1.82
CA PHE C 86 -31.72 7.33 -1.57
C PHE C 86 -30.96 7.12 -0.27
N THR C 87 -30.03 8.01 0.05
CA THR C 87 -29.28 7.87 1.29
C THR C 87 -30.21 8.01 2.50
N GLU C 88 -31.08 9.01 2.49
CA GLU C 88 -31.99 9.23 3.61
C GLU C 88 -33.18 8.29 3.62
N GLY C 89 -33.58 7.82 2.43
CA GLY C 89 -34.73 6.94 2.34
C GLY C 89 -34.52 5.53 2.86
N PHE C 90 -33.28 5.07 2.92
CA PHE C 90 -32.99 3.72 3.38
C PHE C 90 -31.83 3.70 4.38
N ASP C 91 -32.00 2.99 5.49
CA ASP C 91 -30.96 2.92 6.52
C ASP C 91 -29.70 2.25 6.00
N TRP C 92 -29.83 1.09 5.37
CA TRP C 92 -28.67 0.36 4.87
C TRP C 92 -27.97 1.06 3.71
N VAL C 93 -28.52 2.19 3.26
CA VAL C 93 -27.91 2.95 2.17
C VAL C 93 -27.13 4.13 2.75
N THR C 94 -25.83 3.97 2.87
CA THR C 94 -24.96 5.00 3.44
C THR C 94 -24.41 6.02 2.43
N GLY C 95 -24.59 5.74 1.15
CA GLY C 95 -24.11 6.65 0.12
C GLY C 95 -24.35 6.10 -1.28
N GLY C 96 -23.58 6.58 -2.24
CA GLY C 96 -23.72 6.13 -3.61
C GLY C 96 -23.03 7.04 -4.61
N ARG C 97 -23.26 6.79 -5.89
CA ARG C 97 -22.65 7.59 -6.95
C ARG C 97 -23.71 7.90 -8.01
N TRP C 98 -23.94 9.18 -8.25
CA TRP C 98 -24.91 9.60 -9.24
C TRP C 98 -24.22 10.47 -10.28
N ALA C 99 -24.33 10.06 -11.52
CA ALA C 99 -23.69 10.78 -12.62
C ALA C 99 -24.68 11.02 -13.74
N ALA C 100 -24.32 11.95 -14.60
CA ALA C 100 -25.16 12.29 -15.73
C ALA C 100 -24.33 12.94 -16.80
N GLN C 101 -24.83 12.84 -18.02
CA GLN C 101 -24.20 13.49 -19.16
C GLN C 101 -25.29 14.46 -19.56
N GLN C 102 -24.89 15.65 -19.98
CA GLN C 102 -25.85 16.66 -20.39
C GLN C 102 -25.58 16.94 -21.86
N PHE C 103 -26.60 16.75 -22.68
CA PHE C 103 -26.50 16.97 -24.11
C PHE C 103 -27.10 18.33 -24.49
N PHE C 104 -26.33 19.12 -25.22
CA PHE C 104 -26.78 20.45 -25.60
C PHE C 104 -27.63 20.55 -26.86
N TRP C 105 -28.65 21.38 -26.78
CA TRP C 105 -29.58 21.62 -27.88
C TRP C 105 -29.71 23.11 -28.14
N ASP C 106 -29.78 23.49 -29.42
CA ASP C 106 -29.93 24.88 -29.82
C ASP C 106 -31.24 24.99 -30.60
N ARG C 107 -31.86 26.17 -30.56
CA ARG C 107 -33.11 26.35 -31.27
C ARG C 107 -32.86 26.46 -32.77
N ILE C 108 -33.87 26.09 -33.55
CA ILE C 108 -33.77 26.21 -35.01
C ILE C 108 -34.37 27.58 -35.29
N ASN C 109 -33.57 28.50 -35.82
CA ASN C 109 -34.08 29.83 -36.13
C ASN C 109 -34.88 30.41 -34.96
N ASP C 110 -34.33 30.33 -33.76
CA ASP C 110 -34.99 30.85 -32.56
C ASP C 110 -36.42 30.35 -32.39
N HIS C 111 -36.71 29.18 -32.93
CA HIS C 111 -38.04 28.58 -32.85
C HIS C 111 -38.49 28.29 -31.41
N ASP C 112 -39.78 28.42 -31.18
CA ASP C 112 -40.36 28.15 -29.86
C ASP C 112 -40.26 26.68 -29.44
N HIS C 113 -40.34 25.76 -30.41
CA HIS C 113 -40.26 24.36 -30.05
C HIS C 113 -39.57 23.46 -31.06
N ALA C 114 -38.54 24.00 -31.70
CA ALA C 114 -37.76 23.25 -32.68
C ALA C 114 -36.29 23.46 -32.35
N PHE C 115 -35.58 22.37 -32.15
CA PHE C 115 -34.16 22.45 -31.83
C PHE C 115 -33.33 21.46 -32.65
N SER C 116 -32.01 21.65 -32.60
CA SER C 116 -31.07 20.77 -33.28
C SER C 116 -30.01 20.52 -32.23
N ARG C 117 -29.36 19.37 -32.29
CA ARG C 117 -28.34 19.03 -31.30
C ARG C 117 -26.99 19.66 -31.53
N ASN C 118 -26.37 20.09 -30.44
CA ASN C 118 -25.03 20.65 -30.51
C ASN C 118 -24.15 19.54 -29.98
N LYS C 119 -23.51 18.80 -30.88
CA LYS C 119 -22.67 17.67 -30.50
C LYS C 119 -21.20 17.99 -30.26
N SER C 120 -20.84 19.27 -30.31
CA SER C 120 -19.44 19.64 -30.14
C SER C 120 -18.83 19.34 -28.76
N GLU C 121 -19.65 19.13 -27.75
CA GLU C 121 -19.14 18.82 -26.42
C GLU C 121 -20.21 18.19 -25.55
N VAL C 122 -19.80 17.40 -24.58
CA VAL C 122 -20.75 16.79 -23.66
C VAL C 122 -20.36 17.17 -22.24
N ARG C 123 -21.34 17.70 -21.50
CA ARG C 123 -21.14 18.12 -20.13
C ARG C 123 -21.46 16.94 -19.20
N THR C 124 -20.64 16.79 -18.17
CA THR C 124 -20.86 15.71 -17.23
C THR C 124 -20.89 16.24 -15.81
N ALA C 125 -21.40 15.41 -14.92
CA ALA C 125 -21.49 15.76 -13.52
C ALA C 125 -21.53 14.45 -12.75
N VAL C 126 -20.81 14.42 -11.63
CA VAL C 126 -20.79 13.24 -10.80
C VAL C 126 -21.00 13.67 -9.34
N LEU C 127 -21.87 12.95 -8.65
CA LEU C 127 -22.16 13.22 -7.25
C LEU C 127 -21.82 11.96 -6.48
N GLU C 128 -21.07 12.13 -5.41
CA GLU C 128 -20.74 10.98 -4.58
C GLU C 128 -21.03 11.34 -3.14
N ILE C 129 -21.85 10.51 -2.49
CA ILE C 129 -22.21 10.71 -1.11
C ILE C 129 -21.65 9.55 -0.29
N SER C 130 -21.03 9.90 0.84
CA SER C 130 -20.45 8.93 1.74
C SER C 130 -20.79 9.39 3.15
N GLY C 131 -21.83 8.79 3.72
CA GLY C 131 -22.25 9.17 5.04
C GLY C 131 -22.76 10.60 4.99
N SER C 132 -22.16 11.46 5.80
CA SER C 132 -22.55 12.87 5.86
C SER C 132 -21.85 13.73 4.80
N GLU C 133 -20.76 13.21 4.24
CA GLU C 133 -19.98 13.94 3.24
C GLU C 133 -20.50 13.84 1.81
N GLN C 134 -20.39 14.94 1.09
CA GLN C 134 -20.82 15.05 -0.31
C GLN C 134 -19.69 15.62 -1.14
N ALA C 135 -19.75 15.40 -2.45
CA ALA C 135 -18.73 15.90 -3.37
C ALA C 135 -19.24 15.87 -4.80
N ILE C 136 -19.06 16.96 -5.53
CA ILE C 136 -19.49 17.06 -6.91
C ILE C 136 -18.34 17.37 -7.85
N VAL C 137 -18.27 16.63 -8.94
CA VAL C 137 -17.25 16.86 -9.96
C VAL C 137 -18.00 17.16 -11.24
N ALA C 138 -17.69 18.29 -11.85
CA ALA C 138 -18.32 18.67 -13.10
C ALA C 138 -17.26 18.46 -14.16
N GLY C 139 -17.67 18.31 -15.40
CA GLY C 139 -16.67 18.10 -16.43
C GLY C 139 -17.13 18.35 -17.84
N ILE C 140 -16.18 18.27 -18.76
CA ILE C 140 -16.46 18.46 -20.17
C ILE C 140 -15.67 17.39 -20.92
N GLU C 141 -16.25 16.88 -22.00
CA GLU C 141 -15.59 15.86 -22.78
C GLU C 141 -16.01 15.94 -24.23
N GLY C 142 -15.19 15.35 -25.12
CA GLY C 142 -15.51 15.35 -26.53
C GLY C 142 -15.31 16.66 -27.29
N LEU C 143 -14.70 17.66 -26.64
CA LEU C 143 -14.46 18.93 -27.28
C LEU C 143 -13.08 18.86 -27.94
N THR C 144 -13.06 18.88 -29.26
CA THR C 144 -11.81 18.77 -30.00
C THR C 144 -11.25 20.12 -30.41
N VAL C 145 -9.97 20.33 -30.18
CA VAL C 145 -9.34 21.60 -30.50
C VAL C 145 -8.07 21.39 -31.31
N LEU C 146 -7.70 22.40 -32.09
CA LEU C 146 -6.51 22.29 -32.92
C LEU C 146 -5.84 23.64 -33.17
N LYS C 147 -4.52 23.64 -33.15
CA LYS C 147 -3.74 24.84 -33.43
C LYS C 147 -2.91 24.49 -34.64
N SER C 148 -2.96 25.32 -35.68
CA SER C 148 -2.18 25.05 -36.89
C SER C 148 -0.73 25.48 -36.73
N THR C 149 -0.47 26.30 -35.72
CA THR C 149 0.87 26.76 -35.44
C THR C 149 0.92 27.22 -33.98
N GLY C 150 2.03 27.79 -33.54
CA GLY C 150 2.13 28.23 -32.16
C GLY C 150 2.33 27.04 -31.25
N SER C 151 3.10 26.07 -31.74
CA SER C 151 3.38 24.86 -30.99
C SER C 151 4.70 24.26 -31.43
N GLU C 152 5.50 23.85 -30.46
CA GLU C 152 6.78 23.23 -30.75
C GLU C 152 7.11 22.15 -29.74
N PHE C 153 8.08 21.31 -30.09
CA PHE C 153 8.51 20.24 -29.23
C PHE C 153 9.96 19.95 -29.58
N HIS C 154 10.83 20.21 -28.62
CA HIS C 154 12.25 19.99 -28.83
C HIS C 154 12.94 19.99 -27.48
N GLY C 155 14.20 19.58 -27.47
CA GLY C 155 14.95 19.53 -26.23
C GLY C 155 14.69 18.26 -25.42
N PHE C 156 14.07 17.26 -26.03
CA PHE C 156 13.80 16.01 -25.33
C PHE C 156 14.99 15.06 -25.45
N PRO C 157 15.14 14.12 -24.51
CA PRO C 157 16.24 13.15 -24.50
C PRO C 157 16.28 12.35 -25.81
N ARG C 158 17.44 11.80 -26.14
CA ARG C 158 17.60 11.01 -27.34
C ARG C 158 18.41 9.73 -27.10
N ASP C 159 17.72 8.60 -27.03
CA ASP C 159 18.39 7.31 -26.86
C ASP C 159 18.41 6.63 -28.22
N LYS C 160 18.89 5.39 -28.27
CA LYS C 160 18.95 4.70 -29.55
C LYS C 160 17.58 4.37 -30.12
N TYR C 161 16.52 4.63 -29.36
CA TYR C 161 15.15 4.36 -29.83
C TYR C 161 14.45 5.67 -30.20
N THR C 162 15.21 6.75 -30.25
CA THR C 162 14.68 8.07 -30.57
C THR C 162 14.91 8.46 -32.03
N THR C 163 13.83 8.72 -32.77
CA THR C 163 13.95 9.12 -34.17
C THR C 163 13.21 10.42 -34.44
N LEU C 164 12.34 10.81 -33.51
CA LEU C 164 11.56 12.03 -33.66
C LEU C 164 12.46 13.28 -33.83
N GLN C 165 12.15 14.09 -34.83
CA GLN C 165 12.92 15.31 -35.09
C GLN C 165 12.33 16.48 -34.34
N GLU C 166 13.19 17.31 -33.76
CA GLU C 166 12.71 18.47 -33.03
C GLU C 166 12.02 19.42 -34.00
N THR C 167 11.14 20.27 -33.49
CA THR C 167 10.44 21.22 -34.35
C THR C 167 10.00 22.48 -33.59
N THR C 168 9.84 23.57 -34.33
CA THR C 168 9.38 24.82 -33.72
C THR C 168 8.04 25.21 -34.33
N ASP C 169 7.54 24.39 -35.25
CA ASP C 169 6.25 24.67 -35.89
C ASP C 169 5.52 23.37 -36.25
N ARG C 170 4.44 23.09 -35.55
CA ARG C 170 3.67 21.87 -35.80
C ARG C 170 2.21 22.10 -35.44
N ILE C 171 1.39 21.09 -35.65
CA ILE C 171 -0.02 21.16 -35.28
C ILE C 171 -0.18 20.53 -33.91
N LEU C 172 -1.07 21.09 -33.09
CA LEU C 172 -1.34 20.56 -31.76
C LEU C 172 -2.85 20.32 -31.72
N ALA C 173 -3.24 19.05 -31.73
CA ALA C 173 -4.65 18.68 -31.73
C ALA C 173 -4.94 17.71 -30.60
N THR C 174 -6.04 17.95 -29.89
CA THR C 174 -6.41 17.09 -28.76
C THR C 174 -7.91 17.19 -28.49
N ASP C 175 -8.40 16.32 -27.62
CA ASP C 175 -9.80 16.34 -27.23
C ASP C 175 -9.79 16.76 -25.77
N VAL C 176 -10.51 17.82 -25.44
CA VAL C 176 -10.54 18.30 -24.08
C VAL C 176 -11.43 17.44 -23.17
N SER C 177 -10.79 16.76 -22.22
CA SER C 177 -11.47 15.94 -21.25
C SER C 177 -10.95 16.47 -19.93
N ALA C 178 -11.78 17.24 -19.25
CA ALA C 178 -11.40 17.83 -17.98
C ALA C 178 -12.48 17.61 -16.96
N ARG C 179 -12.06 17.48 -15.71
CA ARG C 179 -12.99 17.29 -14.61
C ARG C 179 -12.48 17.99 -13.37
N TRP C 180 -13.32 18.86 -12.82
CA TRP C 180 -12.96 19.62 -11.65
C TRP C 180 -13.89 19.33 -10.47
N ARG C 181 -13.29 19.23 -9.29
CA ARG C 181 -14.01 18.93 -8.06
C ARG C 181 -14.30 20.22 -7.30
N TYR C 182 -15.57 20.43 -6.95
CA TYR C 182 -15.99 21.61 -6.21
C TYR C 182 -15.73 21.40 -4.73
N ASN C 183 -15.27 22.44 -4.04
CA ASN C 183 -15.01 22.32 -2.61
C ASN C 183 -16.21 22.82 -1.81
N THR C 184 -17.38 22.77 -2.44
CA THR C 184 -18.63 23.20 -1.82
C THR C 184 -19.78 23.02 -2.81
N VAL C 185 -20.97 22.68 -2.32
CA VAL C 185 -22.12 22.50 -3.20
C VAL C 185 -22.79 23.81 -3.57
N GLU C 186 -22.53 24.87 -2.82
CA GLU C 186 -23.13 26.15 -3.15
C GLU C 186 -22.32 26.76 -4.30
N VAL C 187 -22.71 26.41 -5.52
CA VAL C 187 -22.04 26.89 -6.73
C VAL C 187 -23.04 27.21 -7.82
N ASP C 188 -22.73 28.19 -8.66
CA ASP C 188 -23.58 28.56 -9.79
C ASP C 188 -23.12 27.62 -10.90
N PHE C 189 -23.52 26.36 -10.78
CA PHE C 189 -23.15 25.30 -11.72
C PHE C 189 -23.10 25.65 -13.21
N ASP C 190 -24.14 26.31 -13.72
CA ASP C 190 -24.12 26.65 -15.14
C ASP C 190 -23.12 27.76 -15.46
N ALA C 191 -23.03 28.76 -14.60
CA ALA C 191 -22.10 29.86 -14.82
C ALA C 191 -20.65 29.38 -14.77
N VAL C 192 -20.35 28.51 -13.81
CA VAL C 192 -18.99 28.00 -13.67
C VAL C 192 -18.59 27.05 -14.81
N TYR C 193 -19.51 26.22 -15.27
CA TYR C 193 -19.21 25.32 -16.38
C TYR C 193 -18.86 26.18 -17.59
N ALA C 194 -19.67 27.20 -17.84
CA ALA C 194 -19.43 28.10 -18.96
C ALA C 194 -18.07 28.76 -18.83
N SER C 195 -17.74 29.23 -17.62
CA SER C 195 -16.47 29.92 -17.38
C SER C 195 -15.27 28.98 -17.55
N VAL C 196 -15.34 27.82 -16.90
CA VAL C 196 -14.28 26.83 -16.98
C VAL C 196 -14.00 26.50 -18.45
N ARG C 197 -15.07 26.29 -19.21
CA ARG C 197 -14.96 25.97 -20.63
C ARG C 197 -14.19 27.07 -21.36
N GLY C 198 -14.62 28.30 -21.14
CA GLY C 198 -13.97 29.44 -21.78
C GLY C 198 -12.50 29.54 -21.41
N LEU C 199 -12.20 29.31 -20.13
CA LEU C 199 -10.82 29.40 -19.68
C LEU C 199 -9.94 28.34 -20.33
N LEU C 200 -10.45 27.12 -20.42
CA LEU C 200 -9.72 26.02 -21.05
C LEU C 200 -9.39 26.32 -22.52
N LEU C 201 -10.41 26.74 -23.26
CA LEU C 201 -10.24 27.06 -24.67
C LEU C 201 -9.23 28.19 -24.90
N LYS C 202 -9.37 29.25 -24.11
CA LYS C 202 -8.48 30.41 -24.22
C LYS C 202 -7.04 30.01 -23.95
N ALA C 203 -6.82 29.25 -22.87
CA ALA C 203 -5.48 28.82 -22.51
C ALA C 203 -4.87 27.92 -23.59
N PHE C 204 -5.72 27.10 -24.22
CA PHE C 204 -5.22 26.23 -25.28
C PHE C 204 -4.79 27.04 -26.48
N ALA C 205 -5.62 28.00 -26.86
CA ALA C 205 -5.37 28.84 -28.01
C ALA C 205 -4.25 29.87 -27.89
N GLU C 206 -4.25 30.61 -26.77
CA GLU C 206 -3.27 31.67 -26.58
C GLU C 206 -1.89 31.27 -26.07
N THR C 207 -1.76 30.08 -25.50
CA THR C 207 -0.47 29.64 -25.00
C THR C 207 0.42 29.13 -26.13
N HIS C 208 1.62 29.70 -26.24
CA HIS C 208 2.56 29.25 -27.25
C HIS C 208 3.10 27.96 -26.63
N SER C 209 2.70 26.83 -27.18
CA SER C 209 3.09 25.54 -26.63
C SER C 209 4.48 25.02 -26.95
N LEU C 210 5.18 24.61 -25.90
CA LEU C 210 6.52 24.05 -26.03
C LEU C 210 6.34 22.55 -25.76
N ALA C 211 5.12 22.19 -25.34
CA ALA C 211 4.76 20.81 -25.05
C ALA C 211 3.28 20.76 -24.66
N LEU C 212 2.62 19.64 -24.96
CA LEU C 212 1.20 19.51 -24.62
C LEU C 212 1.09 19.65 -23.11
N GLN C 213 2.05 19.08 -22.39
CA GLN C 213 2.07 19.14 -20.93
C GLN C 213 2.02 20.58 -20.44
N GLN C 214 2.85 21.42 -21.06
CA GLN C 214 2.92 22.83 -20.68
C GLN C 214 1.56 23.50 -20.93
N THR C 215 0.98 23.22 -22.10
CA THR C 215 -0.31 23.77 -22.46
C THR C 215 -1.36 23.36 -21.44
N MET C 216 -1.39 22.07 -21.13
CA MET C 216 -2.34 21.52 -20.17
C MET C 216 -2.20 22.19 -18.83
N TYR C 217 -0.95 22.38 -18.39
CA TYR C 217 -0.70 23.02 -17.11
C TYR C 217 -1.34 24.41 -17.09
N GLU C 218 -1.10 25.19 -18.14
CA GLU C 218 -1.64 26.54 -18.24
C GLU C 218 -3.16 26.56 -18.24
N MET C 219 -3.76 25.56 -18.89
CA MET C 219 -5.22 25.43 -18.94
C MET C 219 -5.71 25.18 -17.52
N GLY C 220 -5.03 24.27 -16.82
CA GLY C 220 -5.41 23.97 -15.45
C GLY C 220 -5.22 25.14 -14.51
N ARG C 221 -4.12 25.87 -14.68
CA ARG C 221 -3.82 27.02 -13.82
C ARG C 221 -4.87 28.11 -13.92
N ALA C 222 -5.32 28.39 -15.15
CA ALA C 222 -6.32 29.41 -15.37
C ALA C 222 -7.59 29.13 -14.57
N VAL C 223 -7.99 27.86 -14.52
CA VAL C 223 -9.21 27.50 -13.81
C VAL C 223 -9.07 27.66 -12.30
N ILE C 224 -7.98 27.15 -11.74
CA ILE C 224 -7.76 27.24 -10.30
C ILE C 224 -7.69 28.69 -9.82
N GLU C 225 -6.93 29.50 -10.54
CA GLU C 225 -6.76 30.91 -10.21
C GLU C 225 -8.04 31.72 -10.34
N THR C 226 -8.93 31.27 -11.22
CA THR C 226 -10.18 31.97 -11.46
C THR C 226 -11.34 31.55 -10.57
N HIS C 227 -11.39 30.29 -10.17
CA HIS C 227 -12.50 29.84 -9.34
C HIS C 227 -12.10 29.31 -7.97
N PRO C 228 -12.52 30.01 -6.90
CA PRO C 228 -12.25 29.65 -5.52
C PRO C 228 -13.01 28.38 -5.10
N GLU C 229 -14.12 28.10 -5.80
CA GLU C 229 -14.90 26.92 -5.47
C GLU C 229 -14.33 25.60 -5.99
N ILE C 230 -13.24 25.67 -6.77
CA ILE C 230 -12.61 24.45 -7.28
C ILE C 230 -11.26 24.19 -6.63
N ASP C 231 -11.09 22.98 -6.11
CA ASP C 231 -9.86 22.57 -5.45
C ASP C 231 -8.84 21.99 -6.42
N GLU C 232 -9.33 21.33 -7.46
CA GLU C 232 -8.45 20.71 -8.44
C GLU C 232 -9.17 20.42 -9.75
N ILE C 233 -8.39 20.18 -10.80
CA ILE C 233 -8.92 19.88 -12.11
C ILE C 233 -8.03 18.84 -12.80
N LYS C 234 -8.63 17.74 -13.22
CA LYS C 234 -7.89 16.68 -13.91
C LYS C 234 -8.19 16.71 -15.41
N MET C 235 -7.17 16.40 -16.20
CA MET C 235 -7.31 16.40 -17.64
C MET C 235 -6.59 15.22 -18.29
N SER C 236 -7.20 14.69 -19.35
CA SER C 236 -6.64 13.58 -20.10
C SER C 236 -6.66 14.09 -21.53
N LEU C 237 -5.50 14.48 -22.03
CA LEU C 237 -5.40 15.05 -23.38
C LEU C 237 -4.55 14.25 -24.34
N PRO C 238 -5.16 13.68 -25.39
CA PRO C 238 -4.42 12.91 -26.37
C PRO C 238 -3.74 13.84 -27.37
N ASN C 239 -2.55 13.48 -27.82
CA ASN C 239 -1.86 14.28 -28.81
C ASN C 239 -2.18 13.57 -30.14
N LYS C 240 -3.24 14.04 -30.79
CA LYS C 240 -3.72 13.48 -32.05
C LYS C 240 -2.82 13.94 -33.18
N HIS C 241 -1.82 13.13 -33.48
CA HIS C 241 -0.82 13.44 -34.49
C HIS C 241 -1.28 13.73 -35.91
N HIS C 242 -0.80 14.86 -36.41
CA HIS C 242 -1.06 15.29 -37.78
C HIS C 242 0.34 15.33 -38.38
N PHE C 243 0.67 14.28 -39.12
CA PHE C 243 1.98 14.16 -39.74
C PHE C 243 2.10 14.96 -41.03
N LEU C 244 3.16 15.77 -41.10
CA LEU C 244 3.42 16.58 -42.29
C LEU C 244 3.83 15.57 -43.37
N VAL C 245 3.05 15.49 -44.43
CA VAL C 245 3.35 14.54 -45.50
C VAL C 245 4.61 14.94 -46.26
N ASP C 246 5.45 13.96 -46.58
CA ASP C 246 6.68 14.21 -47.33
C ASP C 246 6.34 14.13 -48.83
N LEU C 247 6.45 15.26 -49.52
CA LEU C 247 6.14 15.33 -50.94
C LEU C 247 7.38 15.49 -51.81
N GLN C 248 8.53 15.63 -51.15
CA GLN C 248 9.79 15.79 -51.85
C GLN C 248 10.08 14.67 -52.85
N PRO C 249 9.60 13.45 -52.58
CA PRO C 249 9.88 12.39 -53.56
C PRO C 249 9.27 12.75 -54.91
N PHE C 250 8.25 13.62 -54.88
CA PHE C 250 7.57 14.07 -56.09
C PHE C 250 8.06 15.46 -56.50
N GLY C 251 9.18 15.88 -55.92
CA GLY C 251 9.73 17.18 -56.25
C GLY C 251 8.92 18.35 -55.73
N GLN C 252 8.00 18.08 -54.80
CA GLN C 252 7.16 19.12 -54.20
C GLN C 252 7.55 19.30 -52.73
N ASP C 253 7.37 20.52 -52.21
CA ASP C 253 7.66 20.76 -50.81
C ASP C 253 6.34 20.86 -50.05
N ASN C 254 6.40 20.90 -48.73
CA ASN C 254 5.20 21.00 -47.90
C ASN C 254 5.42 21.98 -46.76
N PRO C 255 5.16 23.28 -46.98
CA PRO C 255 5.34 24.30 -45.96
C PRO C 255 4.30 24.30 -44.82
N ASN C 256 4.20 23.18 -44.12
CA ASN C 256 3.25 23.05 -43.01
C ASN C 256 1.81 23.16 -43.52
N GLU C 257 1.54 22.59 -44.69
CA GLU C 257 0.21 22.66 -45.27
C GLU C 257 -0.58 21.36 -45.40
N VAL C 258 0.06 20.29 -45.87
CA VAL C 258 -0.63 19.02 -46.05
C VAL C 258 -0.29 18.02 -44.96
N PHE C 259 -1.31 17.58 -44.22
CA PHE C 259 -1.11 16.64 -43.14
C PHE C 259 -1.97 15.40 -43.21
N TYR C 260 -1.47 14.33 -42.59
CA TYR C 260 -2.16 13.06 -42.50
C TYR C 260 -2.62 12.97 -41.04
N ALA C 261 -3.93 12.88 -40.82
CA ALA C 261 -4.45 12.79 -39.47
C ALA C 261 -4.54 11.33 -39.03
N ALA C 262 -3.53 10.88 -38.28
CA ALA C 262 -3.46 9.52 -37.79
C ALA C 262 -4.43 9.23 -36.64
N ASP C 263 -4.99 8.03 -36.66
CA ASP C 263 -5.94 7.60 -35.62
C ASP C 263 -5.16 7.09 -34.41
N ARG C 264 -4.42 6.00 -34.61
CA ARG C 264 -3.63 5.40 -33.54
C ARG C 264 -2.26 5.03 -34.08
N PRO C 265 -1.23 5.06 -33.21
CA PRO C 265 -1.33 5.42 -31.80
C PRO C 265 -1.36 6.94 -31.60
N TYR C 266 -1.42 7.37 -30.35
CA TYR C 266 -1.45 8.79 -30.02
C TYR C 266 -0.90 9.04 -28.64
N GLY C 267 -0.22 10.17 -28.48
CA GLY C 267 0.31 10.51 -27.17
C GLY C 267 -0.89 10.74 -26.28
N LEU C 268 -0.71 10.44 -25.00
CA LEU C 268 -1.77 10.65 -24.02
C LEU C 268 -1.12 11.30 -22.81
N ILE C 269 -1.42 12.59 -22.63
CA ILE C 269 -0.85 13.36 -21.51
C ILE C 269 -1.95 13.66 -20.49
N GLU C 270 -1.68 13.37 -19.24
CA GLU C 270 -2.68 13.59 -18.20
C GLU C 270 -2.03 14.17 -16.94
N ALA C 271 -2.81 14.92 -16.17
CA ALA C 271 -2.30 15.51 -14.94
C ALA C 271 -3.39 16.18 -14.11
N THR C 272 -3.06 16.43 -12.86
CA THR C 272 -3.97 17.08 -11.93
C THR C 272 -3.36 18.43 -11.52
N ILE C 273 -4.13 19.50 -11.72
CA ILE C 273 -3.68 20.83 -11.32
C ILE C 273 -4.58 21.21 -10.15
N GLN C 274 -3.97 21.34 -8.98
CA GLN C 274 -4.72 21.64 -7.77
C GLN C 274 -4.30 22.90 -7.02
N ARG C 275 -5.14 23.25 -6.07
CA ARG C 275 -4.94 24.42 -5.22
C ARG C 275 -4.04 23.95 -4.08
N GLU C 276 -2.85 24.55 -3.97
CA GLU C 276 -1.90 24.19 -2.91
C GLU C 276 -2.58 24.04 -1.56
N GLY C 277 -2.48 22.86 -0.98
CA GLY C 277 -3.10 22.63 0.32
C GLY C 277 -4.44 21.93 0.24
N SER C 278 -4.89 21.64 -0.98
CA SER C 278 -6.15 20.96 -1.18
C SER C 278 -5.93 19.47 -0.97
N ARG C 279 -7.00 18.73 -0.71
CA ARG C 279 -6.86 17.30 -0.48
C ARG C 279 -6.14 16.64 -1.66
N ALA C 280 -5.27 15.68 -1.34
CA ALA C 280 -4.50 14.97 -2.36
C ALA C 280 -5.31 14.05 -3.27
N ASP C 281 -5.83 12.96 -2.71
CA ASP C 281 -6.59 12.00 -3.51
C ASP C 281 -8.00 11.74 -2.98
N HIS C 282 -8.94 12.60 -3.35
CA HIS C 282 -10.33 12.46 -2.92
C HIS C 282 -10.90 11.12 -3.41
N PRO C 283 -11.82 10.53 -2.63
CA PRO C 283 -12.43 9.24 -3.00
C PRO C 283 -13.24 9.27 -4.30
N ILE C 284 -13.85 10.41 -4.61
CA ILE C 284 -14.66 10.53 -5.81
C ILE C 284 -13.90 10.12 -7.07
N TRP C 285 -12.58 10.21 -7.04
CA TRP C 285 -11.79 9.84 -8.19
C TRP C 285 -11.64 8.32 -8.34
N SER C 286 -11.89 7.57 -7.27
CA SER C 286 -11.78 6.11 -7.31
C SER C 286 -12.90 5.45 -8.11
N ASN C 287 -14.06 6.10 -8.17
CA ASN C 287 -15.21 5.60 -8.93
C ASN C 287 -15.70 4.23 -8.46
N THR D 1 -20.79 -24.36 -63.47
CA THR D 1 -19.48 -24.70 -64.10
C THR D 1 -18.67 -23.45 -64.48
N LYS D 2 -19.27 -22.56 -65.29
CA LYS D 2 -18.59 -21.35 -65.74
C LYS D 2 -18.80 -20.13 -64.84
N VAL D 3 -17.69 -19.64 -64.26
CA VAL D 3 -17.75 -18.48 -63.38
C VAL D 3 -17.22 -17.24 -64.10
N VAL D 4 -17.90 -16.12 -63.91
CA VAL D 4 -17.48 -14.87 -64.55
C VAL D 4 -17.31 -13.73 -63.55
N LEU D 5 -16.41 -12.81 -63.86
CA LEU D 5 -16.20 -11.66 -63.00
C LEU D 5 -17.20 -10.56 -63.38
N GLY D 6 -18.02 -10.16 -62.42
CA GLY D 6 -18.99 -9.11 -62.69
C GLY D 6 -18.44 -7.76 -62.28
N GLN D 7 -19.33 -6.88 -61.83
CA GLN D 7 -18.94 -5.54 -61.41
C GLN D 7 -17.83 -5.59 -60.36
N ASN D 8 -17.00 -4.57 -60.33
CA ASN D 8 -15.92 -4.51 -59.36
C ASN D 8 -15.29 -3.12 -59.30
N GLN D 9 -14.63 -2.84 -58.18
CA GLN D 9 -13.96 -1.56 -57.98
C GLN D 9 -13.00 -1.75 -56.82
N TYR D 10 -11.97 -0.92 -56.75
CA TYR D 10 -10.96 -1.02 -55.69
C TYR D 10 -10.23 0.31 -55.55
N GLY D 11 -9.64 0.53 -54.37
CA GLY D 11 -8.90 1.76 -54.12
C GLY D 11 -8.55 1.93 -52.65
N LYS D 12 -8.22 3.16 -52.25
CA LYS D 12 -7.87 3.42 -50.87
C LYS D 12 -9.01 4.16 -50.18
N ALA D 13 -9.55 3.55 -49.12
CA ALA D 13 -10.64 4.15 -48.38
C ALA D 13 -10.17 4.88 -47.11
N GLU D 14 -10.89 5.94 -46.78
CA GLU D 14 -10.63 6.75 -45.59
C GLU D 14 -9.22 7.31 -45.42
N VAL D 15 -8.84 8.19 -46.33
CA VAL D 15 -7.54 8.85 -46.30
C VAL D 15 -7.79 10.18 -45.59
N ARG D 16 -7.29 10.30 -44.36
CA ARG D 16 -7.50 11.50 -43.56
C ARG D 16 -6.56 12.64 -43.90
N LEU D 17 -7.13 13.68 -44.51
CA LEU D 17 -6.38 14.86 -44.93
C LEU D 17 -6.76 16.12 -44.19
N VAL D 18 -5.75 16.90 -43.82
CA VAL D 18 -5.96 18.18 -43.17
C VAL D 18 -5.11 19.17 -43.96
N LYS D 19 -5.75 20.12 -44.62
CA LYS D 19 -5.05 21.11 -45.43
C LYS D 19 -5.09 22.45 -44.73
N VAL D 20 -3.92 22.97 -44.39
CA VAL D 20 -3.84 24.27 -43.74
C VAL D 20 -3.46 25.31 -44.76
N THR D 21 -4.22 26.40 -44.79
CA THR D 21 -3.93 27.51 -45.70
C THR D 21 -3.27 28.55 -44.80
N ARG D 22 -1.98 28.82 -45.04
CA ARG D 22 -1.28 29.77 -44.22
C ARG D 22 -0.31 30.70 -44.94
N ASN D 23 -0.67 31.13 -46.15
CA ASN D 23 0.18 32.06 -46.87
C ASN D 23 -0.05 33.44 -46.24
N THR D 24 -0.93 33.46 -45.24
CA THR D 24 -1.25 34.67 -44.50
C THR D 24 -1.26 34.28 -43.02
N ALA D 25 -1.43 35.25 -42.13
CA ALA D 25 -1.44 34.96 -40.70
C ALA D 25 -2.77 34.35 -40.30
N ARG D 26 -3.79 34.59 -41.13
CA ARG D 26 -5.12 34.07 -40.88
C ARG D 26 -5.19 32.68 -41.50
N HIS D 27 -4.98 31.65 -40.68
CA HIS D 27 -5.01 30.27 -41.18
C HIS D 27 -6.40 29.73 -41.47
N GLU D 28 -6.49 28.89 -42.48
CA GLU D 28 -7.76 28.27 -42.85
C GLU D 28 -7.60 26.75 -42.72
N ILE D 29 -8.66 26.07 -42.31
CA ILE D 29 -8.60 24.63 -42.13
C ILE D 29 -9.59 23.85 -42.98
N GLN D 30 -9.08 22.93 -43.79
CA GLN D 30 -9.90 22.05 -44.60
C GLN D 30 -9.57 20.66 -44.07
N ASP D 31 -10.61 19.94 -43.67
CA ASP D 31 -10.46 18.62 -43.06
C ASP D 31 -11.37 17.60 -43.73
N LEU D 32 -10.77 16.61 -44.39
CA LEU D 32 -11.55 15.60 -45.10
C LEU D 32 -11.15 14.14 -44.85
N ASN D 33 -12.07 13.23 -45.13
CA ASN D 33 -11.83 11.78 -45.01
C ASN D 33 -12.15 11.36 -46.45
N VAL D 34 -11.11 11.08 -47.23
CA VAL D 34 -11.26 10.74 -48.63
C VAL D 34 -11.16 9.26 -48.99
N THR D 35 -12.04 8.84 -49.90
CA THR D 35 -12.05 7.46 -50.37
C THR D 35 -11.94 7.52 -51.89
N SER D 36 -10.99 6.77 -52.44
CA SER D 36 -10.79 6.74 -53.88
C SER D 36 -10.90 5.31 -54.42
N GLN D 37 -11.73 5.12 -55.44
CA GLN D 37 -11.90 3.81 -56.04
C GLN D 37 -12.03 3.88 -57.56
N LEU D 38 -11.33 2.97 -58.23
CA LEU D 38 -11.32 2.94 -59.69
C LEU D 38 -12.18 1.84 -60.28
N ARG D 39 -12.67 2.11 -61.49
CA ARG D 39 -13.47 1.16 -62.23
C ARG D 39 -12.90 1.11 -63.64
N GLY D 40 -12.90 -0.09 -64.23
CA GLY D 40 -12.37 -0.25 -65.57
C GLY D 40 -12.15 -1.71 -65.86
N ASP D 41 -11.03 -2.03 -66.52
CA ASP D 41 -10.72 -3.41 -66.86
C ASP D 41 -9.67 -4.02 -65.94
N PHE D 42 -10.13 -4.78 -64.95
CA PHE D 42 -9.22 -5.44 -64.01
C PHE D 42 -9.48 -6.95 -64.03
N GLU D 43 -9.92 -7.43 -65.18
CA GLU D 43 -10.20 -8.85 -65.42
C GLU D 43 -9.00 -9.74 -65.03
N ALA D 44 -7.83 -9.45 -65.61
CA ALA D 44 -6.62 -10.22 -65.35
C ALA D 44 -6.14 -10.19 -63.89
N ALA D 45 -6.25 -9.03 -63.25
CA ALA D 45 -5.84 -8.91 -61.86
C ALA D 45 -6.61 -9.93 -61.00
N HIS D 46 -7.92 -10.03 -61.23
CA HIS D 46 -8.77 -10.96 -60.49
C HIS D 46 -8.59 -12.44 -60.90
N THR D 47 -8.68 -12.69 -62.22
CA THR D 47 -8.58 -14.04 -62.75
C THR D 47 -7.20 -14.69 -62.77
N ALA D 48 -6.14 -13.92 -62.98
CA ALA D 48 -4.80 -14.50 -63.04
C ALA D 48 -3.75 -13.92 -62.09
N GLY D 49 -4.12 -12.87 -61.35
CA GLY D 49 -3.17 -12.28 -60.44
C GLY D 49 -2.18 -11.36 -61.14
N ASP D 50 -2.53 -10.91 -62.34
CA ASP D 50 -1.67 -10.01 -63.11
C ASP D 50 -2.02 -8.58 -62.72
N ASN D 51 -1.13 -7.94 -61.98
CA ASN D 51 -1.35 -6.57 -61.49
C ASN D 51 -0.90 -5.43 -62.40
N ALA D 52 -0.61 -5.72 -63.66
CA ALA D 52 -0.17 -4.68 -64.58
C ALA D 52 -1.18 -3.52 -64.67
N HIS D 53 -2.45 -3.79 -64.42
CA HIS D 53 -3.47 -2.74 -64.50
C HIS D 53 -3.76 -2.11 -63.14
N VAL D 54 -3.28 -2.76 -62.08
CA VAL D 54 -3.56 -2.29 -60.72
C VAL D 54 -2.78 -1.07 -60.22
N VAL D 55 -3.35 0.12 -60.40
CA VAL D 55 -2.74 1.34 -59.88
C VAL D 55 -2.91 1.17 -58.36
N ALA D 56 -1.81 0.93 -57.66
CA ALA D 56 -1.86 0.69 -56.21
C ALA D 56 -2.74 1.61 -55.39
N THR D 57 -3.43 1.03 -54.41
CA THR D 57 -4.28 1.82 -53.54
C THR D 57 -3.35 2.77 -52.78
N ASP D 58 -2.10 2.33 -52.58
CA ASP D 58 -1.12 3.17 -51.89
C ASP D 58 -0.81 4.40 -52.74
N THR D 59 -0.79 4.23 -54.06
CA THR D 59 -0.53 5.33 -54.98
C THR D 59 -1.69 6.31 -54.96
N GLN D 60 -2.91 5.77 -54.97
CA GLN D 60 -4.09 6.60 -54.95
C GLN D 60 -4.05 7.48 -53.69
N LYS D 61 -3.57 6.90 -52.59
CA LYS D 61 -3.45 7.65 -51.34
C LYS D 61 -2.42 8.77 -51.52
N ASN D 62 -1.28 8.44 -52.12
CA ASN D 62 -0.21 9.40 -52.36
C ASN D 62 -0.70 10.58 -53.19
N THR D 63 -1.49 10.27 -54.21
CA THR D 63 -2.03 11.28 -55.10
C THR D 63 -2.90 12.27 -54.33
N VAL D 64 -3.77 11.76 -53.46
CA VAL D 64 -4.63 12.61 -52.67
C VAL D 64 -3.83 13.69 -51.94
N TYR D 65 -2.69 13.30 -51.37
CA TYR D 65 -1.85 14.24 -50.64
C TYR D 65 -1.06 15.16 -51.58
N ALA D 66 -0.55 14.61 -52.67
CA ALA D 66 0.20 15.43 -53.62
C ALA D 66 -0.71 16.52 -54.16
N PHE D 67 -1.93 16.13 -54.53
CA PHE D 67 -2.90 17.09 -55.06
C PHE D 67 -3.31 18.14 -54.03
N ALA D 68 -3.48 17.72 -52.78
CA ALA D 68 -3.87 18.64 -51.72
C ALA D 68 -2.90 19.82 -51.59
N ARG D 69 -1.61 19.58 -51.86
CA ARG D 69 -0.59 20.61 -51.77
C ARG D 69 -0.98 21.89 -52.51
N ASP D 70 -1.54 21.71 -53.72
CA ASP D 70 -1.96 22.83 -54.54
C ASP D 70 -3.14 23.54 -53.92
N GLY D 71 -3.89 22.81 -53.11
CA GLY D 71 -5.06 23.40 -52.48
C GLY D 71 -6.27 23.14 -53.36
N PHE D 72 -7.45 23.38 -52.81
CA PHE D 72 -8.70 23.15 -53.55
C PHE D 72 -9.74 24.09 -52.96
N ALA D 73 -10.64 24.58 -53.80
CA ALA D 73 -11.67 25.50 -53.33
C ALA D 73 -12.80 24.81 -52.60
N THR D 74 -13.19 23.63 -53.08
CA THR D 74 -14.27 22.89 -52.44
C THR D 74 -14.01 21.41 -52.45
N THR D 75 -14.71 20.68 -51.57
CA THR D 75 -14.56 19.23 -51.50
C THR D 75 -14.88 18.60 -52.86
N GLU D 76 -15.98 19.04 -53.48
CA GLU D 76 -16.39 18.51 -54.77
C GLU D 76 -15.37 18.78 -55.87
N GLU D 77 -14.77 19.98 -55.85
CA GLU D 77 -13.77 20.33 -56.85
C GLU D 77 -12.58 19.39 -56.72
N PHE D 78 -12.16 19.17 -55.48
CA PHE D 78 -11.03 18.31 -55.21
C PHE D 78 -11.31 16.89 -55.69
N LEU D 79 -12.56 16.43 -55.53
CA LEU D 79 -12.93 15.09 -55.97
C LEU D 79 -12.91 15.00 -57.49
N LEU D 80 -13.32 16.08 -58.14
CA LEU D 80 -13.34 16.11 -59.59
C LEU D 80 -11.92 16.04 -60.14
N ARG D 81 -10.97 16.66 -59.45
CA ARG D 81 -9.58 16.63 -59.89
C ARG D 81 -9.05 15.19 -59.80
N LEU D 82 -9.40 14.48 -58.74
CA LEU D 82 -8.95 13.09 -58.57
C LEU D 82 -9.61 12.21 -59.66
N GLY D 83 -10.92 12.33 -59.80
CA GLY D 83 -11.63 11.54 -60.79
C GLY D 83 -11.03 11.70 -62.18
N LYS D 84 -10.84 12.94 -62.59
CA LYS D 84 -10.27 13.25 -63.92
C LYS D 84 -8.85 12.69 -64.10
N HIS D 85 -8.00 12.90 -63.11
CA HIS D 85 -6.62 12.42 -63.15
C HIS D 85 -6.48 10.91 -63.36
N PHE D 86 -7.31 10.12 -62.68
CA PHE D 86 -7.22 8.66 -62.80
C PHE D 86 -7.83 8.10 -64.08
N THR D 87 -9.01 8.60 -64.46
CA THR D 87 -9.64 8.11 -65.68
C THR D 87 -8.79 8.44 -66.92
N GLU D 88 -8.31 9.67 -67.00
CA GLU D 88 -7.48 10.11 -68.12
C GLU D 88 -6.07 9.55 -68.10
N GLY D 89 -5.55 9.31 -66.91
CA GLY D 89 -4.19 8.82 -66.78
C GLY D 89 -3.93 7.36 -67.11
N PHE D 90 -4.99 6.56 -67.20
CA PHE D 90 -4.85 5.15 -67.50
C PHE D 90 -5.98 4.73 -68.43
N ASP D 91 -5.61 4.12 -69.56
CA ASP D 91 -6.58 3.68 -70.56
C ASP D 91 -7.60 2.68 -70.03
N TRP D 92 -7.15 1.70 -69.26
CA TRP D 92 -8.02 0.67 -68.71
C TRP D 92 -8.89 1.16 -67.56
N VAL D 93 -8.69 2.40 -67.13
CA VAL D 93 -9.49 2.97 -66.06
C VAL D 93 -10.50 3.87 -66.77
N THR D 94 -11.75 3.43 -66.80
CA THR D 94 -12.81 4.15 -67.50
C THR D 94 -13.76 4.90 -66.59
N GLY D 95 -13.60 4.73 -65.27
CA GLY D 95 -14.47 5.42 -64.35
C GLY D 95 -14.05 5.19 -62.91
N GLY D 96 -14.92 5.54 -61.97
CA GLY D 96 -14.58 5.35 -60.58
C GLY D 96 -15.57 6.02 -59.65
N ARG D 97 -15.27 5.94 -58.36
CA ARG D 97 -16.12 6.52 -57.33
C ARG D 97 -15.21 7.14 -56.27
N TRP D 98 -15.30 8.46 -56.14
CA TRP D 98 -14.51 9.19 -55.17
C TRP D 98 -15.49 9.80 -54.18
N ALA D 99 -15.27 9.51 -52.91
CA ALA D 99 -16.15 10.00 -51.85
C ALA D 99 -15.37 10.78 -50.80
N ALA D 100 -16.05 11.69 -50.11
CA ALA D 100 -15.38 12.46 -49.08
C ALA D 100 -16.33 12.95 -48.00
N GLN D 101 -15.80 13.01 -46.78
CA GLN D 101 -16.54 13.53 -45.64
C GLN D 101 -15.78 14.80 -45.28
N GLN D 102 -16.50 15.89 -45.04
CA GLN D 102 -15.87 17.15 -44.66
C GLN D 102 -16.29 17.52 -43.23
N PHE D 103 -15.32 17.66 -42.35
CA PHE D 103 -15.60 18.00 -40.97
C PHE D 103 -15.33 19.49 -40.73
N PHE D 104 -16.25 20.16 -40.05
CA PHE D 104 -16.11 21.58 -39.82
C PHE D 104 -15.42 22.01 -38.53
N TRP D 105 -14.75 23.17 -38.62
CA TRP D 105 -14.02 23.75 -37.50
C TRP D 105 -14.44 25.21 -37.31
N ASP D 106 -14.48 25.63 -36.05
CA ASP D 106 -14.83 27.00 -35.71
C ASP D 106 -13.63 27.62 -35.03
N ARG D 107 -13.37 28.88 -35.31
CA ARG D 107 -12.25 29.58 -34.68
C ARG D 107 -12.59 29.69 -33.21
N ILE D 108 -11.56 29.60 -32.37
CA ILE D 108 -11.73 29.73 -30.93
C ILE D 108 -11.62 31.23 -30.65
N ASN D 109 -12.75 31.87 -30.34
CA ASN D 109 -12.77 33.30 -30.06
C ASN D 109 -12.14 34.06 -31.22
N ASP D 110 -12.55 33.70 -32.43
CA ASP D 110 -12.04 34.31 -33.66
C ASP D 110 -10.52 34.33 -33.78
N HIS D 111 -9.86 33.45 -33.05
CA HIS D 111 -8.40 33.35 -33.10
C HIS D 111 -7.94 33.03 -34.54
N ASP D 112 -6.73 33.44 -34.89
CA ASP D 112 -6.18 33.21 -36.22
C ASP D 112 -5.80 31.77 -36.56
N HIS D 113 -5.24 31.04 -35.60
CA HIS D 113 -4.83 29.68 -35.87
C HIS D 113 -5.15 28.65 -34.79
N ALA D 114 -6.25 28.86 -34.09
CA ALA D 114 -6.70 27.92 -33.05
C ALA D 114 -8.18 27.65 -33.31
N PHE D 115 -8.55 26.37 -33.39
CA PHE D 115 -9.93 26.03 -33.68
C PHE D 115 -10.52 24.92 -32.80
N SER D 116 -11.85 24.80 -32.85
CA SER D 116 -12.56 23.76 -32.12
C SER D 116 -13.49 23.11 -33.14
N ARG D 117 -13.58 21.78 -33.07
CA ARG D 117 -14.39 21.01 -33.98
C ARG D 117 -15.90 21.17 -33.77
N ASN D 118 -16.63 21.40 -34.86
CA ASN D 118 -18.09 21.51 -34.81
C ASN D 118 -18.56 20.13 -35.23
N LYS D 119 -19.05 19.34 -34.28
CA LYS D 119 -19.48 17.98 -34.58
C LYS D 119 -20.97 17.77 -34.79
N SER D 120 -21.72 18.86 -34.92
CA SER D 120 -23.17 18.75 -35.07
C SER D 120 -23.68 18.25 -36.42
N GLU D 121 -22.75 18.05 -37.36
CA GLU D 121 -23.12 17.57 -38.69
C GLU D 121 -21.86 17.28 -39.45
N VAL D 122 -21.98 16.41 -40.45
CA VAL D 122 -20.88 16.05 -41.31
C VAL D 122 -21.35 16.19 -42.76
N ARG D 123 -20.55 16.89 -43.55
CA ARG D 123 -20.86 17.12 -44.95
C ARG D 123 -20.31 15.98 -45.81
N THR D 124 -21.05 15.59 -46.84
CA THR D 124 -20.61 14.51 -47.72
C THR D 124 -20.62 14.86 -49.21
N ALA D 125 -19.82 14.12 -49.98
CA ALA D 125 -19.73 14.34 -51.41
C ALA D 125 -19.31 13.06 -52.10
N VAL D 126 -20.02 12.70 -53.16
CA VAL D 126 -19.68 11.49 -53.89
C VAL D 126 -19.65 11.82 -55.37
N LEU D 127 -18.49 11.61 -55.99
CA LEU D 127 -18.32 11.84 -57.42
C LEU D 127 -18.18 10.48 -58.09
N GLU D 128 -18.99 10.24 -59.11
CA GLU D 128 -18.88 8.98 -59.84
C GLU D 128 -18.70 9.27 -61.32
N ILE D 129 -17.60 8.78 -61.88
CA ILE D 129 -17.34 8.98 -63.30
C ILE D 129 -17.62 7.70 -64.05
N SER D 130 -18.29 7.83 -65.19
CA SER D 130 -18.60 6.69 -66.02
C SER D 130 -18.38 7.15 -67.45
N GLY D 131 -17.19 6.86 -67.98
CA GLY D 131 -16.87 7.30 -69.32
C GLY D 131 -16.79 8.81 -69.32
N SER D 132 -17.60 9.45 -70.15
CA SER D 132 -17.60 10.90 -70.24
C SER D 132 -18.51 11.54 -69.20
N GLU D 133 -19.33 10.72 -68.55
CA GLU D 133 -20.24 11.26 -67.55
C GLU D 133 -19.67 11.33 -66.13
N GLN D 134 -20.02 12.40 -65.44
CA GLN D 134 -19.57 12.57 -64.07
C GLN D 134 -20.70 13.15 -63.25
N ALA D 135 -21.19 12.34 -62.31
CA ALA D 135 -22.30 12.74 -61.45
C ALA D 135 -21.77 13.09 -60.06
N ILE D 136 -22.41 14.07 -59.43
CA ILE D 136 -22.00 14.48 -58.10
C ILE D 136 -23.19 14.56 -57.17
N VAL D 137 -23.07 13.88 -56.04
CA VAL D 137 -24.12 13.89 -55.03
C VAL D 137 -23.52 14.46 -53.76
N ALA D 138 -24.09 15.56 -53.27
CA ALA D 138 -23.59 16.16 -52.04
C ALA D 138 -24.56 15.76 -50.92
N GLY D 139 -24.12 15.89 -49.67
CA GLY D 139 -25.01 15.52 -48.58
C GLY D 139 -24.67 16.01 -47.19
N ILE D 140 -25.59 15.76 -46.26
CA ILE D 140 -25.42 16.14 -44.86
C ILE D 140 -25.95 14.96 -44.04
N GLU D 141 -25.33 14.72 -42.89
CA GLU D 141 -25.74 13.65 -42.00
C GLU D 141 -25.26 13.95 -40.58
N GLY D 142 -25.80 13.23 -39.62
CA GLY D 142 -25.41 13.44 -38.23
C GLY D 142 -26.04 14.67 -37.60
N LEU D 143 -26.95 15.31 -38.34
CA LEU D 143 -27.65 16.49 -37.86
C LEU D 143 -28.94 16.09 -37.14
N THR D 144 -28.91 16.12 -35.80
CA THR D 144 -30.07 15.73 -35.01
C THR D 144 -31.01 16.90 -34.72
N VAL D 145 -32.30 16.67 -34.99
CA VAL D 145 -33.32 17.69 -34.78
C VAL D 145 -34.47 17.13 -33.97
N LEU D 146 -35.20 18.02 -33.30
CA LEU D 146 -36.31 17.60 -32.48
C LEU D 146 -37.37 18.69 -32.31
N LYS D 147 -38.62 18.27 -32.35
CA LYS D 147 -39.75 19.15 -32.15
C LYS D 147 -40.41 18.61 -30.89
N SER D 148 -40.69 19.48 -29.92
CA SER D 148 -41.32 19.05 -28.68
C SER D 148 -42.84 19.05 -28.76
N THR D 149 -43.35 19.51 -29.90
CA THR D 149 -44.79 19.54 -30.16
C THR D 149 -44.92 19.96 -31.62
N GLY D 150 -46.14 20.17 -32.09
CA GLY D 150 -46.30 20.53 -33.49
C GLY D 150 -46.10 19.28 -34.34
N SER D 151 -46.53 18.15 -33.80
CA SER D 151 -46.41 16.87 -34.48
C SER D 151 -47.48 15.92 -33.99
N GLU D 152 -48.09 15.17 -34.91
CA GLU D 152 -49.10 14.20 -34.53
C GLU D 152 -49.09 13.00 -35.46
N PHE D 153 -49.83 11.95 -35.08
CA PHE D 153 -49.88 10.75 -35.88
C PHE D 153 -51.16 9.98 -35.55
N HIS D 154 -52.11 10.02 -36.47
CA HIS D 154 -53.39 9.37 -36.30
C HIS D 154 -53.97 9.02 -37.68
N GLY D 155 -55.06 8.24 -37.68
CA GLY D 155 -55.70 7.85 -38.92
C GLY D 155 -55.08 6.63 -39.58
N PHE D 156 -54.17 5.96 -38.89
CA PHE D 156 -53.52 4.79 -39.45
C PHE D 156 -54.33 3.50 -39.27
N PRO D 157 -54.07 2.49 -40.12
CA PRO D 157 -54.75 1.21 -40.05
C PRO D 157 -54.59 0.55 -38.68
N ARG D 158 -55.52 -0.32 -38.33
CA ARG D 158 -55.45 -1.03 -37.06
C ARG D 158 -55.85 -2.48 -37.28
N ASP D 159 -54.87 -3.39 -37.11
CA ASP D 159 -55.13 -4.81 -37.25
C ASP D 159 -54.93 -5.45 -35.88
N LYS D 160 -54.91 -6.78 -35.83
CA LYS D 160 -54.76 -7.46 -34.55
C LYS D 160 -53.41 -7.25 -33.85
N TYR D 161 -52.43 -6.71 -34.57
CA TYR D 161 -51.11 -6.47 -33.99
C TYR D 161 -50.87 -4.97 -33.79
N THR D 162 -51.93 -4.19 -33.90
CA THR D 162 -51.83 -2.74 -33.74
C THR D 162 -52.20 -2.32 -32.32
N THR D 163 -51.28 -1.68 -31.64
CA THR D 163 -51.52 -1.21 -30.27
C THR D 163 -51.17 0.26 -30.12
N LEU D 164 -50.48 0.82 -31.10
CA LEU D 164 -50.10 2.22 -31.03
C LEU D 164 -51.31 3.13 -30.87
N GLN D 165 -51.22 4.06 -29.93
CA GLN D 165 -52.32 4.98 -29.70
C GLN D 165 -52.16 6.22 -30.56
N GLU D 166 -53.26 6.66 -31.15
CA GLU D 166 -53.29 7.85 -31.99
C GLU D 166 -52.96 9.06 -31.12
N THR D 167 -52.33 10.07 -31.69
CA THR D 167 -51.98 11.25 -30.92
C THR D 167 -52.07 12.51 -31.76
N THR D 168 -52.30 13.63 -31.09
CA THR D 168 -52.39 14.93 -31.76
C THR D 168 -51.26 15.80 -31.25
N ASP D 169 -50.41 15.23 -30.40
CA ASP D 169 -49.29 15.98 -29.84
C ASP D 169 -48.22 15.03 -29.29
N ARG D 170 -47.08 15.01 -29.95
CA ARG D 170 -45.97 14.15 -29.55
C ARG D 170 -44.65 14.78 -29.94
N ILE D 171 -43.56 14.11 -29.57
CA ILE D 171 -42.24 14.59 -29.92
C ILE D 171 -41.85 13.99 -31.25
N LEU D 172 -41.24 14.80 -32.12
CA LEU D 172 -40.79 14.32 -33.41
C LEU D 172 -39.30 14.63 -33.47
N ALA D 173 -38.48 13.59 -33.33
CA ALA D 173 -37.04 13.74 -33.35
C ALA D 173 -36.40 12.78 -34.34
N THR D 174 -35.39 13.24 -35.06
CA THR D 174 -34.72 12.42 -36.06
C THR D 174 -33.28 12.84 -36.33
N ASP D 175 -32.60 12.04 -37.14
CA ASP D 175 -31.23 12.34 -37.54
C ASP D 175 -31.36 12.69 -39.02
N VAL D 176 -31.13 13.95 -39.35
CA VAL D 176 -31.23 14.39 -40.72
C VAL D 176 -30.07 13.89 -41.58
N SER D 177 -30.37 12.92 -42.43
CA SER D 177 -29.40 12.35 -43.35
C SER D 177 -29.97 12.58 -44.75
N ALA D 178 -29.32 13.44 -45.52
CA ALA D 178 -29.81 13.77 -46.86
C ALA D 178 -28.73 13.86 -47.94
N ARG D 179 -29.11 13.43 -49.13
CA ARG D 179 -28.21 13.45 -50.27
C ARG D 179 -28.97 13.96 -51.49
N TRP D 180 -28.39 14.93 -52.17
CA TRP D 180 -29.01 15.49 -53.36
C TRP D 180 -28.07 15.37 -54.55
N ARG D 181 -28.64 15.08 -55.72
CA ARG D 181 -27.86 14.91 -56.94
C ARG D 181 -27.89 16.14 -57.83
N TYR D 182 -26.72 16.59 -58.25
CA TYR D 182 -26.64 17.75 -59.11
C TYR D 182 -26.83 17.35 -60.58
N ASN D 183 -27.47 18.24 -61.36
CA ASN D 183 -27.70 17.98 -62.77
C ASN D 183 -26.58 18.60 -63.61
N THR D 184 -25.65 19.26 -62.94
CA THR D 184 -24.51 19.89 -63.60
C THR D 184 -23.36 20.05 -62.63
N VAL D 185 -22.14 20.02 -63.15
CA VAL D 185 -20.96 20.18 -62.32
C VAL D 185 -20.67 21.66 -62.07
N GLU D 186 -21.48 22.52 -62.68
CA GLU D 186 -21.33 23.97 -62.52
C GLU D 186 -22.22 24.48 -61.39
N VAL D 187 -21.71 24.38 -60.17
CA VAL D 187 -22.45 24.78 -58.98
C VAL D 187 -21.56 25.49 -57.96
N ASP D 188 -22.16 26.37 -57.16
CA ASP D 188 -21.42 27.04 -56.09
C ASP D 188 -21.63 26.06 -54.94
N PHE D 189 -20.87 24.97 -54.99
CA PHE D 189 -20.95 23.90 -54.01
C PHE D 189 -21.14 24.30 -52.53
N ASP D 190 -20.37 25.26 -52.04
CA ASP D 190 -20.50 25.68 -50.65
C ASP D 190 -21.78 26.48 -50.39
N ALA D 191 -22.16 27.36 -51.31
CA ALA D 191 -23.38 28.16 -51.11
C ALA D 191 -24.62 27.28 -51.12
N VAL D 192 -24.65 26.29 -52.01
CA VAL D 192 -25.78 25.38 -52.09
C VAL D 192 -25.86 24.49 -50.85
N TYR D 193 -24.70 24.02 -50.38
CA TYR D 193 -24.70 23.18 -49.17
C TYR D 193 -25.36 23.95 -48.03
N ALA D 194 -24.95 25.19 -47.83
CA ALA D 194 -25.51 26.00 -46.76
C ALA D 194 -27.00 26.24 -46.99
N SER D 195 -27.35 26.57 -48.23
CA SER D 195 -28.75 26.82 -48.55
C SER D 195 -29.61 25.60 -48.22
N VAL D 196 -29.24 24.45 -48.79
CA VAL D 196 -30.00 23.23 -48.54
C VAL D 196 -30.09 22.91 -47.07
N ARG D 197 -28.98 23.07 -46.34
CA ARG D 197 -29.00 22.80 -44.90
C ARG D 197 -30.08 23.63 -44.22
N GLY D 198 -30.11 24.94 -44.52
CA GLY D 198 -31.10 25.82 -43.92
C GLY D 198 -32.53 25.45 -44.30
N LEU D 199 -32.73 25.04 -45.55
CA LEU D 199 -34.05 24.67 -46.03
C LEU D 199 -34.58 23.41 -45.33
N LEU D 200 -33.70 22.42 -45.14
CA LEU D 200 -34.12 21.18 -44.48
C LEU D 200 -34.55 21.52 -43.05
N LEU D 201 -33.70 22.29 -42.37
CA LEU D 201 -33.94 22.72 -41.00
C LEU D 201 -35.24 23.51 -40.87
N LYS D 202 -35.45 24.45 -41.79
CA LYS D 202 -36.64 25.30 -41.79
C LYS D 202 -37.92 24.49 -42.05
N ALA D 203 -37.90 23.63 -43.06
CA ALA D 203 -39.06 22.81 -43.40
C ALA D 203 -39.39 21.86 -42.24
N PHE D 204 -38.37 21.30 -41.61
CA PHE D 204 -38.59 20.40 -40.50
C PHE D 204 -39.32 21.12 -39.34
N ALA D 205 -38.74 22.22 -38.90
CA ALA D 205 -39.28 23.00 -37.79
C ALA D 205 -40.68 23.59 -37.97
N GLU D 206 -40.88 24.29 -39.10
CA GLU D 206 -42.13 24.97 -39.37
C GLU D 206 -43.31 24.14 -39.84
N THR D 207 -43.04 22.99 -40.45
CA THR D 207 -44.13 22.14 -40.92
C THR D 207 -44.86 21.49 -39.75
N HIS D 208 -46.17 21.71 -39.65
CA HIS D 208 -46.94 21.06 -38.58
C HIS D 208 -47.04 19.62 -39.10
N SER D 209 -46.28 18.71 -38.49
CA SER D 209 -46.25 17.32 -38.96
C SER D 209 -47.43 16.42 -38.60
N LEU D 210 -47.93 15.73 -39.62
CA LEU D 210 -49.02 14.78 -39.45
C LEU D 210 -48.42 13.38 -39.53
N ALA D 211 -47.13 13.32 -39.88
CA ALA D 211 -46.37 12.08 -39.99
C ALA D 211 -44.96 12.43 -40.43
N LEU D 212 -43.97 11.62 -40.05
CA LEU D 212 -42.60 11.89 -40.44
C LEU D 212 -42.53 11.92 -41.96
N GLN D 213 -43.31 11.05 -42.61
CA GLN D 213 -43.32 11.02 -44.08
C GLN D 213 -43.67 12.40 -44.67
N GLN D 214 -44.68 13.06 -44.11
CA GLN D 214 -45.11 14.36 -44.60
C GLN D 214 -44.02 15.42 -44.41
N THR D 215 -43.40 15.42 -43.24
CA THR D 215 -42.34 16.37 -42.92
C THR D 215 -41.18 16.23 -43.90
N MET D 216 -40.78 14.99 -44.16
CA MET D 216 -39.69 14.71 -45.07
C MET D 216 -40.01 15.23 -46.47
N TYR D 217 -41.27 15.04 -46.89
CA TYR D 217 -41.70 15.49 -48.21
C TYR D 217 -41.53 17.00 -48.35
N GLU D 218 -41.98 17.74 -47.33
CA GLU D 218 -41.85 19.19 -47.36
C GLU D 218 -40.39 19.63 -47.39
N MET D 219 -39.52 18.86 -46.73
CA MET D 219 -38.09 19.13 -46.71
C MET D 219 -37.52 18.96 -48.12
N GLY D 220 -37.89 17.86 -48.76
CA GLY D 220 -37.41 17.62 -50.12
C GLY D 220 -37.93 18.66 -51.09
N ARG D 221 -39.23 18.97 -50.99
CA ARG D 221 -39.88 19.95 -51.85
C ARG D 221 -39.21 21.32 -51.81
N ALA D 222 -38.89 21.79 -50.62
CA ALA D 222 -38.26 23.10 -50.47
C ALA D 222 -36.93 23.17 -51.22
N VAL D 223 -36.14 22.09 -51.12
CA VAL D 223 -34.84 22.03 -51.79
C VAL D 223 -35.00 22.03 -53.32
N ILE D 224 -35.86 21.16 -53.84
CA ILE D 224 -36.07 21.06 -55.28
C ILE D 224 -36.61 22.38 -55.87
N GLU D 225 -37.61 22.97 -55.22
CA GLU D 225 -38.17 24.23 -55.70
C GLU D 225 -37.15 25.36 -55.66
N THR D 226 -36.25 25.30 -54.69
CA THR D 226 -35.25 26.35 -54.53
C THR D 226 -34.02 26.27 -55.44
N HIS D 227 -33.46 25.07 -55.64
CA HIS D 227 -32.27 24.95 -56.48
C HIS D 227 -32.43 24.23 -57.81
N PRO D 228 -32.22 24.96 -58.92
CA PRO D 228 -32.32 24.43 -60.30
C PRO D 228 -31.27 23.36 -60.59
N GLU D 229 -30.12 23.47 -59.96
CA GLU D 229 -29.05 22.50 -60.20
C GLU D 229 -29.25 21.14 -59.55
N ILE D 230 -30.33 20.99 -58.79
CA ILE D 230 -30.61 19.70 -58.15
C ILE D 230 -31.76 18.95 -58.83
N ASP D 231 -31.49 17.73 -59.26
CA ASP D 231 -32.52 16.92 -59.91
C ASP D 231 -33.36 16.15 -58.90
N GLU D 232 -32.75 15.80 -57.77
CA GLU D 232 -33.44 15.04 -56.73
C GLU D 232 -32.69 15.04 -55.40
N ILE D 233 -33.42 14.76 -54.33
CA ILE D 233 -32.84 14.67 -53.01
C ILE D 233 -33.42 13.46 -52.30
N LYS D 234 -32.56 12.66 -51.66
CA LYS D 234 -33.03 11.48 -50.93
C LYS D 234 -32.77 11.71 -49.46
N MET D 235 -33.70 11.24 -48.63
CA MET D 235 -33.57 11.38 -47.19
C MET D 235 -33.84 10.07 -46.48
N SER D 236 -33.08 9.82 -45.43
CA SER D 236 -33.23 8.63 -44.61
C SER D 236 -33.38 9.17 -43.21
N LEU D 237 -34.61 9.15 -42.70
CA LEU D 237 -34.88 9.68 -41.38
C LEU D 237 -35.45 8.68 -40.37
N PRO D 238 -34.70 8.40 -39.31
CA PRO D 238 -35.20 7.47 -38.30
C PRO D 238 -36.14 8.25 -37.39
N ASN D 239 -37.12 7.58 -36.81
CA ASN D 239 -38.06 8.22 -35.90
C ASN D 239 -37.53 7.80 -34.54
N LYS D 240 -36.79 8.71 -33.90
CA LYS D 240 -36.18 8.48 -32.60
C LYS D 240 -37.26 8.63 -31.55
N HIS D 241 -37.82 7.52 -31.13
CA HIS D 241 -38.91 7.52 -30.17
C HIS D 241 -38.60 7.98 -28.77
N HIS D 242 -39.37 8.97 -28.32
CA HIS D 242 -39.28 9.53 -26.98
C HIS D 242 -40.63 9.17 -26.36
N PHE D 243 -40.63 8.13 -25.55
CA PHE D 243 -41.86 7.64 -24.91
C PHE D 243 -42.19 8.44 -23.66
N LEU D 244 -43.45 8.85 -23.58
CA LEU D 244 -43.96 9.60 -22.44
C LEU D 244 -44.09 8.57 -21.31
N VAL D 245 -43.27 8.71 -20.29
CA VAL D 245 -43.26 7.78 -19.18
C VAL D 245 -44.58 7.77 -18.40
N ASP D 246 -45.00 6.58 -17.98
CA ASP D 246 -46.22 6.46 -17.19
C ASP D 246 -45.83 6.71 -15.74
N LEU D 247 -46.17 7.89 -15.23
CA LEU D 247 -45.82 8.25 -13.85
C LEU D 247 -46.98 8.01 -12.88
N GLN D 248 -48.12 7.55 -13.39
CA GLN D 248 -49.27 7.30 -12.52
C GLN D 248 -48.95 6.34 -11.36
N PRO D 249 -48.06 5.35 -11.58
CA PRO D 249 -47.73 4.44 -10.47
C PRO D 249 -46.96 5.12 -9.35
N PHE D 250 -46.60 6.40 -9.56
CA PHE D 250 -45.85 7.14 -8.56
C PHE D 250 -46.70 8.28 -8.03
N GLY D 251 -47.97 8.31 -8.46
CA GLY D 251 -48.90 9.35 -8.02
C GLY D 251 -48.75 10.66 -8.75
N GLN D 252 -48.35 10.60 -10.01
CA GLN D 252 -48.17 11.82 -10.79
C GLN D 252 -48.78 11.68 -12.18
N ASP D 253 -48.98 12.82 -12.83
CA ASP D 253 -49.49 12.84 -14.19
C ASP D 253 -48.28 13.21 -15.06
N ASN D 254 -48.43 13.17 -16.37
CA ASN D 254 -47.32 13.52 -17.25
C ASN D 254 -47.87 14.24 -18.47
N PRO D 255 -48.07 15.56 -18.33
CA PRO D 255 -48.60 16.43 -19.39
C PRO D 255 -47.59 16.70 -20.50
N ASN D 256 -47.14 15.64 -21.15
CA ASN D 256 -46.18 15.74 -22.25
C ASN D 256 -44.87 16.40 -21.82
N GLU D 257 -44.36 16.01 -20.65
CA GLU D 257 -43.12 16.61 -20.16
C GLU D 257 -41.93 15.67 -19.93
N VAL D 258 -42.16 14.51 -19.32
CA VAL D 258 -41.08 13.57 -19.04
C VAL D 258 -41.03 12.42 -20.06
N PHE D 259 -39.91 12.32 -20.76
CA PHE D 259 -39.74 11.29 -21.77
C PHE D 259 -38.53 10.37 -21.62
N TYR D 260 -38.68 9.20 -22.21
CA TYR D 260 -37.63 8.18 -22.23
C TYR D 260 -37.21 8.04 -23.69
N ALA D 261 -35.96 8.40 -23.99
CA ALA D 261 -35.45 8.32 -25.35
C ALA D 261 -34.87 6.94 -25.61
N ALA D 262 -35.65 6.11 -26.31
CA ALA D 262 -35.22 4.75 -26.62
C ALA D 262 -34.16 4.74 -27.70
N ASP D 263 -33.24 3.79 -27.60
CA ASP D 263 -32.17 3.61 -28.58
C ASP D 263 -32.77 2.87 -29.77
N ARG D 264 -33.23 1.65 -29.51
CA ARG D 264 -33.83 0.80 -30.54
C ARG D 264 -35.04 0.03 -29.99
N PRO D 265 -35.96 -0.37 -30.87
CA PRO D 265 -35.89 -0.12 -32.32
C PRO D 265 -36.29 1.31 -32.60
N TYR D 266 -36.32 1.68 -33.88
CA TYR D 266 -36.73 3.01 -34.28
C TYR D 266 -37.34 2.95 -35.68
N GLY D 267 -38.31 3.82 -35.95
CA GLY D 267 -38.91 3.85 -37.26
C GLY D 267 -37.86 4.37 -38.22
N LEU D 268 -37.88 3.89 -39.46
CA LEU D 268 -36.93 4.35 -40.47
C LEU D 268 -37.75 4.74 -41.68
N ILE D 269 -37.92 6.04 -41.85
CA ILE D 269 -38.70 6.60 -42.93
C ILE D 269 -37.78 7.15 -44.01
N GLU D 270 -37.93 6.63 -45.23
CA GLU D 270 -37.08 7.03 -46.34
C GLU D 270 -37.85 7.32 -47.61
N ALA D 271 -37.40 8.34 -48.35
CA ALA D 271 -38.04 8.71 -49.59
C ALA D 271 -37.17 9.59 -50.47
N THR D 272 -37.52 9.63 -51.75
CA THR D 272 -36.83 10.42 -52.75
C THR D 272 -37.81 11.46 -53.31
N ILE D 273 -37.40 12.73 -53.29
CA ILE D 273 -38.23 13.81 -53.82
C ILE D 273 -37.45 14.39 -55.00
N GLN D 274 -38.00 14.27 -56.21
CA GLN D 274 -37.31 14.76 -57.38
C GLN D 274 -38.06 15.73 -58.29
N ARG D 275 -37.30 16.40 -59.13
CA ARG D 275 -37.83 17.36 -60.10
C ARG D 275 -38.60 16.54 -61.13
N GLU D 276 -39.80 16.98 -61.50
CA GLU D 276 -40.59 16.23 -62.46
C GLU D 276 -39.87 16.07 -63.80
N GLY D 277 -39.93 14.86 -64.34
CA GLY D 277 -39.29 14.59 -65.61
C GLY D 277 -37.83 14.20 -65.49
N SER D 278 -37.29 14.27 -64.28
CA SER D 278 -35.88 13.92 -64.06
C SER D 278 -35.69 12.41 -64.10
N ARG D 279 -34.43 12.00 -64.17
CA ARG D 279 -34.07 10.59 -64.26
C ARG D 279 -34.56 9.75 -63.08
N ALA D 280 -35.03 8.54 -63.39
CA ALA D 280 -35.57 7.61 -62.41
C ALA D 280 -34.57 7.08 -61.37
N ASP D 281 -33.59 6.31 -61.81
CA ASP D 281 -32.62 5.73 -60.89
C ASP D 281 -31.18 5.78 -61.36
N HIS D 282 -30.54 6.93 -61.13
CA HIS D 282 -29.16 7.11 -61.52
C HIS D 282 -28.30 6.03 -60.84
N PRO D 283 -27.27 5.53 -61.53
CA PRO D 283 -26.38 4.50 -60.99
C PRO D 283 -25.65 4.91 -59.70
N ILE D 284 -25.28 6.18 -59.60
CA ILE D 284 -24.55 6.68 -58.44
C ILE D 284 -25.21 6.27 -57.12
N TRP D 285 -26.52 6.06 -57.16
CA TRP D 285 -27.22 5.66 -55.95
C TRP D 285 -26.92 4.22 -55.55
N SER D 286 -26.34 3.46 -56.46
CA SER D 286 -26.01 2.06 -56.18
C SER D 286 -24.64 1.87 -55.51
N ASN D 287 -23.77 2.86 -55.64
CA ASN D 287 -22.44 2.81 -55.03
C ASN D 287 -21.59 1.61 -55.42
N THR E 1 23.02 -35.30 57.00
CA THR E 1 22.40 -35.79 58.26
C THR E 1 21.15 -34.99 58.61
N LYS E 2 21.27 -34.11 59.61
CA LYS E 2 20.15 -33.29 60.04
C LYS E 2 20.14 -31.91 59.37
N VAL E 3 19.06 -31.63 58.65
CA VAL E 3 18.90 -30.37 57.95
C VAL E 3 18.26 -29.34 58.89
N VAL E 4 18.79 -28.12 58.88
CA VAL E 4 18.27 -27.07 59.75
C VAL E 4 18.05 -25.73 59.07
N LEU E 5 17.04 -25.01 59.53
CA LEU E 5 16.74 -23.69 58.99
C LEU E 5 17.64 -22.68 59.69
N GLY E 6 18.43 -21.95 58.90
CA GLY E 6 19.34 -20.96 59.45
C GLY E 6 18.75 -19.57 59.36
N GLN E 7 19.59 -18.58 59.06
CA GLN E 7 19.12 -17.20 58.93
C GLN E 7 18.01 -17.14 57.88
N ASN E 8 17.10 -16.18 58.04
CA ASN E 8 16.00 -16.04 57.08
C ASN E 8 15.23 -14.76 57.34
N GLN E 9 14.66 -14.22 56.27
CA GLN E 9 13.88 -12.99 56.31
C GLN E 9 12.91 -13.01 55.12
N TYR E 10 11.83 -12.25 55.22
CA TYR E 10 10.85 -12.20 54.14
C TYR E 10 10.07 -10.90 54.25
N GLY E 11 9.45 -10.49 53.14
CA GLY E 11 8.67 -9.26 53.15
C GLY E 11 8.30 -8.80 51.76
N LYS E 12 7.99 -7.52 51.63
CA LYS E 12 7.63 -7.00 50.33
C LYS E 12 8.73 -6.09 49.81
N ALA E 13 9.17 -6.34 48.57
CA ALA E 13 10.24 -5.55 47.99
C ALA E 13 9.74 -4.57 46.94
N GLU E 14 10.49 -3.48 46.80
CA GLU E 14 10.21 -2.43 45.83
C GLU E 14 8.77 -1.94 45.73
N VAL E 15 8.27 -1.43 46.84
CA VAL E 15 6.94 -0.86 46.90
C VAL E 15 7.13 0.59 46.50
N ARG E 16 6.68 0.92 45.29
CA ARG E 16 6.85 2.28 44.78
C ARG E 16 5.79 3.21 45.36
N LEU E 17 6.28 4.17 46.13
CA LEU E 17 5.44 5.13 46.82
C LEU E 17 5.75 6.57 46.46
N VAL E 18 4.70 7.32 46.12
CA VAL E 18 4.83 8.73 45.81
C VAL E 18 3.88 9.47 46.74
N LYS E 19 4.47 10.31 47.60
CA LYS E 19 3.68 11.09 48.56
C LYS E 19 3.65 12.56 48.17
N VAL E 20 2.45 13.07 47.94
CA VAL E 20 2.29 14.48 47.59
C VAL E 20 1.79 15.26 48.80
N THR E 21 2.49 16.34 49.14
CA THR E 21 2.07 17.17 50.26
C THR E 21 1.40 18.37 49.61
N ARG E 22 0.07 18.45 49.74
CA ARG E 22 -0.68 19.53 49.12
C ARG E 22 -1.68 20.26 50.02
N ASN E 23 -1.33 20.45 51.29
CA ASN E 23 -2.23 21.18 52.17
C ASN E 23 -2.21 22.64 51.73
N THR E 24 -1.11 23.05 51.09
CA THR E 24 -0.97 24.40 50.56
C THR E 24 -0.86 24.25 49.04
N ALA E 25 -0.95 25.36 48.32
CA ALA E 25 -0.87 25.33 46.86
C ALA E 25 0.54 24.99 46.40
N ARG E 26 1.48 25.05 47.32
CA ARG E 26 2.87 24.75 47.03
C ARG E 26 3.08 23.27 47.32
N HIS E 27 2.86 22.42 46.31
CA HIS E 27 2.98 20.98 46.49
C HIS E 27 4.41 20.46 46.66
N GLU E 28 4.54 19.42 47.48
CA GLU E 28 5.82 18.77 47.75
C GLU E 28 5.73 17.33 47.23
N ILE E 29 6.85 16.78 46.78
CA ILE E 29 6.86 15.42 46.28
C ILE E 29 7.90 14.56 47.00
N GLN E 30 7.46 13.40 47.49
CA GLN E 30 8.36 12.45 48.13
C GLN E 30 8.21 11.16 47.34
N ASP E 31 9.32 10.71 46.75
CA ASP E 31 9.34 9.52 45.91
C ASP E 31 10.23 8.42 46.50
N LEU E 32 9.64 7.27 46.80
CA LEU E 32 10.41 6.18 47.38
C LEU E 32 10.20 4.78 46.81
N ASN E 33 11.24 3.97 46.91
CA ASN E 33 11.18 2.57 46.49
C ASN E 33 11.47 1.86 47.82
N VAL E 34 10.40 1.43 48.49
CA VAL E 34 10.50 0.79 49.80
C VAL E 34 10.43 -0.74 49.84
N THR E 35 11.36 -1.32 50.59
CA THR E 35 11.42 -2.76 50.78
C THR E 35 11.32 -3.01 52.29
N SER E 36 10.49 -3.99 52.65
CA SER E 36 10.26 -4.34 54.05
C SER E 36 10.36 -5.86 54.23
N GLN E 37 11.19 -6.28 55.18
CA GLN E 37 11.36 -7.71 55.46
C GLN E 37 11.45 -7.94 56.96
N LEU E 38 10.78 -9.00 57.42
CA LEU E 38 10.75 -9.29 58.83
C LEU E 38 11.65 -10.47 59.25
N ARG E 39 12.16 -10.36 60.47
CA ARG E 39 13.02 -11.39 61.04
C ARG E 39 12.40 -11.84 62.35
N GLY E 40 12.40 -13.15 62.58
CA GLY E 40 11.84 -13.67 63.80
C GLY E 40 11.73 -15.19 63.79
N ASP E 41 10.75 -15.70 64.51
CA ASP E 41 10.54 -17.14 64.57
C ASP E 41 9.59 -17.59 63.46
N PHE E 42 10.16 -18.02 62.35
CA PHE E 42 9.38 -18.47 61.20
C PHE E 42 9.66 -19.92 60.90
N GLU E 43 10.12 -20.62 61.93
CA GLU E 43 10.46 -22.03 61.86
C GLU E 43 9.33 -22.85 61.24
N ALA E 44 8.18 -22.87 61.89
CA ALA E 44 7.02 -23.63 61.42
C ALA E 44 6.57 -23.26 60.02
N ALA E 45 6.70 -21.99 59.66
CA ALA E 45 6.30 -21.54 58.33
C ALA E 45 7.11 -22.25 57.27
N HIS E 46 8.40 -22.41 57.52
CA HIS E 46 9.28 -23.08 56.57
C HIS E 46 9.21 -24.59 56.65
N THR E 47 9.28 -25.13 57.86
CA THR E 47 9.28 -26.58 58.07
C THR E 47 7.96 -27.32 57.92
N ALA E 48 6.85 -26.67 58.21
CA ALA E 48 5.55 -27.34 58.09
C ALA E 48 4.52 -26.59 57.26
N GLY E 49 4.83 -25.35 56.91
CA GLY E 49 3.87 -24.58 56.13
C GLY E 49 2.78 -24.00 56.99
N ASP E 50 3.08 -23.79 58.26
CA ASP E 50 2.13 -23.20 59.20
C ASP E 50 2.38 -21.69 59.16
N ASN E 51 1.42 -20.95 58.61
CA ASN E 51 1.57 -19.51 58.47
C ASN E 51 1.01 -18.61 59.55
N ALA E 52 0.80 -19.14 60.74
CA ALA E 52 0.27 -18.32 61.84
C ALA E 52 1.20 -17.15 62.16
N HIS E 53 2.49 -17.32 61.89
CA HIS E 53 3.47 -16.27 62.17
C HIS E 53 3.79 -15.43 60.94
N VAL E 54 3.23 -15.79 59.79
CA VAL E 54 3.54 -15.07 58.57
C VAL E 54 2.72 -13.82 58.24
N VAL E 55 3.17 -12.67 58.74
CA VAL E 55 2.50 -11.41 58.44
C VAL E 55 2.67 -11.23 56.93
N ALA E 56 1.59 -11.43 56.19
CA ALA E 56 1.60 -11.34 54.72
C ALA E 56 2.45 -10.22 54.12
N THR E 57 3.17 -10.54 53.05
CA THR E 57 3.99 -9.53 52.39
C THR E 57 3.02 -8.45 51.87
N ASP E 58 1.82 -8.88 51.47
CA ASP E 58 0.82 -7.94 50.98
C ASP E 58 0.45 -6.94 52.10
N THR E 59 0.39 -7.43 53.34
CA THR E 59 0.07 -6.60 54.50
C THR E 59 1.18 -5.59 54.82
N GLN E 60 2.43 -6.01 54.64
CA GLN E 60 3.55 -5.12 54.87
C GLN E 60 3.43 -4.00 53.84
N LYS E 61 3.01 -4.37 52.64
CA LYS E 61 2.81 -3.42 51.57
C LYS E 61 1.75 -2.40 51.96
N ASN E 62 0.55 -2.88 52.32
CA ASN E 62 -0.55 -2.01 52.72
C ASN E 62 -0.14 -1.07 53.86
N THR E 63 0.73 -1.56 54.74
CA THR E 63 1.17 -0.78 55.88
C THR E 63 2.00 0.42 55.44
N VAL E 64 2.83 0.24 54.41
CA VAL E 64 3.64 1.33 53.91
C VAL E 64 2.73 2.47 53.45
N TYR E 65 1.79 2.16 52.56
CA TYR E 65 0.87 3.18 52.04
C TYR E 65 0.01 3.80 53.14
N ALA E 66 -0.48 2.96 54.06
CA ALA E 66 -1.30 3.47 55.15
C ALA E 66 -0.48 4.46 55.98
N PHE E 67 0.74 4.07 56.37
CA PHE E 67 1.60 4.95 57.17
C PHE E 67 2.00 6.23 56.42
N ALA E 68 2.11 6.12 55.10
CA ALA E 68 2.49 7.26 54.28
C ALA E 68 1.43 8.36 54.35
N ARG E 69 0.20 7.97 54.68
CA ARG E 69 -0.89 8.93 54.78
C ARG E 69 -0.59 10.01 55.81
N ASP E 70 0.07 9.61 56.91
CA ASP E 70 0.41 10.53 57.98
C ASP E 70 1.58 11.43 57.61
N GLY E 71 2.26 11.07 56.54
CA GLY E 71 3.40 11.86 56.12
C GLY E 71 4.64 11.45 56.90
N PHE E 72 5.78 12.01 56.50
CA PHE E 72 7.05 11.74 57.15
C PHE E 72 8.03 12.85 56.79
N ALA E 73 8.86 13.23 57.74
CA ALA E 73 9.83 14.31 57.51
C ALA E 73 10.99 13.86 56.62
N THR E 74 11.50 12.67 56.89
CA THR E 74 12.61 12.12 56.13
C THR E 74 12.42 10.63 55.86
N THR E 75 13.17 10.10 54.90
CA THR E 75 13.09 8.69 54.55
C THR E 75 13.42 7.82 55.78
N GLU E 76 14.54 8.11 56.43
CA GLU E 76 14.96 7.36 57.60
C GLU E 76 13.88 7.36 58.67
N GLU E 77 13.22 8.51 58.84
CA GLU E 77 12.15 8.63 59.83
C GLU E 77 11.04 7.65 59.46
N PHE E 78 10.76 7.55 58.16
CA PHE E 78 9.71 6.68 57.64
C PHE E 78 10.04 5.21 57.89
N LEU E 79 11.29 4.82 57.62
CA LEU E 79 11.69 3.44 57.83
C LEU E 79 11.65 3.11 59.33
N LEU E 80 12.09 4.04 60.17
CA LEU E 80 12.06 3.82 61.62
C LEU E 80 10.65 3.47 62.10
N ARG E 81 9.66 4.22 61.61
CA ARG E 81 8.28 3.97 61.99
C ARG E 81 7.81 2.57 61.60
N LEU E 82 8.18 2.09 60.41
CA LEU E 82 7.76 0.76 59.97
C LEU E 82 8.45 -0.31 60.84
N GLY E 83 9.74 -0.11 61.10
CA GLY E 83 10.48 -1.07 61.90
C GLY E 83 9.89 -1.30 63.29
N LYS E 84 9.58 -0.21 63.98
CA LYS E 84 9.01 -0.29 65.32
C LYS E 84 7.62 -0.91 65.29
N HIS E 85 6.81 -0.54 64.32
CA HIS E 85 5.47 -1.09 64.20
C HIS E 85 5.48 -2.62 64.14
N PHE E 86 6.22 -3.16 63.18
CA PHE E 86 6.29 -4.61 63.00
C PHE E 86 6.95 -5.36 64.15
N THR E 87 8.08 -4.86 64.65
CA THR E 87 8.76 -5.53 65.76
C THR E 87 7.86 -5.57 67.00
N GLU E 88 7.34 -4.40 67.37
CA GLU E 88 6.47 -4.29 68.55
C GLU E 88 5.09 -4.89 68.35
N GLY E 89 4.54 -4.74 67.15
CA GLY E 89 3.22 -5.26 66.87
C GLY E 89 3.07 -6.77 66.79
N PHE E 90 4.17 -7.50 66.87
CA PHE E 90 4.14 -8.97 66.81
C PHE E 90 5.26 -9.54 67.66
N ASP E 91 4.92 -10.49 68.53
CA ASP E 91 5.89 -11.11 69.43
C ASP E 91 6.90 -12.07 68.80
N TRP E 92 6.52 -12.73 67.72
CA TRP E 92 7.44 -13.67 67.06
C TRP E 92 8.33 -12.95 66.06
N VAL E 93 8.22 -11.63 66.03
CA VAL E 93 9.02 -10.78 65.15
C VAL E 93 10.03 -10.05 66.03
N THR E 94 11.30 -10.46 65.96
CA THR E 94 12.33 -9.85 66.78
C THR E 94 13.12 -8.73 66.12
N GLY E 95 12.91 -8.54 64.83
CA GLY E 95 13.62 -7.49 64.13
C GLY E 95 13.31 -7.52 62.66
N GLY E 96 14.20 -6.93 61.86
CA GLY E 96 13.97 -6.93 60.43
C GLY E 96 14.92 -6.03 59.68
N ARG E 97 14.60 -5.80 58.41
CA ARG E 97 15.41 -4.97 57.53
C ARG E 97 14.51 -4.13 56.61
N TRP E 98 14.56 -2.82 56.79
CA TRP E 98 13.76 -1.90 56.00
C TRP E 98 14.65 -0.91 55.27
N ALA E 99 14.61 -0.94 53.94
CA ALA E 99 15.43 -0.07 53.12
C ALA E 99 14.60 0.70 52.10
N ALA E 100 15.20 1.76 51.57
CA ALA E 100 14.51 2.59 50.58
C ALA E 100 15.48 3.38 49.73
N GLN E 101 14.99 3.75 48.55
CA GLN E 101 15.74 4.57 47.63
C GLN E 101 14.89 5.83 47.55
N GLN E 102 15.52 6.99 47.49
CA GLN E 102 14.78 8.24 47.42
C GLN E 102 15.17 8.88 46.09
N PHE E 103 14.17 9.20 45.27
CA PHE E 103 14.40 9.81 43.96
C PHE E 103 14.11 11.30 44.04
N PHE E 104 15.01 12.12 43.54
CA PHE E 104 14.84 13.56 43.60
C PHE E 104 14.05 14.23 42.46
N TRP E 105 13.35 15.29 42.82
CA TRP E 105 12.54 16.06 41.88
C TRP E 105 12.84 17.55 41.99
N ASP E 106 12.87 18.23 40.85
CA ASP E 106 13.11 19.66 40.82
C ASP E 106 11.88 20.31 40.21
N ARG E 107 11.47 21.44 40.74
CA ARG E 107 10.31 22.13 40.18
C ARG E 107 10.66 22.63 38.78
N ILE E 108 9.67 22.62 37.90
CA ILE E 108 9.83 23.12 36.54
C ILE E 108 9.60 24.62 36.64
N ASN E 109 10.67 25.41 36.58
CA ASN E 109 10.57 26.86 36.68
C ASN E 109 9.87 27.30 37.97
N ASP E 110 10.26 26.72 39.09
CA ASP E 110 9.69 27.06 40.39
C ASP E 110 8.17 26.90 40.47
N HIS E 111 7.62 26.07 39.58
CA HIS E 111 6.17 25.84 39.54
C HIS E 111 5.67 25.18 40.81
N ASP E 112 4.47 25.58 41.24
CA ASP E 112 3.84 25.06 42.45
C ASP E 112 3.55 23.56 42.45
N HIS E 113 3.17 23.00 41.31
CA HIS E 113 2.87 21.57 41.25
C HIS E 113 3.31 20.88 39.97
N ALA E 114 4.43 21.33 39.41
CA ALA E 114 4.98 20.74 38.18
C ALA E 114 6.47 20.50 38.44
N PHE E 115 6.92 19.27 38.20
CA PHE E 115 8.31 18.92 38.45
C PHE E 115 8.94 18.03 37.39
N SER E 116 10.27 17.92 37.43
CA SER E 116 11.02 17.06 36.53
C SER E 116 11.97 16.29 37.43
N ARG E 117 12.15 15.01 37.13
CA ARG E 117 13.02 14.16 37.92
C ARG E 117 14.50 14.44 37.73
N ASN E 118 15.23 14.46 38.85
CA ASN E 118 16.67 14.68 38.87
C ASN E 118 17.21 13.26 38.99
N LYS E 119 17.85 12.77 37.93
CA LYS E 119 18.36 11.41 37.94
C LYS E 119 19.87 11.27 38.18
N SER E 120 20.52 12.39 38.46
CA SER E 120 21.97 12.40 38.66
C SER E 120 22.48 11.63 39.87
N GLU E 121 21.58 11.24 40.76
CA GLU E 121 21.97 10.47 41.95
C GLU E 121 20.73 9.91 42.62
N VAL E 122 20.93 8.87 43.41
CA VAL E 122 19.84 8.24 44.15
C VAL E 122 20.26 8.07 45.59
N ARG E 123 19.41 8.52 46.51
CA ARG E 123 19.68 8.42 47.93
C ARG E 123 19.13 7.11 48.50
N THR E 124 19.90 6.48 49.37
CA THR E 124 19.46 5.23 49.97
C THR E 124 19.50 5.27 51.49
N ALA E 125 18.74 4.37 52.11
CA ALA E 125 18.66 4.29 53.56
C ALA E 125 18.24 2.87 53.91
N VAL E 126 18.91 2.29 54.90
CA VAL E 126 18.62 0.94 55.35
C VAL E 126 18.56 0.94 56.87
N LEU E 127 17.54 0.31 57.41
CA LEU E 127 17.36 0.20 58.85
C LEU E 127 17.32 -1.27 59.20
N GLU E 128 18.11 -1.66 60.19
CA GLU E 128 18.12 -3.03 60.63
C GLU E 128 17.93 -3.03 62.14
N ILE E 129 17.00 -3.87 62.59
CA ILE E 129 16.67 -4.00 64.00
C ILE E 129 16.91 -5.44 64.45
N SER E 130 17.66 -5.58 65.54
CA SER E 130 17.96 -6.89 66.09
C SER E 130 17.54 -6.79 67.54
N GLY E 131 16.32 -7.24 67.82
CA GLY E 131 15.82 -7.18 69.17
C GLY E 131 15.83 -5.74 69.63
N SER E 132 16.72 -5.44 70.57
CA SER E 132 16.84 -4.11 71.13
C SER E 132 17.68 -3.17 70.27
N GLU E 133 18.52 -3.74 69.41
CA GLU E 133 19.40 -2.91 68.58
C GLU E 133 18.79 -2.34 67.31
N GLN E 134 19.09 -1.07 67.07
CA GLN E 134 18.64 -0.34 65.91
C GLN E 134 19.85 0.27 65.21
N ALA E 135 20.00 -0.02 63.92
CA ALA E 135 21.12 0.50 63.15
C ALA E 135 20.64 1.10 61.82
N ILE E 136 21.17 2.27 61.49
CA ILE E 136 20.79 2.96 60.26
C ILE E 136 21.99 3.28 59.37
N VAL E 137 21.86 2.96 58.09
CA VAL E 137 22.92 3.24 57.12
C VAL E 137 22.32 4.02 55.96
N ALA E 138 22.83 5.23 55.73
CA ALA E 138 22.36 6.06 54.64
C ALA E 138 23.47 6.11 53.58
N GLY E 139 23.10 6.41 52.34
CA GLY E 139 24.09 6.48 51.28
C GLY E 139 23.66 7.21 50.03
N ILE E 140 24.54 7.19 49.04
CA ILE E 140 24.31 7.85 47.75
C ILE E 140 24.83 6.89 46.68
N GLU E 141 24.22 6.92 45.51
CA GLU E 141 24.66 6.04 44.43
C GLU E 141 24.29 6.62 43.07
N GLY E 142 24.90 6.08 42.02
CA GLY E 142 24.62 6.54 40.67
C GLY E 142 25.10 7.94 40.34
N LEU E 143 25.96 8.51 41.18
CA LEU E 143 26.51 9.84 40.95
C LEU E 143 27.84 9.67 40.24
N THR E 144 27.84 9.87 38.92
CA THR E 144 29.04 9.72 38.11
C THR E 144 29.88 11.00 38.08
N VAL E 145 31.17 10.84 38.27
CA VAL E 145 32.06 12.00 38.28
C VAL E 145 33.30 11.74 37.44
N LEU E 146 33.97 12.82 37.04
CA LEU E 146 35.16 12.69 36.21
C LEU E 146 36.09 13.90 36.30
N LYS E 147 37.39 13.62 36.28
CA LYS E 147 38.41 14.67 36.30
C LYS E 147 39.11 14.52 34.97
N SER E 148 39.29 15.62 34.25
CA SER E 148 39.95 15.56 32.95
C SER E 148 41.48 15.54 33.14
N THR E 149 41.92 15.92 34.33
CA THR E 149 43.33 15.91 34.66
C THR E 149 43.47 15.96 36.18
N GLY E 150 44.69 16.09 36.67
CA GLY E 150 44.91 16.12 38.10
C GLY E 150 44.85 14.72 38.68
N SER E 151 45.32 13.75 37.88
CA SER E 151 45.32 12.35 38.29
C SER E 151 46.46 11.60 37.63
N GLU E 152 47.13 10.75 38.41
CA GLU E 152 48.22 9.95 37.88
C GLU E 152 48.29 8.58 38.53
N PHE E 153 49.00 7.66 37.88
CA PHE E 153 49.15 6.31 38.38
C PHE E 153 50.48 5.77 37.92
N HIS E 154 51.37 5.53 38.88
CA HIS E 154 52.72 5.04 38.60
C HIS E 154 53.33 4.54 39.89
N GLY E 155 54.45 3.84 39.77
CA GLY E 155 55.11 3.31 40.95
C GLY E 155 54.57 1.94 41.33
N PHE E 156 53.67 1.41 40.51
CA PHE E 156 53.09 0.10 40.78
C PHE E 156 53.99 -1.01 40.26
N PRO E 157 53.89 -2.21 40.87
CA PRO E 157 54.66 -3.40 40.50
C PRO E 157 54.57 -3.78 39.03
N ARG E 158 55.67 -4.28 38.48
CA ARG E 158 55.69 -4.72 37.10
C ARG E 158 56.12 -6.17 37.03
N ASP E 159 55.26 -7.01 36.47
CA ASP E 159 55.57 -8.44 36.36
C ASP E 159 55.39 -8.90 34.91
N LYS E 160 55.63 -10.19 34.69
CA LYS E 160 55.51 -10.79 33.36
C LYS E 160 54.21 -10.46 32.66
N TYR E 161 53.21 -10.05 33.42
CA TYR E 161 51.91 -9.71 32.86
C TYR E 161 51.58 -8.23 32.87
N THR E 162 52.49 -7.40 33.37
CA THR E 162 52.24 -5.97 33.43
C THR E 162 52.59 -5.26 32.13
N THR E 163 51.61 -4.57 31.55
CA THR E 163 51.80 -3.83 30.31
C THR E 163 51.40 -2.37 30.53
N LEU E 164 50.59 -2.14 31.55
CA LEU E 164 50.11 -0.79 31.85
C LEU E 164 51.27 0.19 31.93
N GLN E 165 51.13 1.32 31.24
CA GLN E 165 52.17 2.33 31.23
C GLN E 165 51.96 3.39 32.29
N GLU E 166 53.03 3.73 33.01
CA GLU E 166 52.94 4.73 34.06
C GLU E 166 52.47 6.02 33.43
N THR E 167 51.82 6.86 34.22
CA THR E 167 51.32 8.13 33.72
C THR E 167 51.12 9.15 34.83
N THR E 168 51.29 10.43 34.48
CA THR E 168 51.11 11.51 35.45
C THR E 168 49.94 12.41 35.07
N ASP E 169 49.22 12.03 34.02
CA ASP E 169 48.07 12.81 33.55
C ASP E 169 47.08 11.89 32.83
N ARG E 170 45.98 11.59 33.51
CA ARG E 170 44.97 10.71 32.94
C ARG E 170 43.60 11.17 33.44
N ILE E 171 42.55 10.59 32.90
CA ILE E 171 41.19 10.90 33.32
C ILE E 171 40.85 9.96 34.46
N LEU E 172 40.13 10.45 35.44
CA LEU E 172 39.69 9.64 36.57
C LEU E 172 38.18 9.78 36.62
N ALA E 173 37.48 8.74 36.22
CA ALA E 173 36.02 8.76 36.21
C ALA E 173 35.48 7.60 37.00
N THR E 174 34.41 7.84 37.75
CA THR E 174 33.82 6.78 38.56
C THR E 174 32.37 7.10 38.90
N ASP E 175 31.70 6.14 39.51
CA ASP E 175 30.32 6.30 39.95
C ASP E 175 30.40 6.30 41.47
N VAL E 176 30.09 7.42 42.10
CA VAL E 176 30.15 7.48 43.56
C VAL E 176 29.06 6.64 44.19
N SER E 177 29.49 5.61 44.90
CA SER E 177 28.57 4.70 45.58
C SER E 177 29.09 4.62 47.01
N ALA E 178 28.41 5.30 47.93
CA ALA E 178 28.84 5.32 49.33
C ALA E 178 27.72 5.06 50.32
N ARG E 179 28.09 4.46 51.45
CA ARG E 179 27.15 4.16 52.52
C ARG E 179 27.89 4.32 53.84
N TRP E 180 27.26 5.04 54.77
CA TRP E 180 27.86 5.30 56.08
C TRP E 180 26.91 4.88 57.19
N ARG E 181 27.48 4.46 58.32
CA ARG E 181 26.68 4.02 59.46
C ARG E 181 26.60 5.06 60.56
N TYR E 182 25.38 5.38 60.97
CA TYR E 182 25.14 6.35 62.03
C TYR E 182 25.30 5.68 63.38
N ASN E 183 25.96 6.36 64.32
CA ASN E 183 26.18 5.80 65.66
C ASN E 183 25.09 6.23 66.63
N THR E 184 24.14 7.00 66.13
CA THR E 184 23.01 7.49 66.94
C THR E 184 21.83 7.75 66.04
N VAL E 185 20.62 7.54 66.56
CA VAL E 185 19.44 7.77 65.74
C VAL E 185 19.06 9.25 65.70
N GLU E 186 19.64 10.07 66.58
CA GLU E 186 19.31 11.48 66.58
C GLU E 186 20.22 12.22 65.60
N VAL E 187 19.83 12.18 64.33
CA VAL E 187 20.58 12.80 63.25
C VAL E 187 19.67 13.60 62.34
N ASP E 188 20.14 14.77 61.90
CA ASP E 188 19.38 15.59 60.98
C ASP E 188 19.71 14.91 59.65
N PHE E 189 19.04 13.79 59.39
CA PHE E 189 19.27 12.99 58.20
C PHE E 189 19.46 13.74 56.89
N ASP E 190 18.60 14.71 56.59
CA ASP E 190 18.74 15.46 55.35
C ASP E 190 19.97 16.36 55.35
N ALA E 191 20.18 17.10 56.44
CA ALA E 191 21.34 18.00 56.52
C ALA E 191 22.63 17.22 56.36
N VAL E 192 22.74 16.09 57.05
CA VAL E 192 23.93 15.26 56.98
C VAL E 192 24.14 14.65 55.58
N TYR E 193 23.05 14.22 54.94
CA TYR E 193 23.17 13.65 53.60
C TYR E 193 23.75 14.67 52.62
N ALA E 194 23.20 15.89 52.66
CA ALA E 194 23.69 16.96 51.78
C ALA E 194 25.16 17.24 52.06
N SER E 195 25.50 17.28 53.35
CA SER E 195 26.87 17.56 53.77
C SER E 195 27.83 16.51 53.22
N VAL E 196 27.60 15.25 53.58
CA VAL E 196 28.44 14.15 53.13
C VAL E 196 28.59 14.15 51.60
N ARG E 197 27.49 14.41 50.91
CA ARG E 197 27.51 14.46 49.45
C ARG E 197 28.51 15.51 49.00
N GLY E 198 28.39 16.70 49.57
CA GLY E 198 29.31 17.77 49.21
C GLY E 198 30.75 17.42 49.55
N LEU E 199 30.94 16.76 50.69
CA LEU E 199 32.28 16.37 51.13
C LEU E 199 32.91 15.34 50.18
N LEU E 200 32.12 14.35 49.75
CA LEU E 200 32.63 13.33 48.84
C LEU E 200 32.98 13.95 47.49
N LEU E 201 32.12 14.85 47.01
CA LEU E 201 32.34 15.53 45.74
C LEU E 201 33.58 16.42 45.84
N LYS E 202 33.67 17.17 46.91
CA LYS E 202 34.79 18.08 47.14
C LYS E 202 36.12 17.35 47.16
N ALA E 203 36.21 16.31 47.99
CA ALA E 203 37.43 15.54 48.10
C ALA E 203 37.81 14.92 46.75
N PHE E 204 36.81 14.41 46.02
CA PHE E 204 37.10 13.80 44.73
C PHE E 204 37.76 14.77 43.76
N ALA E 205 37.20 15.96 43.66
CA ALA E 205 37.71 16.97 42.75
C ALA E 205 39.02 17.68 43.13
N GLU E 206 39.22 17.97 44.42
CA GLU E 206 40.41 18.69 44.84
C GLU E 206 41.65 17.86 45.11
N THR E 207 41.47 16.59 45.43
CA THR E 207 42.61 15.73 45.70
C THR E 207 43.40 15.43 44.43
N HIS E 208 44.68 15.81 44.41
CA HIS E 208 45.50 15.50 43.24
C HIS E 208 45.77 14.00 43.35
N SER E 209 44.85 13.20 42.81
CA SER E 209 44.94 11.76 42.88
C SER E 209 46.19 11.09 42.34
N LEU E 210 46.72 10.15 43.13
CA LEU E 210 47.89 9.37 42.76
C LEU E 210 47.43 7.93 42.60
N ALA E 211 46.14 7.71 42.81
CA ALA E 211 45.51 6.39 42.68
C ALA E 211 44.06 6.52 43.13
N LEU E 212 43.16 5.73 42.54
CA LEU E 212 41.76 5.81 42.93
C LEU E 212 41.66 5.52 44.43
N GLN E 213 42.54 4.65 44.92
CA GLN E 213 42.55 4.30 46.34
C GLN E 213 42.76 5.51 47.25
N GLN E 214 43.70 6.38 46.90
CA GLN E 214 43.95 7.55 47.74
C GLN E 214 42.79 8.54 47.72
N THR E 215 42.20 8.74 46.54
CA THR E 215 41.08 9.65 46.40
C THR E 215 39.95 9.20 47.32
N MET E 216 39.70 7.88 47.32
CA MET E 216 38.66 7.29 48.14
C MET E 216 38.98 7.43 49.63
N TYR E 217 40.25 7.27 49.98
CA TYR E 217 40.63 7.41 51.37
C TYR E 217 40.31 8.83 51.83
N GLU E 218 40.69 9.81 51.02
CA GLU E 218 40.45 11.22 51.35
C GLU E 218 38.97 11.55 51.43
N MET E 219 38.18 10.96 50.53
CA MET E 219 36.73 11.18 50.51
C MET E 219 36.16 10.71 51.83
N GLY E 220 36.54 9.51 52.24
CA GLY E 220 36.08 8.95 53.50
C GLY E 220 36.61 9.73 54.69
N ARG E 221 37.91 10.00 54.70
CA ARG E 221 38.49 10.73 55.82
C ARG E 221 37.71 12.02 56.07
N ALA E 222 37.37 12.72 54.99
CA ALA E 222 36.64 13.97 55.11
C ALA E 222 35.30 13.79 55.80
N VAL E 223 34.61 12.70 55.48
CA VAL E 223 33.31 12.42 56.07
C VAL E 223 33.40 12.14 57.56
N ILE E 224 34.32 11.27 57.96
CA ILE E 224 34.47 10.93 59.38
C ILE E 224 34.89 12.13 60.23
N GLU E 225 35.91 12.86 59.78
CA GLU E 225 36.39 14.02 60.53
C GLU E 225 35.31 15.07 60.76
N THR E 226 34.37 15.17 59.83
CA THR E 226 33.32 16.17 59.91
C THR E 226 32.04 15.76 60.66
N HIS E 227 31.64 14.49 60.57
CA HIS E 227 30.42 14.06 61.24
C HIS E 227 30.59 13.06 62.38
N PRO E 228 30.51 13.56 63.62
CA PRO E 228 30.65 12.75 64.82
C PRO E 228 29.66 11.59 64.87
N GLU E 229 28.51 11.78 64.25
CA GLU E 229 27.46 10.76 64.23
C GLU E 229 27.74 9.57 63.31
N ILE E 230 28.89 9.57 62.64
CA ILE E 230 29.21 8.49 61.73
C ILE E 230 30.44 7.70 62.18
N ASP E 231 30.30 6.37 62.26
CA ASP E 231 31.39 5.50 62.69
C ASP E 231 32.19 4.96 61.52
N GLU E 232 31.61 5.00 60.33
CA GLU E 232 32.29 4.47 59.16
C GLU E 232 31.54 4.78 57.87
N ILE E 233 32.29 4.79 56.77
CA ILE E 233 31.72 5.03 55.46
C ILE E 233 32.35 4.01 54.50
N LYS E 234 31.52 3.33 53.73
CA LYS E 234 32.00 2.35 52.78
C LYS E 234 31.81 2.87 51.37
N MET E 235 32.82 2.65 50.52
CA MET E 235 32.75 3.12 49.15
C MET E 235 33.13 2.03 48.17
N SER E 236 32.39 1.97 47.07
CA SER E 236 32.64 1.00 46.01
C SER E 236 32.75 1.86 44.76
N LEU E 237 33.98 2.07 44.31
CA LEU E 237 34.22 2.93 43.15
C LEU E 237 34.83 2.25 41.94
N PRO E 238 34.11 2.26 40.81
CA PRO E 238 34.66 1.63 39.61
C PRO E 238 35.57 2.64 38.91
N ASN E 239 36.67 2.16 38.36
CA ASN E 239 37.58 3.02 37.62
C ASN E 239 37.14 2.87 36.16
N LYS E 240 36.20 3.73 35.76
CA LYS E 240 35.65 3.70 34.40
C LYS E 240 36.68 4.25 33.40
N HIS E 241 37.48 3.32 32.89
CA HIS E 241 38.56 3.64 31.97
C HIS E 241 38.24 4.42 30.70
N HIS E 242 38.98 5.52 30.54
CA HIS E 242 38.87 6.37 29.36
C HIS E 242 40.24 6.26 28.69
N PHE E 243 40.29 5.50 27.61
CA PHE E 243 41.52 5.27 26.86
C PHE E 243 41.85 6.35 25.84
N LEU E 244 43.02 6.95 26.00
CA LEU E 244 43.49 7.99 25.08
C LEU E 244 43.77 7.28 23.76
N VAL E 245 43.00 7.64 22.73
CA VAL E 245 43.17 6.99 21.43
C VAL E 245 44.48 7.34 20.74
N ASP E 246 45.07 6.31 20.13
CA ASP E 246 46.32 6.44 19.42
C ASP E 246 46.05 6.87 17.98
N LEU E 247 46.33 8.14 17.68
CA LEU E 247 46.10 8.68 16.35
C LEU E 247 47.38 8.85 15.55
N GLN E 248 48.50 8.40 16.12
CA GLN E 248 49.79 8.49 15.44
C GLN E 248 49.80 7.71 14.12
N PRO E 249 49.05 6.60 14.04
CA PRO E 249 49.05 5.85 12.77
C PRO E 249 48.53 6.70 11.62
N PHE E 250 47.75 7.72 11.95
CA PHE E 250 47.19 8.62 10.94
C PHE E 250 47.97 9.94 10.93
N GLY E 251 49.12 9.95 11.58
CA GLY E 251 49.95 11.15 11.62
C GLY E 251 49.52 12.27 12.55
N GLN E 252 48.61 11.96 13.48
CA GLN E 252 48.14 12.98 14.43
C GLN E 252 48.52 12.60 15.86
N ASP E 253 48.71 13.62 16.70
CA ASP E 253 49.02 13.35 18.08
C ASP E 253 47.69 13.46 18.81
N ASN E 254 47.68 13.17 20.11
CA ASN E 254 46.46 13.24 20.92
C ASN E 254 46.86 13.84 22.28
N PRO E 255 46.91 15.16 22.37
CA PRO E 255 47.28 15.84 23.61
C PRO E 255 46.27 15.68 24.75
N ASN E 256 46.02 14.43 25.14
CA ASN E 256 45.08 14.10 26.21
C ASN E 256 43.72 14.67 25.88
N GLU E 257 43.25 14.47 24.64
CA GLU E 257 41.96 15.02 24.28
C GLU E 257 40.89 14.04 23.79
N VAL E 258 41.26 13.14 22.88
CA VAL E 258 40.29 12.21 22.35
C VAL E 258 40.32 10.87 23.08
N PHE E 259 39.20 10.52 23.71
CA PHE E 259 39.13 9.28 24.47
C PHE E 259 38.01 8.34 24.07
N TYR E 260 38.25 7.07 24.38
CA TYR E 260 37.32 5.98 24.15
C TYR E 260 36.88 5.56 25.56
N ALA E 261 35.59 5.72 25.86
CA ALA E 261 35.07 5.35 27.17
C ALA E 261 34.62 3.90 27.15
N ALA E 262 35.45 3.02 27.71
CA ALA E 262 35.15 1.59 27.74
C ALA E 262 34.07 1.21 28.74
N ASP E 263 33.30 0.18 28.40
CA ASP E 263 32.23 -0.31 29.29
C ASP E 263 32.83 -1.28 30.31
N ARG E 264 33.27 -2.43 29.79
CA ARG E 264 33.86 -3.47 30.61
C ARG E 264 35.11 -3.99 29.90
N PRO E 265 36.12 -4.42 30.66
CA PRO E 265 36.15 -4.46 32.13
C PRO E 265 36.45 -3.09 32.76
N TYR E 266 36.32 -3.02 34.09
CA TYR E 266 36.61 -1.79 34.81
C TYR E 266 37.26 -2.13 36.14
N GLY E 267 38.09 -1.23 36.64
CA GLY E 267 38.70 -1.49 37.92
C GLY E 267 37.62 -1.23 38.95
N LEU E 268 37.70 -1.92 40.09
CA LEU E 268 36.73 -1.73 41.17
C LEU E 268 37.50 -1.60 42.49
N ILE E 269 37.62 -0.37 42.96
CA ILE E 269 38.34 -0.09 44.21
C ILE E 269 37.35 0.17 45.35
N GLU E 270 37.42 -0.67 46.39
CA GLU E 270 36.51 -0.56 47.54
C GLU E 270 37.26 -0.51 48.87
N ALA E 271 36.74 0.31 49.80
CA ALA E 271 37.37 0.44 51.10
C ALA E 271 36.42 0.97 52.15
N THR E 272 36.76 0.67 53.40
CA THR E 272 35.98 1.12 54.53
C THR E 272 36.86 2.08 55.33
N ILE E 273 36.37 3.30 55.54
CA ILE E 273 37.09 4.29 56.32
C ILE E 273 36.26 4.42 57.59
N GLN E 274 36.87 4.16 58.75
CA GLN E 274 36.11 4.25 59.98
C GLN E 274 36.73 5.04 61.12
N ARG E 275 35.89 5.37 62.09
CA ARG E 275 36.31 6.10 63.27
C ARG E 275 37.14 5.12 64.10
N GLU E 276 38.34 5.52 64.49
CA GLU E 276 39.20 4.63 65.27
C GLU E 276 38.48 4.11 66.50
N GLY E 277 38.61 2.80 66.73
CA GLY E 277 37.97 2.20 67.88
C GLY E 277 36.55 1.74 67.62
N SER E 278 35.99 2.10 66.47
CA SER E 278 34.63 1.70 66.16
C SER E 278 34.55 0.23 65.76
N ARG E 279 33.35 -0.32 65.82
CA ARG E 279 33.11 -1.72 65.49
C ARG E 279 33.53 -1.99 64.05
N ALA E 280 34.09 -3.18 63.81
CA ALA E 280 34.55 -3.53 62.47
C ALA E 280 33.60 -4.39 61.65
N ASP E 281 32.81 -5.24 62.30
CA ASP E 281 31.91 -6.09 61.53
C ASP E 281 30.45 -5.99 61.96
N HIS E 282 29.88 -4.80 61.86
CA HIS E 282 28.48 -4.64 62.22
C HIS E 282 27.66 -5.53 61.28
N PRO E 283 26.65 -6.23 61.82
CA PRO E 283 25.79 -7.12 61.04
C PRO E 283 25.02 -6.47 59.90
N ILE E 284 24.72 -5.18 60.04
CA ILE E 284 23.97 -4.48 59.00
C ILE E 284 24.60 -4.58 57.62
N TRP E 285 25.93 -4.74 57.57
CA TRP E 285 26.64 -4.85 56.30
C TRP E 285 26.46 -6.17 55.57
N SER E 286 26.00 -7.19 56.29
CA SER E 286 25.76 -8.49 55.68
C SER E 286 24.29 -8.63 55.33
N ASN E 287 23.45 -8.67 56.35
CA ASN E 287 22.00 -8.79 56.17
C ASN E 287 21.60 -9.91 55.21
N THR F 1 10.54 -17.38 -5.69
CA THR F 1 11.48 -17.70 -6.81
C THR F 1 12.63 -16.68 -6.93
N LYS F 2 12.30 -15.44 -7.30
CA LYS F 2 13.31 -14.40 -7.44
C LYS F 2 13.53 -13.61 -6.16
N VAL F 3 14.68 -13.82 -5.54
CA VAL F 3 15.04 -13.15 -4.29
C VAL F 3 15.89 -11.92 -4.60
N VAL F 4 15.58 -10.81 -3.93
CA VAL F 4 16.29 -9.57 -4.16
C VAL F 4 16.73 -8.90 -2.87
N LEU F 5 17.84 -8.17 -2.93
CA LEU F 5 18.34 -7.43 -1.78
C LEU F 5 17.61 -6.09 -1.82
N GLY F 6 16.93 -5.72 -0.73
CA GLY F 6 16.23 -4.45 -0.70
C GLY F 6 17.00 -3.38 0.07
N GLN F 7 16.30 -2.62 0.89
CA GLN F 7 16.95 -1.58 1.70
C GLN F 7 18.03 -2.22 2.56
N ASN F 8 19.16 -1.53 2.70
CA ASN F 8 20.24 -2.06 3.52
C ASN F 8 21.19 -0.94 3.94
N GLN F 9 21.87 -1.15 5.06
CA GLN F 9 22.81 -0.18 5.60
C GLN F 9 23.65 -0.90 6.65
N TYR F 10 24.87 -0.44 6.86
CA TYR F 10 25.77 -1.07 7.82
C TYR F 10 26.81 -0.06 8.32
N GLY F 11 27.42 -0.36 9.47
CA GLY F 11 28.44 0.51 10.04
C GLY F 11 28.76 0.20 11.49
N LYS F 12 29.30 1.18 12.21
CA LYS F 12 29.64 0.96 13.62
C LYS F 12 28.66 1.69 14.51
N ALA F 13 28.05 0.94 15.42
CA ALA F 13 27.09 1.51 16.34
C ALA F 13 27.71 1.71 17.71
N GLU F 14 27.23 2.74 18.40
CA GLU F 14 27.65 3.08 19.75
C GLU F 14 29.14 3.23 20.00
N VAL F 15 29.74 4.21 19.31
CA VAL F 15 31.15 4.50 19.50
C VAL F 15 31.15 5.57 20.60
N ARG F 16 31.60 5.19 21.79
CA ARG F 16 31.63 6.11 22.92
C ARG F 16 32.83 7.03 22.84
N LEU F 17 32.54 8.32 22.65
CA LEU F 17 33.58 9.33 22.50
C LEU F 17 33.52 10.41 23.56
N VAL F 18 34.69 10.74 24.10
CA VAL F 18 34.83 11.80 25.08
C VAL F 18 35.92 12.71 24.54
N LYS F 19 35.56 13.95 24.26
CA LYS F 19 36.50 14.93 23.73
C LYS F 19 36.73 16.01 24.79
N VAL F 20 37.95 16.09 25.30
CA VAL F 20 38.28 17.11 26.28
C VAL F 20 38.92 18.29 25.58
N THR F 21 38.45 19.50 25.88
CA THR F 21 39.02 20.72 25.32
C THR F 21 39.85 21.34 26.42
N ARG F 22 41.16 21.31 26.28
CA ARG F 22 42.04 21.85 27.30
C ARG F 22 43.12 22.82 26.83
N ASN F 23 42.76 23.76 25.96
CA ASN F 23 43.73 24.74 25.49
C ASN F 23 44.05 25.69 26.65
N THR F 24 43.19 25.67 27.66
CA THR F 24 43.39 26.49 28.86
C THR F 24 43.04 25.66 30.07
N ALA F 25 43.36 26.17 31.26
CA ALA F 25 43.08 25.45 32.50
C ALA F 25 41.59 25.17 32.66
N ARG F 26 40.76 25.91 31.93
CA ARG F 26 39.33 25.73 32.00
C ARG F 26 38.88 24.63 31.01
N HIS F 27 38.95 23.38 31.44
CA HIS F 27 38.58 22.25 30.60
C HIS F 27 37.10 22.11 30.24
N GLU F 28 36.84 21.66 29.02
CA GLU F 28 35.48 21.44 28.54
C GLU F 28 35.30 19.95 28.25
N ILE F 29 34.07 19.45 28.37
CA ILE F 29 33.81 18.04 28.10
C ILE F 29 32.69 17.85 27.08
N GLN F 30 32.94 16.99 26.10
CA GLN F 30 31.93 16.63 25.10
C GLN F 30 31.89 15.10 25.17
N ASP F 31 30.72 14.56 25.51
CA ASP F 31 30.52 13.13 25.67
C ASP F 31 29.50 12.61 24.66
N LEU F 32 29.93 11.77 23.73
CA LEU F 32 29.02 11.26 22.71
C LEU F 32 29.00 9.75 22.54
N ASN F 33 27.87 9.23 22.04
CA ASN F 33 27.68 7.82 21.75
C ASN F 33 27.31 7.89 20.27
N VAL F 34 28.30 7.73 19.40
CA VAL F 34 28.10 7.83 17.95
C VAL F 34 27.82 6.53 17.20
N THR F 35 26.93 6.62 16.23
CA THR F 35 26.57 5.47 15.39
C THR F 35 26.67 5.89 13.93
N SER F 36 27.48 5.19 13.16
CA SER F 36 27.66 5.50 11.75
C SER F 36 27.25 4.34 10.86
N GLN F 37 26.39 4.61 9.89
CA GLN F 37 25.96 3.58 8.97
C GLN F 37 25.94 4.16 7.55
N LEU F 38 26.39 3.37 6.58
CA LEU F 38 26.44 3.80 5.19
C LEU F 38 25.37 3.13 4.32
N ARG F 39 25.05 3.80 3.22
CA ARG F 39 24.05 3.33 2.26
C ARG F 39 24.61 3.50 0.86
N GLY F 40 24.19 2.64 -0.05
CA GLY F 40 24.67 2.72 -1.42
C GLY F 40 24.66 1.36 -2.10
N ASP F 41 25.68 1.09 -2.92
CA ASP F 41 25.76 -0.18 -3.64
C ASP F 41 26.58 -1.25 -2.92
N PHE F 42 25.89 -2.14 -2.22
CA PHE F 42 26.54 -3.21 -1.50
C PHE F 42 26.01 -4.58 -1.93
N GLU F 43 25.46 -4.59 -3.15
CA GLU F 43 24.88 -5.77 -3.76
C GLU F 43 25.81 -6.98 -3.67
N ALA F 44 27.00 -6.84 -4.27
CA ALA F 44 27.99 -7.92 -4.28
C ALA F 44 28.44 -8.37 -2.89
N ALA F 45 28.51 -7.44 -1.94
CA ALA F 45 28.92 -7.81 -0.59
C ALA F 45 27.90 -8.79 -0.01
N HIS F 46 26.63 -8.55 -0.26
CA HIS F 46 25.59 -9.42 0.27
C HIS F 46 25.41 -10.70 -0.57
N THR F 47 25.44 -10.58 -1.88
CA THR F 47 25.21 -11.72 -2.76
C THR F 47 26.40 -12.60 -3.08
N ALA F 48 27.60 -12.04 -3.18
CA ALA F 48 28.77 -12.84 -3.51
C ALA F 48 29.87 -12.81 -2.46
N GLY F 49 29.71 -11.99 -1.44
CA GLY F 49 30.74 -11.90 -0.42
C GLY F 49 31.92 -11.08 -0.89
N ASP F 50 31.72 -10.28 -1.93
CA ASP F 50 32.79 -9.44 -2.45
C ASP F 50 32.82 -8.16 -1.63
N ASN F 51 33.81 -8.01 -0.76
CA ASN F 51 33.88 -6.84 0.12
C ASN F 51 34.56 -5.58 -0.41
N ALA F 52 34.83 -5.56 -1.71
CA ALA F 52 35.51 -4.42 -2.33
C ALA F 52 34.87 -3.06 -1.97
N HIS F 53 33.54 -3.02 -1.84
CA HIS F 53 32.84 -1.78 -1.51
C HIS F 53 32.63 -1.57 -0.01
N VAL F 54 33.05 -2.53 0.80
CA VAL F 54 32.81 -2.44 2.23
C VAL F 54 33.84 -1.69 3.08
N VAL F 55 33.60 -0.40 3.28
CA VAL F 55 34.47 0.39 4.14
C VAL F 55 34.20 -0.21 5.53
N ALA F 56 35.19 -0.91 6.08
CA ALA F 56 35.07 -1.58 7.37
C ALA F 56 34.41 -0.75 8.47
N THR F 57 33.58 -1.39 9.30
CA THR F 57 32.92 -0.70 10.39
C THR F 57 34.03 -0.18 11.32
N ASP F 58 35.11 -0.95 11.43
CA ASP F 58 36.26 -0.58 12.26
C ASP F 58 36.82 0.74 11.76
N THR F 59 36.85 0.89 10.44
CA THR F 59 37.35 2.11 9.82
C THR F 59 36.45 3.28 10.15
N GLN F 60 35.14 3.06 10.10
CA GLN F 60 34.19 4.12 10.42
C GLN F 60 34.43 4.56 11.87
N LYS F 61 34.75 3.60 12.74
CA LYS F 61 35.01 3.90 14.13
C LYS F 61 36.29 4.74 14.25
N ASN F 62 37.35 4.34 13.55
CA ASN F 62 38.61 5.08 13.57
C ASN F 62 38.39 6.51 13.09
N THR F 63 37.52 6.67 12.09
CA THR F 63 37.21 7.97 11.51
C THR F 63 36.54 8.91 12.52
N VAL F 64 35.71 8.36 13.39
CA VAL F 64 35.03 9.15 14.40
C VAL F 64 36.08 9.78 15.33
N TYR F 65 37.00 8.95 15.80
CA TYR F 65 38.04 9.44 16.70
C TYR F 65 39.00 10.38 15.97
N ALA F 66 39.38 10.03 14.75
CA ALA F 66 40.28 10.86 13.98
C ALA F 66 39.72 12.28 13.82
N PHE F 67 38.45 12.40 13.44
CA PHE F 67 37.81 13.71 13.28
C PHE F 67 37.67 14.39 14.62
N ALA F 68 37.42 13.60 15.66
CA ALA F 68 37.25 14.14 17.01
C ALA F 68 38.45 15.02 17.43
N ARG F 69 39.63 14.67 16.93
CA ARG F 69 40.86 15.40 17.25
C ARG F 69 40.79 16.89 16.94
N ASP F 70 40.02 17.25 15.93
CA ASP F 70 39.91 18.64 15.54
C ASP F 70 38.88 19.38 16.36
N GLY F 71 38.10 18.62 17.11
CA GLY F 71 37.06 19.24 17.91
C GLY F 71 35.88 19.52 17.00
N PHE F 72 34.80 20.02 17.58
CA PHE F 72 33.59 20.35 16.86
C PHE F 72 32.77 21.23 17.80
N ALA F 73 32.04 22.19 17.24
CA ALA F 73 31.25 23.10 18.05
C ALA F 73 30.00 22.44 18.63
N THR F 74 29.35 21.62 17.82
CA THR F 74 28.14 20.92 18.24
C THR F 74 28.09 19.49 17.74
N THR F 75 27.19 18.69 18.31
CA THR F 75 27.03 17.30 17.93
C THR F 75 26.62 17.20 16.46
N GLU F 76 25.73 18.10 16.04
CA GLU F 76 25.26 18.11 14.66
C GLU F 76 26.39 18.45 13.69
N GLU F 77 27.24 19.41 14.05
CA GLU F 77 28.36 19.75 13.15
C GLU F 77 29.23 18.52 12.95
N PHE F 78 29.44 17.76 14.01
CA PHE F 78 30.27 16.56 13.98
C PHE F 78 29.66 15.51 13.03
N LEU F 79 28.34 15.34 13.09
CA LEU F 79 27.66 14.38 12.21
C LEU F 79 27.73 14.82 10.75
N LEU F 80 27.60 16.12 10.51
CA LEU F 80 27.64 16.63 9.15
C LEU F 80 29.00 16.35 8.53
N ARG F 81 30.06 16.54 9.30
CA ARG F 81 31.41 16.27 8.80
C ARG F 81 31.55 14.78 8.45
N LEU F 82 31.06 13.90 9.31
CA LEU F 82 31.15 12.47 9.06
C LEU F 82 30.41 12.08 7.77
N GLY F 83 29.12 12.38 7.72
CA GLY F 83 28.33 12.06 6.55
C GLY F 83 28.96 12.56 5.26
N LYS F 84 29.47 13.79 5.28
CA LYS F 84 30.10 14.37 4.10
C LYS F 84 31.30 13.54 3.66
N HIS F 85 32.13 13.17 4.64
CA HIS F 85 33.32 12.37 4.39
C HIS F 85 33.04 11.03 3.73
N PHE F 86 32.04 10.32 4.23
CA PHE F 86 31.72 9.02 3.68
C PHE F 86 31.01 9.02 2.32
N THR F 87 30.11 9.97 2.11
CA THR F 87 29.40 10.02 0.83
C THR F 87 30.29 10.51 -0.33
N GLU F 88 31.11 11.53 -0.10
CA GLU F 88 31.98 12.04 -1.15
C GLU F 88 33.24 11.22 -1.30
N GLY F 89 33.67 10.57 -0.23
CA GLY F 89 34.89 9.79 -0.26
C GLY F 89 34.81 8.46 -0.97
N PHE F 90 33.59 7.96 -1.18
CA PHE F 90 33.41 6.67 -1.83
C PHE F 90 32.27 6.75 -2.85
N ASP F 91 32.60 6.53 -4.11
CA ASP F 91 31.60 6.59 -5.17
C ASP F 91 30.37 5.73 -4.98
N TRP F 92 30.55 4.49 -4.54
CA TRP F 92 29.41 3.60 -4.33
C TRP F 92 28.57 3.93 -3.10
N VAL F 93 29.11 4.79 -2.23
CA VAL F 93 28.38 5.21 -1.03
C VAL F 93 27.60 6.47 -1.38
N THR F 94 26.29 6.33 -1.51
CA THR F 94 25.42 7.42 -1.89
C THR F 94 24.70 8.07 -0.71
N GLY F 95 24.79 7.45 0.46
CA GLY F 95 24.12 7.99 1.62
C GLY F 95 24.50 7.34 2.93
N GLY F 96 23.66 7.55 3.94
CA GLY F 96 23.92 6.98 5.24
C GLY F 96 23.09 7.62 6.33
N ARG F 97 23.29 7.12 7.55
CA ARG F 97 22.58 7.62 8.72
C ARG F 97 23.61 7.75 9.81
N TRP F 98 23.76 8.96 10.33
CA TRP F 98 24.71 9.23 11.39
C TRP F 98 23.96 9.81 12.56
N ALA F 99 23.93 9.06 13.66
CA ALA F 99 23.22 9.48 14.86
C ALA F 99 24.13 9.61 16.05
N ALA F 100 23.66 10.33 17.06
CA ALA F 100 24.45 10.52 18.27
C ALA F 100 23.60 10.89 19.46
N GLN F 101 24.04 10.42 20.62
CA GLN F 101 23.41 10.74 21.89
C GLN F 101 24.44 11.62 22.56
N GLN F 102 24.02 12.75 23.09
CA GLN F 102 24.94 13.66 23.77
C GLN F 102 24.63 13.60 25.27
N PHE F 103 25.66 13.39 26.08
CA PHE F 103 25.46 13.32 27.52
C PHE F 103 26.00 14.56 28.20
N PHE F 104 25.20 15.14 29.09
CA PHE F 104 25.59 16.37 29.77
C PHE F 104 26.37 16.19 31.07
N TRP F 105 27.24 17.16 31.35
CA TRP F 105 28.07 17.16 32.55
C TRP F 105 28.05 18.51 33.24
N ASP F 106 28.10 18.50 34.57
CA ASP F 106 28.12 19.74 35.32
C ASP F 106 29.43 19.83 36.12
N ARG F 107 29.98 21.05 36.22
CA ARG F 107 31.20 21.24 36.97
C ARG F 107 30.93 21.03 38.44
N ILE F 108 31.88 20.41 39.13
CA ILE F 108 31.74 20.19 40.56
C ILE F 108 32.15 21.51 41.19
N ASN F 109 31.16 22.27 41.67
CA ASN F 109 31.39 23.57 42.28
C ASN F 109 32.27 24.49 41.45
N ASP F 110 31.94 24.58 40.16
CA ASP F 110 32.65 25.44 39.24
C ASP F 110 34.13 25.09 39.05
N HIS F 111 34.51 23.88 39.44
CA HIS F 111 35.90 23.45 39.29
C HIS F 111 36.30 23.48 37.80
N ASP F 112 37.57 23.78 37.53
CA ASP F 112 38.06 23.86 36.15
C ASP F 112 38.21 22.54 35.40
N HIS F 113 38.42 21.43 36.10
CA HIS F 113 38.56 20.15 35.40
C HIS F 113 37.98 18.94 36.15
N ALA F 114 36.89 19.17 36.87
CA ALA F 114 36.20 18.12 37.61
C ALA F 114 34.71 18.35 37.39
N PHE F 115 34.01 17.31 36.97
CA PHE F 115 32.58 17.41 36.69
C PHE F 115 31.79 16.22 37.24
N SER F 116 30.47 16.36 37.21
CA SER F 116 29.57 15.31 37.63
C SER F 116 28.54 15.20 36.51
N ARG F 117 28.15 13.98 36.20
CA ARG F 117 27.21 13.72 35.13
C ARG F 117 25.76 14.10 35.46
N ASN F 118 25.12 14.83 34.53
CA ASN F 118 23.72 15.23 34.69
C ASN F 118 22.95 14.20 33.86
N LYS F 119 22.24 13.31 34.55
CA LYS F 119 21.50 12.24 33.90
C LYS F 119 20.02 12.48 33.69
N SER F 120 19.57 13.70 33.97
CA SER F 120 18.15 14.02 33.86
C SER F 120 17.58 14.08 32.44
N GLU F 121 18.43 14.04 31.43
CA GLU F 121 17.98 14.07 30.04
C GLU F 121 19.11 13.68 29.13
N VAL F 122 18.76 13.28 27.92
CA VAL F 122 19.75 12.89 26.92
C VAL F 122 19.36 13.55 25.61
N ARG F 123 20.33 14.24 24.99
CA ARG F 123 20.11 14.93 23.72
C ARG F 123 20.46 13.99 22.59
N THR F 124 19.73 14.08 21.49
CA THR F 124 19.99 13.22 20.35
C THR F 124 20.01 14.01 19.05
N ALA F 125 20.68 13.45 18.06
CA ALA F 125 20.75 14.09 16.76
C ALA F 125 20.90 12.97 15.74
N VAL F 126 20.26 13.14 14.59
CA VAL F 126 20.40 12.16 13.54
C VAL F 126 20.52 12.88 12.20
N LEU F 127 21.51 12.46 11.43
CA LEU F 127 21.74 13.01 10.12
C LEU F 127 21.55 11.92 9.08
N GLU F 128 20.74 12.21 8.09
CA GLU F 128 20.53 11.23 7.03
C GLU F 128 20.84 11.93 5.72
N ILE F 129 21.65 11.28 4.90
CA ILE F 129 21.99 11.82 3.60
C ILE F 129 21.47 10.85 2.54
N SER F 130 20.87 11.41 1.50
CA SER F 130 20.35 10.61 0.41
C SER F 130 20.77 11.32 -0.85
N GLY F 131 21.92 10.92 -1.38
CA GLY F 131 22.43 11.54 -2.59
C GLY F 131 22.81 12.99 -2.35
N SER F 132 22.05 13.89 -2.96
CA SER F 132 22.29 15.32 -2.87
C SER F 132 21.59 15.97 -1.68
N GLU F 133 20.49 15.37 -1.23
CA GLU F 133 19.71 15.90 -0.12
C GLU F 133 20.19 15.37 1.23
N GLN F 134 19.88 16.11 2.28
CA GLN F 134 20.25 15.69 3.63
C GLN F 134 19.32 16.35 4.64
N ALA F 135 19.01 15.63 5.71
CA ALA F 135 18.12 16.15 6.73
C ALA F 135 18.63 15.83 8.13
N ILE F 136 18.31 16.71 9.06
CA ILE F 136 18.71 16.54 10.45
C ILE F 136 17.50 16.54 11.38
N VAL F 137 17.48 15.57 12.28
CA VAL F 137 16.43 15.46 13.28
C VAL F 137 17.16 15.50 14.62
N ALA F 138 16.78 16.43 15.48
CA ALA F 138 17.38 16.55 16.80
C ALA F 138 16.31 16.16 17.80
N GLY F 139 16.71 15.83 19.01
CA GLY F 139 15.72 15.47 19.99
C GLY F 139 16.22 15.41 21.41
N ILE F 140 15.30 15.13 22.33
CA ILE F 140 15.61 15.01 23.74
C ILE F 140 14.85 13.77 24.19
N GLU F 141 15.35 13.10 25.22
CA GLU F 141 14.67 11.90 25.74
C GLU F 141 15.12 11.65 27.16
N GLY F 142 14.36 10.81 27.88
CA GLY F 142 14.71 10.48 29.26
C GLY F 142 14.45 11.58 30.28
N LEU F 143 13.73 12.61 29.89
CA LEU F 143 13.40 13.72 30.79
C LEU F 143 12.04 13.46 31.41
N THR F 144 12.04 12.96 32.65
CA THR F 144 10.79 12.63 33.34
C THR F 144 10.12 13.81 34.04
N VAL F 145 8.83 13.99 33.75
CA VAL F 145 8.06 15.08 34.33
C VAL F 145 6.79 14.58 35.01
N LEU F 146 6.31 15.36 35.98
CA LEU F 146 5.11 15.01 36.72
C LEU F 146 4.38 16.23 37.26
N LYS F 147 3.07 16.25 37.08
CA LYS F 147 2.24 17.32 37.60
C LYS F 147 1.45 16.64 38.71
N SER F 148 1.43 17.22 39.90
CA SER F 148 0.70 16.64 41.02
C SER F 148 -0.79 16.97 40.95
N THR F 149 -1.14 17.96 40.13
CA THR F 149 -2.53 18.37 39.93
C THR F 149 -2.58 19.15 38.62
N GLY F 150 -3.75 19.68 38.28
CA GLY F 150 -3.87 20.43 37.04
C GLY F 150 -4.01 19.47 35.87
N SER F 151 -4.61 18.32 36.14
CA SER F 151 -4.82 17.31 35.11
C SER F 151 -6.11 16.56 35.37
N GLU F 152 -6.88 16.35 34.30
CA GLU F 152 -8.13 15.61 34.41
C GLU F 152 -8.35 14.73 33.18
N PHE F 153 -9.33 13.85 33.27
CA PHE F 153 -9.67 12.96 32.18
C PHE F 153 -11.08 12.44 32.39
N HIS F 154 -12.01 12.99 31.61
CA HIS F 154 -13.41 12.62 31.69
C HIS F 154 -14.02 12.81 30.30
N GLY F 155 -15.28 12.42 30.15
CA GLY F 155 -15.94 12.57 28.86
C GLY F 155 -15.63 11.50 27.84
N PHE F 156 -14.88 10.47 28.24
CA PHE F 156 -14.55 9.38 27.31
C PHE F 156 -15.76 8.47 27.17
N PRO F 157 -15.93 7.83 26.01
CA PRO F 157 -17.09 6.95 25.84
C PRO F 157 -17.00 5.73 26.76
N ARG F 158 -18.12 5.03 26.89
CA ARG F 158 -18.14 3.84 27.73
C ARG F 158 -18.79 2.68 27.00
N ASP F 159 -18.14 1.52 27.08
CA ASP F 159 -18.65 0.30 26.47
C ASP F 159 -18.62 -0.78 27.55
N LYS F 160 -19.02 -2.00 27.21
CA LYS F 160 -19.06 -3.09 28.20
C LYS F 160 -17.73 -3.43 28.87
N TYR F 161 -16.62 -2.92 28.33
CA TYR F 161 -15.31 -3.20 28.90
C TYR F 161 -14.71 -2.00 29.60
N THR F 162 -15.49 -0.94 29.74
CA THR F 162 -14.99 0.26 30.41
C THR F 162 -15.27 0.21 31.90
N THR F 163 -14.26 0.51 32.71
CA THR F 163 -14.41 0.51 34.16
C THR F 163 -13.79 1.78 34.76
N LEU F 164 -12.97 2.46 33.98
CA LEU F 164 -12.30 3.69 34.44
C LEU F 164 -13.26 4.76 34.95
N GLN F 165 -12.94 5.36 36.09
CA GLN F 165 -13.78 6.41 36.69
C GLN F 165 -13.27 7.76 36.18
N GLU F 166 -14.18 8.69 35.97
CA GLU F 166 -13.79 10.03 35.51
C GLU F 166 -13.09 10.75 36.64
N THR F 167 -12.39 11.83 36.32
CA THR F 167 -11.67 12.59 37.34
C THR F 167 -11.36 14.01 36.88
N THR F 168 -11.25 14.93 37.84
CA THR F 168 -10.92 16.32 37.55
C THR F 168 -9.61 16.70 38.24
N ASP F 169 -9.01 15.73 38.93
CA ASP F 169 -7.74 15.98 39.61
C ASP F 169 -6.97 14.68 39.76
N ARG F 170 -5.92 14.53 38.97
CA ARG F 170 -5.09 13.32 39.01
C ARG F 170 -3.64 13.71 38.79
N ILE F 171 -2.76 12.72 38.87
CA ILE F 171 -1.35 12.97 38.61
C ILE F 171 -1.08 12.70 37.12
N LEU F 172 -0.31 13.56 36.49
CA LEU F 172 0.04 13.37 35.08
C LEU F 172 1.56 13.29 35.01
N ALA F 173 2.09 12.08 34.89
CA ALA F 173 3.54 11.88 34.80
C ALA F 173 3.92 11.18 33.49
N THR F 174 5.02 11.63 32.89
CA THR F 174 5.47 11.05 31.63
C THR F 174 6.97 11.23 31.40
N ASP F 175 7.49 10.56 30.39
CA ASP F 175 8.90 10.69 30.01
C ASP F 175 8.87 11.43 28.67
N VAL F 176 9.46 12.61 28.63
CA VAL F 176 9.47 13.40 27.39
C VAL F 176 10.44 12.88 26.33
N SER F 177 9.90 12.38 25.24
CA SER F 177 10.68 11.91 24.09
C SER F 177 10.18 12.75 22.92
N ALA F 178 11.02 13.67 22.45
CA ALA F 178 10.63 14.55 21.36
C ALA F 178 11.73 14.60 20.31
N ARG F 179 11.31 14.57 19.06
CA ARG F 179 12.23 14.61 17.93
C ARG F 179 11.66 15.56 16.90
N TRP F 180 12.46 16.53 16.50
CA TRP F 180 12.01 17.53 15.54
C TRP F 180 12.95 17.63 14.36
N ARG F 181 12.35 17.75 13.17
CA ARG F 181 13.12 17.84 11.93
C ARG F 181 13.33 19.28 11.50
N TYR F 182 14.58 19.62 11.21
CA TYR F 182 14.92 20.96 10.76
C TYR F 182 14.70 21.01 9.24
N ASN F 183 14.24 22.15 8.74
CA ASN F 183 14.01 22.32 7.30
C ASN F 183 15.21 22.99 6.61
N THR F 184 16.33 23.04 7.34
CA THR F 184 17.57 23.62 6.85
C THR F 184 18.68 23.23 7.81
N VAL F 185 19.92 23.24 7.35
CA VAL F 185 21.03 22.90 8.24
C VAL F 185 21.66 24.14 8.87
N GLU F 186 21.36 25.33 8.37
CA GLU F 186 21.92 26.52 8.99
C GLU F 186 21.03 26.85 10.18
N VAL F 187 21.42 26.33 11.33
CA VAL F 187 20.66 26.51 12.57
C VAL F 187 21.62 26.61 13.76
N ASP F 188 21.19 27.31 14.81
CA ASP F 188 22.00 27.42 16.01
C ASP F 188 21.56 26.21 16.85
N PHE F 189 22.08 25.04 16.50
CA PHE F 189 21.73 23.79 17.17
C PHE F 189 21.62 23.83 18.69
N ASP F 190 22.65 24.34 19.37
CA ASP F 190 22.61 24.41 20.83
C ASP F 190 21.50 25.31 21.37
N ALA F 191 21.35 26.50 20.79
CA ALA F 191 20.33 27.43 21.26
C ALA F 191 18.92 26.90 21.00
N VAL F 192 18.70 26.35 19.81
CA VAL F 192 17.38 25.82 19.49
C VAL F 192 17.08 24.65 20.42
N TYR F 193 18.08 23.80 20.67
CA TYR F 193 17.87 22.67 21.57
C TYR F 193 17.45 23.17 22.95
N ALA F 194 18.18 24.15 23.48
CA ALA F 194 17.87 24.71 24.80
C ALA F 194 16.47 25.32 24.79
N SER F 195 16.14 25.98 23.68
CA SER F 195 14.84 26.61 23.54
C SER F 195 13.71 25.57 23.53
N VAL F 196 13.77 24.63 22.59
CA VAL F 196 12.76 23.57 22.49
C VAL F 196 12.56 22.90 23.84
N ARG F 197 13.66 22.51 24.47
CA ARG F 197 13.61 21.88 25.77
C ARG F 197 12.77 22.71 26.72
N GLY F 198 12.99 24.02 26.70
CA GLY F 198 12.25 24.91 27.57
C GLY F 198 10.79 25.01 27.17
N LEU F 199 10.53 25.10 25.87
CA LEU F 199 9.15 25.19 25.39
C LEU F 199 8.34 23.95 25.76
N LEU F 200 8.97 22.78 25.74
CA LEU F 200 8.28 21.54 26.08
C LEU F 200 7.94 21.48 27.57
N LEU F 201 8.90 21.88 28.41
CA LEU F 201 8.70 21.88 29.86
C LEU F 201 7.60 22.85 30.29
N LYS F 202 7.64 24.06 29.74
CA LYS F 202 6.67 25.09 30.07
C LYS F 202 5.24 24.73 29.63
N ALA F 203 5.11 24.19 28.42
CA ALA F 203 3.79 23.81 27.90
C ALA F 203 3.21 22.65 28.71
N PHE F 204 4.06 21.72 29.11
CA PHE F 204 3.61 20.57 29.91
C PHE F 204 3.16 21.03 31.29
N ALA F 205 3.95 21.88 31.92
CA ALA F 205 3.65 22.37 33.25
C ALA F 205 2.46 23.32 33.34
N GLU F 206 2.39 24.27 32.41
CA GLU F 206 1.34 25.28 32.44
C GLU F 206 -0.01 24.95 31.80
N THR F 207 -0.07 23.94 30.94
CA THR F 207 -1.35 23.60 30.33
C THR F 207 -2.20 22.84 31.34
N HIS F 208 -3.42 23.29 31.57
CA HIS F 208 -4.31 22.57 32.47
C HIS F 208 -4.79 21.42 31.60
N SER F 209 -4.29 20.22 31.89
CA SER F 209 -4.59 19.06 31.08
C SER F 209 -5.95 18.36 31.18
N LEU F 210 -6.61 18.24 30.02
CA LEU F 210 -7.89 17.55 29.93
C LEU F 210 -7.60 16.16 29.34
N ALA F 211 -6.34 15.95 28.98
CA ALA F 211 -5.85 14.69 28.41
C ALA F 211 -4.37 14.80 28.05
N LEU F 212 -3.66 13.67 28.03
CA LEU F 212 -2.25 13.69 27.70
C LEU F 212 -2.16 14.14 26.23
N GLN F 213 -3.14 13.72 25.43
CA GLN F 213 -3.17 14.12 24.02
C GLN F 213 -3.16 15.65 23.88
N GLN F 214 -4.02 16.32 24.65
CA GLN F 214 -4.11 17.77 24.60
C GLN F 214 -2.81 18.44 25.05
N THR F 215 -2.19 17.88 26.10
CA THR F 215 -0.93 18.42 26.62
C THR F 215 0.17 18.28 25.56
N MET F 216 0.30 17.09 24.99
CA MET F 216 1.31 16.84 23.97
C MET F 216 1.11 17.80 22.79
N TYR F 217 -0.16 18.09 22.47
CA TYR F 217 -0.46 18.98 21.37
C TYR F 217 0.06 20.39 21.64
N GLU F 218 -0.25 20.94 22.81
CA GLU F 218 0.20 22.28 23.16
C GLU F 218 1.73 22.35 23.17
N MET F 219 2.36 21.25 23.56
CA MET F 219 3.82 21.20 23.60
C MET F 219 4.40 21.31 22.19
N GLY F 220 3.76 20.65 21.23
CA GLY F 220 4.23 20.67 19.86
C GLY F 220 3.93 21.96 19.13
N ARG F 221 2.74 22.52 19.41
CA ARG F 221 2.31 23.76 18.79
C ARG F 221 3.30 24.87 19.17
N ALA F 222 3.61 24.96 20.46
CA ALA F 222 4.54 25.96 20.95
C ALA F 222 5.87 25.90 20.20
N VAL F 223 6.37 24.69 19.97
CA VAL F 223 7.65 24.52 19.26
C VAL F 223 7.56 25.01 17.81
N ILE F 224 6.59 24.51 17.07
CA ILE F 224 6.38 24.90 15.67
C ILE F 224 6.18 26.41 15.56
N GLU F 225 5.39 26.97 16.47
CA GLU F 225 5.10 28.40 16.47
C GLU F 225 6.32 29.26 16.79
N THR F 226 7.23 28.76 17.60
CA THR F 226 8.42 29.51 17.99
C THR F 226 9.62 29.41 17.05
N HIS F 227 9.83 28.25 16.43
CA HIS F 227 10.98 28.08 15.55
C HIS F 227 10.66 27.78 14.09
N PRO F 228 10.95 28.73 13.19
CA PRO F 228 10.71 28.63 11.74
C PRO F 228 11.52 27.52 11.08
N GLU F 229 12.67 27.21 11.67
CA GLU F 229 13.53 26.17 11.12
C GLU F 229 13.02 24.77 11.38
N ILE F 230 11.92 24.65 12.13
CA ILE F 230 11.34 23.34 12.41
C ILE F 230 10.05 23.09 11.67
N ASP F 231 10.04 22.07 10.81
CA ASP F 231 8.86 21.71 10.04
C ASP F 231 7.89 20.82 10.81
N GLU F 232 8.41 20.02 11.73
CA GLU F 232 7.57 19.12 12.49
C GLU F 232 8.25 18.56 13.73
N ILE F 233 7.45 18.17 14.72
CA ILE F 233 7.96 17.58 15.95
C ILE F 233 7.14 16.37 16.35
N LYS F 234 7.83 15.27 16.61
CA LYS F 234 7.17 14.04 17.01
C LYS F 234 7.44 13.73 18.47
N MET F 235 6.41 13.25 19.16
CA MET F 235 6.55 12.93 20.57
C MET F 235 5.88 11.60 20.93
N SER F 236 6.55 10.85 21.79
CA SER F 236 6.08 9.56 22.28
C SER F 236 6.02 9.75 23.79
N LEU F 237 4.81 9.88 24.34
CA LEU F 237 4.65 10.11 25.77
C LEU F 237 3.90 9.03 26.53
N PRO F 238 4.60 8.31 27.42
CA PRO F 238 3.91 7.27 28.18
C PRO F 238 3.10 7.95 29.29
N ASN F 239 1.95 7.39 29.63
CA ASN F 239 1.17 7.95 30.72
C ASN F 239 1.58 7.06 31.89
N LYS F 240 2.51 7.55 32.70
CA LYS F 240 3.02 6.77 33.82
C LYS F 240 2.08 6.87 35.00
N HIS F 241 1.18 5.89 35.06
CA HIS F 241 0.14 5.79 36.07
C HIS F 241 0.54 5.76 37.52
N HIS F 242 0.00 6.73 38.26
CA HIS F 242 0.21 6.84 39.70
C HIS F 242 -1.19 6.63 40.26
N PHE F 243 -1.44 5.46 40.84
CA PHE F 243 -2.76 5.16 41.39
C PHE F 243 -2.97 5.69 42.79
N LEU F 244 -4.03 6.46 42.97
CA LEU F 244 -4.35 7.00 44.27
C LEU F 244 -4.74 5.76 45.07
N VAL F 245 -3.97 5.43 46.09
CA VAL F 245 -4.25 4.24 46.87
C VAL F 245 -5.52 4.33 47.71
N ASP F 246 -6.23 3.20 47.79
CA ASP F 246 -7.46 3.10 48.55
C ASP F 246 -7.07 2.79 49.99
N LEU F 247 -7.14 3.79 50.85
CA LEU F 247 -6.78 3.61 52.27
C LEU F 247 -7.99 3.37 53.17
N GLN F 248 -9.19 3.41 52.61
CA GLN F 248 -10.38 3.20 53.42
C GLN F 248 -10.45 1.82 54.09
N PRO F 249 -9.86 0.78 53.48
CA PRO F 249 -9.95 -0.51 54.16
C PRO F 249 -9.18 -0.43 55.48
N PHE F 250 -8.32 0.58 55.59
CA PHE F 250 -7.52 0.76 56.80
C PHE F 250 -8.09 1.91 57.62
N GLY F 251 -9.30 2.32 57.28
CA GLY F 251 -9.99 3.39 58.00
C GLY F 251 -9.49 4.80 57.75
N GLN F 252 -8.89 5.04 56.58
CA GLN F 252 -8.36 6.36 56.27
C GLN F 252 -8.80 6.84 54.89
N ASP F 253 -8.80 8.15 54.71
CA ASP F 253 -9.14 8.73 53.42
C ASP F 253 -7.81 9.08 52.74
N ASN F 254 -7.86 9.38 51.46
CA ASN F 254 -6.66 9.72 50.72
C ASN F 254 -6.95 10.97 49.88
N PRO F 255 -6.74 12.16 50.47
CA PRO F 255 -6.99 13.41 49.76
C PRO F 255 -5.93 13.71 48.70
N ASN F 256 -5.87 12.84 47.69
CA ASN F 256 -4.92 12.97 46.59
C ASN F 256 -3.48 13.06 47.11
N GLU F 257 -3.13 12.21 48.06
CA GLU F 257 -1.79 12.27 48.63
C GLU F 257 -0.91 11.03 48.47
N VAL F 258 -1.47 9.85 48.69
CA VAL F 258 -0.71 8.61 48.61
C VAL F 258 -0.88 7.85 47.30
N PHE F 259 0.21 7.72 46.55
CA PHE F 259 0.16 7.04 45.26
C PHE F 259 1.10 5.85 45.09
N TYR F 260 0.64 4.92 44.26
CA TYR F 260 1.37 3.71 43.91
C TYR F 260 1.81 3.97 42.46
N ALA F 261 3.12 4.01 42.22
CA ALA F 261 3.63 4.26 40.87
C ALA F 261 3.88 2.94 40.15
N ALA F 262 2.92 2.50 39.36
CA ALA F 262 3.05 1.25 38.63
C ALA F 262 3.97 1.34 37.42
N ASP F 263 4.74 0.28 37.20
CA ASP F 263 5.67 0.20 36.09
C ASP F 263 4.93 -0.08 34.79
N ARG F 264 4.19 -1.19 34.77
CA ARG F 264 3.43 -1.57 33.58
C ARG F 264 2.07 -2.12 34.01
N PRO F 265 1.06 -2.02 33.12
CA PRO F 265 1.16 -1.45 31.78
C PRO F 265 1.09 0.08 31.88
N TYR F 266 1.29 0.77 30.76
CA TYR F 266 1.21 2.23 30.76
C TYR F 266 0.58 2.74 29.47
N GLY F 267 -0.10 3.87 29.57
CA GLY F 267 -0.69 4.44 28.38
C GLY F 267 0.46 4.96 27.53
N LEU F 268 0.29 4.97 26.22
CA LEU F 268 1.33 5.48 25.32
C LEU F 268 0.63 6.37 24.29
N ILE F 269 0.86 7.66 24.42
CA ILE F 269 0.24 8.66 23.54
C ILE F 269 1.28 9.27 22.61
N GLU F 270 1.06 9.11 21.31
CA GLU F 270 2.02 9.61 20.34
C GLU F 270 1.40 10.41 19.20
N ALA F 271 2.13 11.42 18.74
CA ALA F 271 1.63 12.26 17.67
C ALA F 271 2.69 13.12 17.02
N THR F 272 2.35 13.59 15.83
CA THR F 272 3.22 14.44 15.05
C THR F 272 2.55 15.81 14.93
N ILE F 273 3.26 16.86 15.30
CA ILE F 273 2.74 18.22 15.21
C ILE F 273 3.57 18.89 14.12
N GLN F 274 2.93 19.24 13.01
CA GLN F 274 3.66 19.87 11.92
C GLN F 274 3.20 21.23 11.48
N ARG F 275 4.08 21.91 10.76
CA ARG F 275 3.83 23.24 10.21
C ARG F 275 2.99 23.00 8.94
N GLU F 276 1.80 23.60 8.89
CA GLU F 276 0.93 23.43 7.74
C GLU F 276 1.66 23.58 6.42
N GLY F 277 1.45 22.62 5.53
CA GLY F 277 2.07 22.67 4.22
C GLY F 277 3.46 22.06 4.16
N SER F 278 3.81 21.22 5.13
CA SER F 278 5.13 20.59 5.12
C SER F 278 5.03 19.08 4.90
N ARG F 279 6.08 18.53 4.28
CA ARG F 279 6.16 17.11 3.98
C ARG F 279 5.53 16.26 5.09
N ALA F 280 4.81 15.22 4.70
CA ALA F 280 4.14 14.36 5.67
C ALA F 280 4.90 13.09 6.05
N ASP F 281 5.64 12.51 5.10
CA ASP F 281 6.38 11.29 5.39
C ASP F 281 7.83 11.32 4.96
N HIS F 282 8.61 12.21 5.56
CA HIS F 282 10.03 12.32 5.23
C HIS F 282 10.72 10.99 5.53
N PRO F 283 11.64 10.56 4.65
CA PRO F 283 12.37 9.29 4.79
C PRO F 283 13.13 9.12 6.11
N ILE F 284 13.63 10.22 6.66
CA ILE F 284 14.40 10.17 7.88
C ILE F 284 13.67 9.50 9.05
N TRP F 285 12.35 9.46 9.00
CA TRP F 285 11.57 8.84 10.08
C TRP F 285 11.44 7.33 9.90
N SER F 286 11.89 6.83 8.75
CA SER F 286 11.83 5.39 8.48
C SER F 286 13.02 4.70 9.12
N ASN F 287 14.19 5.29 8.94
CA ASN F 287 15.43 4.76 9.52
C ASN F 287 15.88 3.44 8.87
N THR G 1 3.61 30.04 10.32
CA THR G 1 2.58 29.19 9.65
C THR G 1 1.63 28.59 10.69
N LYS G 2 0.50 28.07 10.22
CA LYS G 2 -0.50 27.46 11.08
C LYS G 2 -0.06 26.06 11.49
N VAL G 3 -0.47 25.64 12.69
CA VAL G 3 -0.11 24.34 13.23
C VAL G 3 -1.15 23.26 12.95
N VAL G 4 -0.71 22.07 12.57
CA VAL G 4 -1.64 20.99 12.26
C VAL G 4 -1.30 19.67 12.96
N LEU G 5 -2.31 18.84 13.18
CA LEU G 5 -2.12 17.54 13.82
C LEU G 5 -1.76 16.54 12.72
N GLY G 6 -0.59 15.93 12.84
CA GLY G 6 -0.17 14.96 11.86
C GLY G 6 -0.55 13.55 12.28
N GLN G 7 0.25 12.57 11.89
CA GLN G 7 -0.01 11.18 12.25
C GLN G 7 -0.06 11.05 13.78
N ASN G 8 -0.90 10.17 14.27
CA ASN G 8 -1.02 9.96 15.71
C ASN G 8 -1.67 8.63 16.03
N GLN G 9 -1.38 8.15 17.23
CA GLN G 9 -1.92 6.89 17.74
C GLN G 9 -1.79 6.91 19.27
N TYR G 10 -2.65 6.15 19.95
CA TYR G 10 -2.61 6.08 21.41
C TYR G 10 -3.19 4.74 21.85
N GLY G 11 -2.81 4.30 23.04
CA GLY G 11 -3.32 3.04 23.55
C GLY G 11 -2.65 2.62 24.85
N LYS G 12 -2.78 1.34 25.19
CA LYS G 12 -2.15 0.83 26.40
C LYS G 12 -1.01 -0.05 25.92
N ALA G 13 0.19 0.19 26.45
CA ALA G 13 1.35 -0.58 26.07
C ALA G 13 1.79 -1.53 27.16
N GLU G 14 2.38 -2.65 26.75
CA GLU G 14 2.89 -3.65 27.67
C GLU G 14 1.96 -4.18 28.77
N VAL G 15 0.84 -4.73 28.32
CA VAL G 15 -0.14 -5.34 29.20
C VAL G 15 0.34 -6.78 29.34
N ARG G 16 0.91 -7.14 30.49
CA ARG G 16 1.42 -8.49 30.71
C ARG G 16 0.31 -9.49 30.99
N LEU G 17 0.14 -10.41 30.06
CA LEU G 17 -0.91 -11.42 30.16
C LEU G 17 -0.40 -12.86 30.21
N VAL G 18 -0.96 -13.65 31.13
CA VAL G 18 -0.61 -15.05 31.23
C VAL G 18 -1.92 -15.81 31.17
N LYS G 19 -2.04 -16.69 30.17
CA LYS G 19 -3.24 -17.49 29.99
C LYS G 19 -2.94 -18.94 30.33
N VAL G 20 -3.61 -19.46 31.35
CA VAL G 20 -3.41 -20.85 31.73
C VAL G 20 -4.59 -21.63 31.18
N THR G 21 -4.29 -22.69 30.45
CA THR G 21 -5.34 -23.56 29.91
C THR G 21 -5.35 -24.78 30.81
N ARG G 22 -6.41 -24.93 31.59
CA ARG G 22 -6.49 -26.04 32.51
C ARG G 22 -7.80 -26.83 32.51
N ASN G 23 -8.33 -27.15 31.32
CA ASN G 23 -9.56 -27.92 31.28
C ASN G 23 -9.25 -29.36 31.71
N THR G 24 -8.01 -29.79 31.49
CA THR G 24 -7.57 -31.12 31.90
C THR G 24 -6.41 -30.90 32.86
N ALA G 25 -5.86 -31.98 33.41
CA ALA G 25 -4.75 -31.88 34.36
C ALA G 25 -3.44 -31.48 33.67
N ARG G 26 -3.44 -31.48 32.35
CA ARG G 26 -2.25 -31.13 31.60
C ARG G 26 -2.35 -29.66 31.21
N HIS G 27 -1.94 -28.79 32.15
CA HIS G 27 -1.98 -27.34 31.95
C HIS G 27 -1.09 -26.81 30.84
N GLU G 28 -1.56 -25.75 30.18
CA GLU G 28 -0.83 -25.08 29.09
C GLU G 28 -0.56 -23.66 29.52
N ILE G 29 0.56 -23.09 29.09
CA ILE G 29 0.90 -21.71 29.44
C ILE G 29 1.16 -20.82 28.24
N GLN G 30 0.46 -19.70 28.16
CA GLN G 30 0.67 -18.72 27.10
C GLN G 30 1.03 -17.45 27.87
N ASP G 31 2.16 -16.85 27.53
CA ASP G 31 2.64 -15.66 28.21
C ASP G 31 2.97 -14.56 27.21
N LEU G 32 2.19 -13.48 27.25
CA LEU G 32 2.39 -12.37 26.31
C LEU G 32 2.56 -11.01 26.94
N ASN G 33 3.17 -10.10 26.18
CA ASN G 33 3.37 -8.70 26.58
C ASN G 33 2.69 -7.98 25.41
N VAL G 34 1.44 -7.55 25.62
CA VAL G 34 0.61 -6.93 24.61
C VAL G 34 0.49 -5.40 24.60
N THR G 35 0.50 -4.82 23.40
CA THR G 35 0.35 -3.39 23.24
C THR G 35 -0.72 -3.14 22.17
N SER G 36 -1.66 -2.26 22.50
CA SER G 36 -2.76 -1.92 21.61
C SER G 36 -2.87 -0.41 21.47
N GLN G 37 -2.74 0.09 20.24
CA GLN G 37 -2.87 1.52 19.97
C GLN G 37 -3.90 1.74 18.86
N LEU G 38 -4.66 2.84 18.97
CA LEU G 38 -5.69 3.13 17.99
C LEU G 38 -5.34 4.27 17.05
N ARG G 39 -5.91 4.20 15.85
CA ARG G 39 -5.72 5.22 14.83
C ARG G 39 -7.09 5.58 14.27
N GLY G 40 -7.26 6.85 13.93
CA GLY G 40 -8.53 7.32 13.41
C GLY G 40 -8.67 8.81 13.60
N ASP G 41 -9.88 9.26 13.88
CA ASP G 41 -10.14 10.68 14.06
C ASP G 41 -10.06 11.12 15.51
N PHE G 42 -8.92 11.68 15.89
CA PHE G 42 -8.73 12.16 17.25
C PHE G 42 -8.31 13.63 17.25
N GLU G 43 -8.72 14.36 16.22
CA GLU G 43 -8.40 15.77 16.08
C GLU G 43 -8.81 16.58 17.30
N ALA G 44 -10.08 16.43 17.69
CA ALA G 44 -10.65 17.16 18.82
C ALA G 44 -10.01 16.82 20.17
N ALA G 45 -9.58 15.58 20.35
CA ALA G 45 -8.95 15.16 21.60
C ALA G 45 -7.64 15.92 21.80
N HIS G 46 -6.87 16.08 20.72
CA HIS G 46 -5.59 16.78 20.78
C HIS G 46 -5.78 18.30 20.80
N THR G 47 -6.55 18.81 19.85
CA THR G 47 -6.77 20.24 19.72
C THR G 47 -7.78 20.86 20.69
N ALA G 48 -8.67 20.06 21.26
CA ALA G 48 -9.68 20.64 22.16
C ALA G 48 -9.88 20.00 23.53
N GLY G 49 -9.28 18.85 23.78
CA GLY G 49 -9.50 18.21 25.06
C GLY G 49 -10.89 17.56 25.11
N ASP G 50 -11.49 17.34 23.95
CA ASP G 50 -12.80 16.70 23.84
C ASP G 50 -12.54 15.20 23.71
N ASN G 51 -12.82 14.45 24.78
CA ASN G 51 -12.54 13.01 24.77
C ASN G 51 -13.61 12.06 24.30
N ALA G 52 -14.64 12.56 23.62
CA ALA G 52 -15.72 11.70 23.15
C ALA G 52 -15.24 10.52 22.30
N HIS G 53 -14.18 10.72 21.52
CA HIS G 53 -13.63 9.65 20.66
C HIS G 53 -12.57 8.79 21.31
N VAL G 54 -12.11 9.21 22.49
CA VAL G 54 -11.04 8.50 23.17
C VAL G 54 -11.42 7.26 23.96
N VAL G 55 -11.41 6.10 23.29
CA VAL G 55 -11.68 4.84 23.96
C VAL G 55 -10.48 4.72 24.91
N ALA G 56 -10.74 4.84 26.20
CA ALA G 56 -9.69 4.82 27.22
C ALA G 56 -8.65 3.71 27.11
N THR G 57 -7.39 4.07 27.35
CA THR G 57 -6.32 3.09 27.30
C THR G 57 -6.66 1.99 28.32
N ASP G 58 -7.27 2.40 29.42
CA ASP G 58 -7.66 1.46 30.48
C ASP G 58 -8.67 0.47 29.91
N THR G 59 -9.53 0.96 29.01
CA THR G 59 -10.53 0.12 28.39
C THR G 59 -9.88 -0.85 27.41
N GLN G 60 -8.91 -0.37 26.64
CA GLN G 60 -8.23 -1.24 25.69
C GLN G 60 -7.59 -2.37 26.48
N LYS G 61 -7.01 -2.03 27.63
CA LYS G 61 -6.37 -3.01 28.50
C LYS G 61 -7.37 -4.06 28.97
N ASN G 62 -8.53 -3.59 29.44
CA ASN G 62 -9.56 -4.51 29.93
C ASN G 62 -9.96 -5.50 28.84
N THR G 63 -10.09 -5.01 27.61
CA THR G 63 -10.50 -5.84 26.49
C THR G 63 -9.51 -6.98 26.25
N VAL G 64 -8.23 -6.69 26.45
CA VAL G 64 -7.19 -7.70 26.27
C VAL G 64 -7.44 -8.88 27.20
N TYR G 65 -7.70 -8.59 28.47
CA TYR G 65 -7.93 -9.64 29.45
C TYR G 65 -9.26 -10.35 29.23
N ALA G 66 -10.28 -9.60 28.85
CA ALA G 66 -11.58 -10.19 28.60
C ALA G 66 -11.52 -11.15 27.42
N PHE G 67 -10.82 -10.77 26.37
CA PHE G 67 -10.70 -11.63 25.20
C PHE G 67 -9.82 -12.83 25.50
N ALA G 68 -8.83 -12.63 26.38
CA ALA G 68 -7.93 -13.71 26.73
C ALA G 68 -8.71 -14.86 27.40
N ARG G 69 -9.85 -14.54 27.98
CA ARG G 69 -10.68 -15.54 28.65
C ARG G 69 -11.18 -16.59 27.66
N ASP G 70 -11.47 -16.16 26.43
CA ASP G 70 -11.97 -17.08 25.41
C ASP G 70 -10.85 -17.93 24.84
N GLY G 71 -9.62 -17.58 25.17
CA GLY G 71 -8.49 -18.34 24.66
C GLY G 71 -8.19 -17.96 23.22
N PHE G 72 -7.02 -18.35 22.75
CA PHE G 72 -6.58 -18.05 21.39
C PHE G 72 -5.53 -19.09 21.02
N ALA G 73 -5.56 -19.52 19.76
CA ALA G 73 -4.62 -20.53 19.26
C ALA G 73 -3.21 -20.01 19.06
N THR G 74 -3.08 -18.74 18.71
CA THR G 74 -1.78 -18.14 18.47
C THR G 74 -1.77 -16.66 18.81
N THR G 75 -0.58 -16.10 18.98
CA THR G 75 -0.43 -14.68 19.28
C THR G 75 -1.02 -13.84 18.14
N GLU G 76 -0.76 -14.27 16.90
CA GLU G 76 -1.27 -13.53 15.75
C GLU G 76 -2.81 -13.55 15.73
N GLU G 77 -3.38 -14.71 16.02
CA GLU G 77 -4.83 -14.83 16.04
C GLU G 77 -5.42 -13.91 17.12
N PHE G 78 -4.72 -13.79 18.25
CA PHE G 78 -5.16 -12.95 19.36
C PHE G 78 -5.14 -11.49 18.95
N LEU G 79 -4.06 -11.06 18.29
CA LEU G 79 -3.97 -9.67 17.85
C LEU G 79 -5.05 -9.32 16.82
N LEU G 80 -5.31 -10.24 15.90
CA LEU G 80 -6.34 -10.02 14.87
C LEU G 80 -7.71 -9.80 15.49
N ARG G 81 -8.05 -10.58 16.51
CA ARG G 81 -9.34 -10.40 17.14
C ARG G 81 -9.42 -9.01 17.78
N LEU G 82 -8.35 -8.62 18.47
CA LEU G 82 -8.31 -7.30 19.12
C LEU G 82 -8.44 -6.18 18.09
N GLY G 83 -7.66 -6.30 17.02
CA GLY G 83 -7.68 -5.28 15.98
C GLY G 83 -9.02 -5.07 15.31
N LYS G 84 -9.67 -6.16 14.92
CA LYS G 84 -10.97 -6.08 14.27
C LYS G 84 -12.01 -5.50 15.22
N HIS G 85 -11.90 -5.84 16.51
CA HIS G 85 -12.83 -5.35 17.51
C HIS G 85 -12.85 -3.83 17.59
N PHE G 86 -11.69 -3.23 17.73
CA PHE G 86 -11.62 -1.76 17.86
C PHE G 86 -11.95 -1.02 16.57
N THR G 87 -11.47 -1.54 15.44
CA THR G 87 -11.73 -0.86 14.18
C THR G 87 -13.21 -0.98 13.79
N GLU G 88 -13.77 -2.17 13.92
CA GLU G 88 -15.18 -2.36 13.59
C GLU G 88 -16.10 -1.84 14.68
N GLY G 89 -15.58 -1.81 15.91
CA GLY G 89 -16.39 -1.35 17.04
C GLY G 89 -16.60 0.14 17.14
N PHE G 90 -15.79 0.94 16.47
CA PHE G 90 -15.93 2.39 16.54
C PHE G 90 -15.74 3.05 15.18
N ASP G 91 -16.76 3.81 14.78
CA ASP G 91 -16.78 4.50 13.49
C ASP G 91 -15.58 5.41 13.24
N TRP G 92 -15.16 6.13 14.27
CA TRP G 92 -14.03 7.05 14.14
C TRP G 92 -12.67 6.35 14.21
N VAL G 93 -12.67 5.08 14.60
CA VAL G 93 -11.42 4.32 14.63
C VAL G 93 -11.33 3.59 13.30
N THR G 94 -10.36 3.98 12.48
CA THR G 94 -10.16 3.40 11.15
C THR G 94 -9.05 2.35 11.07
N GLY G 95 -8.28 2.22 12.14
CA GLY G 95 -7.20 1.25 12.15
C GLY G 95 -6.44 1.24 13.46
N GLY G 96 -5.20 0.76 13.43
CA GLY G 96 -4.41 0.71 14.64
C GLY G 96 -3.20 -0.18 14.52
N ARG G 97 -2.51 -0.37 15.63
CA ARG G 97 -1.33 -1.21 15.67
C ARG G 97 -1.32 -2.01 16.98
N TRP G 98 -1.37 -3.33 16.85
CA TRP G 98 -1.36 -4.23 18.01
C TRP G 98 -0.12 -5.09 17.89
N ALA G 99 0.64 -5.18 18.97
CA ALA G 99 1.86 -5.96 18.98
C ALA G 99 1.97 -6.81 20.23
N ALA G 100 2.86 -7.79 20.18
CA ALA G 100 3.04 -8.67 21.31
C ALA G 100 4.39 -9.37 21.29
N GLN G 101 4.85 -9.68 22.49
CA GLN G 101 6.07 -10.42 22.69
C GLN G 101 5.50 -11.71 23.29
N GLN G 102 5.99 -12.85 22.84
CA GLN G 102 5.52 -14.13 23.37
C GLN G 102 6.70 -14.75 24.07
N PHE G 103 6.48 -15.16 25.32
CA PHE G 103 7.55 -15.76 26.10
C PHE G 103 7.32 -17.26 26.21
N PHE G 104 8.40 -18.02 26.00
CA PHE G 104 8.32 -19.48 26.04
C PHE G 104 8.62 -20.10 27.39
N TRP G 105 7.99 -21.25 27.63
CA TRP G 105 8.15 -22.00 28.86
C TRP G 105 8.29 -23.48 28.52
N ASP G 106 9.09 -24.18 29.30
CA ASP G 106 9.29 -25.61 29.10
C ASP G 106 8.82 -26.26 30.40
N ARG G 107 8.25 -27.45 30.31
CA ARG G 107 7.79 -28.15 31.49
C ARG G 107 8.98 -28.63 32.30
N ILE G 108 8.81 -28.72 33.61
CA ILE G 108 9.89 -29.22 34.45
C ILE G 108 9.69 -30.73 34.51
N ASN G 109 10.58 -31.49 33.89
CA ASN G 109 10.46 -32.95 33.88
C ASN G 109 9.09 -33.38 33.37
N ASP G 110 8.62 -32.72 32.32
CA ASP G 110 7.33 -33.05 31.73
C ASP G 110 6.19 -32.98 32.75
N HIS G 111 6.38 -32.19 33.80
CA HIS G 111 5.36 -32.01 34.84
C HIS G 111 4.10 -31.38 34.23
N ASP G 112 2.94 -31.76 34.75
CA ASP G 112 1.65 -31.27 34.26
C ASP G 112 1.33 -29.79 34.49
N HIS G 113 1.86 -29.20 35.55
CA HIS G 113 1.56 -27.79 35.82
C HIS G 113 2.70 -26.98 36.45
N ALA G 114 3.93 -27.38 36.16
CA ALA G 114 5.11 -26.66 36.66
C ALA G 114 6.00 -26.43 35.45
N PHE G 115 6.48 -25.20 35.29
CA PHE G 115 7.32 -24.83 34.15
C PHE G 115 8.51 -23.96 34.50
N SER G 116 9.44 -23.84 33.55
CA SER G 116 10.59 -22.97 33.69
C SER G 116 10.70 -22.20 32.38
N ARG G 117 11.12 -20.94 32.44
CA ARG G 117 11.22 -20.11 31.26
C ARG G 117 12.39 -20.38 30.33
N ASN G 118 12.11 -20.39 29.03
CA ASN G 118 13.15 -20.57 28.03
C ASN G 118 13.39 -19.15 27.52
N LYS G 119 14.41 -18.50 28.08
CA LYS G 119 14.73 -17.13 27.73
C LYS G 119 15.72 -16.98 26.58
N SER G 120 16.00 -18.07 25.88
CA SER G 120 16.97 -18.01 24.79
C SER G 120 16.47 -17.26 23.55
N GLU G 121 15.19 -16.89 23.54
CA GLU G 121 14.61 -16.14 22.44
C GLU G 121 13.25 -15.59 22.83
N VAL G 122 12.82 -14.59 22.08
CA VAL G 122 11.53 -13.96 22.31
C VAL G 122 10.87 -13.83 20.94
N ARG G 123 9.62 -14.29 20.85
CA ARG G 123 8.85 -14.24 19.60
C ARG G 123 8.04 -12.95 19.59
N THR G 124 7.90 -12.34 18.41
CA THR G 124 7.15 -11.10 18.31
C THR G 124 6.11 -11.13 17.20
N ALA G 125 5.03 -10.39 17.40
CA ALA G 125 3.96 -10.31 16.43
C ALA G 125 3.45 -8.88 16.41
N VAL G 126 3.18 -8.36 15.21
CA VAL G 126 2.67 -7.01 15.06
C VAL G 126 1.63 -6.98 13.95
N LEU G 127 0.44 -6.48 14.29
CA LEU G 127 -0.65 -6.37 13.36
C LEU G 127 -0.96 -4.91 13.14
N GLU G 128 -1.17 -4.52 11.89
CA GLU G 128 -1.52 -3.15 11.59
C GLU G 128 -2.70 -3.17 10.64
N ILE G 129 -3.81 -2.56 11.07
CA ILE G 129 -5.01 -2.51 10.26
C ILE G 129 -5.18 -1.11 9.70
N SER G 130 -5.42 -1.04 8.40
CA SER G 130 -5.64 0.23 7.73
C SER G 130 -6.84 0.01 6.85
N GLY G 131 -8.03 0.30 7.40
CA GLY G 131 -9.24 0.07 6.63
C GLY G 131 -9.54 -1.42 6.62
N SER G 132 -9.49 -2.03 5.45
CA SER G 132 -9.77 -3.47 5.37
C SER G 132 -8.48 -4.26 5.31
N GLU G 133 -7.36 -3.56 5.16
CA GLU G 133 -6.04 -4.20 5.07
C GLU G 133 -5.55 -4.63 6.46
N GLN G 134 -5.02 -5.84 6.53
CA GLN G 134 -4.50 -6.39 7.77
C GLN G 134 -3.09 -6.89 7.54
N ALA G 135 -2.10 -6.10 7.96
CA ALA G 135 -0.71 -6.48 7.78
C ALA G 135 -0.12 -7.11 9.03
N ILE G 136 0.55 -8.24 8.84
CA ILE G 136 1.17 -8.94 9.96
C ILE G 136 2.66 -9.17 9.75
N VAL G 137 3.43 -8.79 10.76
CA VAL G 137 4.87 -8.97 10.77
C VAL G 137 5.22 -9.81 12.01
N ALA G 138 5.82 -10.97 11.77
CA ALA G 138 6.23 -11.85 12.86
C ALA G 138 7.73 -11.74 12.94
N GLY G 139 8.30 -12.03 14.10
CA GLY G 139 9.73 -11.94 14.22
C GLY G 139 10.28 -12.65 15.41
N ILE G 140 11.61 -12.67 15.50
CA ILE G 140 12.29 -13.30 16.61
C ILE G 140 13.37 -12.33 17.08
N GLU G 141 13.70 -12.39 18.37
CA GLU G 141 14.73 -11.51 18.90
C GLU G 141 15.37 -12.12 20.14
N GLY G 142 16.54 -11.62 20.51
CA GLY G 142 17.23 -12.13 21.69
C GLY G 142 17.88 -13.48 21.50
N LEU G 143 17.97 -13.94 20.26
CA LEU G 143 18.58 -15.23 19.96
C LEU G 143 20.04 -15.03 19.54
N THR G 144 20.93 -15.14 20.52
CA THR G 144 22.36 -14.95 20.31
C THR G 144 23.02 -16.20 19.75
N VAL G 145 23.81 -16.02 18.70
CA VAL G 145 24.49 -17.14 18.06
C VAL G 145 25.96 -16.85 17.85
N LEU G 146 26.74 -17.90 17.64
CA LEU G 146 28.17 -17.74 17.46
C LEU G 146 28.83 -18.89 16.71
N LYS G 147 29.81 -18.54 15.88
CA LYS G 147 30.59 -19.53 15.13
C LYS G 147 32.01 -19.32 15.61
N SER G 148 32.66 -20.39 16.03
CA SER G 148 34.02 -20.30 16.52
C SER G 148 35.01 -20.36 15.35
N THR G 149 34.49 -20.62 14.16
CA THR G 149 35.29 -20.66 12.94
C THR G 149 34.33 -20.75 11.75
N GLY G 150 34.86 -20.79 10.53
CA GLY G 150 33.99 -20.84 9.37
C GLY G 150 33.51 -19.43 9.05
N SER G 151 34.37 -18.46 9.37
CA SER G 151 34.08 -17.06 9.13
C SER G 151 35.35 -16.27 8.84
N GLU G 152 35.36 -15.56 7.73
CA GLU G 152 36.49 -14.72 7.37
C GLU G 152 36.01 -13.36 6.90
N PHE G 153 36.94 -12.43 6.78
CA PHE G 153 36.64 -11.07 6.34
C PHE G 153 37.89 -10.45 5.75
N HIS G 154 37.90 -10.35 4.43
CA HIS G 154 39.04 -9.78 3.73
C HIS G 154 38.58 -9.18 2.40
N GLY G 155 39.51 -8.53 1.71
CA GLY G 155 39.18 -7.93 0.44
C GLY G 155 38.49 -6.57 0.57
N PHE G 156 38.48 -6.01 1.78
CA PHE G 156 37.86 -4.71 1.97
C PHE G 156 38.85 -3.59 1.63
N PRO G 157 38.34 -2.40 1.28
CA PRO G 157 39.19 -1.24 0.94
C PRO G 157 39.99 -0.77 2.14
N ARG G 158 41.20 -0.28 1.91
CA ARG G 158 42.03 0.22 3.00
C ARG G 158 42.28 1.72 2.78
N ASP G 159 41.38 2.55 3.28
CA ASP G 159 41.53 3.98 3.12
C ASP G 159 42.56 4.51 4.12
N LYS G 160 42.72 5.83 4.19
CA LYS G 160 43.72 6.41 5.10
C LYS G 160 43.48 6.16 6.59
N TYR G 161 42.29 5.67 6.94
CA TYR G 161 41.96 5.39 8.33
C TYR G 161 41.76 3.89 8.63
N THR G 162 42.13 3.03 7.69
CA THR G 162 41.94 1.59 7.88
C THR G 162 43.14 0.89 8.51
N THR G 163 42.89 0.21 9.63
CA THR G 163 43.94 -0.50 10.34
C THR G 163 43.55 -1.95 10.54
N LEU G 164 42.26 -2.24 10.40
CA LEU G 164 41.76 -3.61 10.56
C LEU G 164 42.54 -4.48 9.59
N GLN G 165 42.95 -5.66 10.04
CA GLN G 165 43.71 -6.58 9.18
C GLN G 165 42.82 -7.64 8.56
N GLU G 166 43.19 -8.11 7.37
CA GLU G 166 42.44 -9.16 6.69
C GLU G 166 42.57 -10.44 7.48
N THR G 167 41.51 -11.25 7.51
CA THR G 167 41.57 -12.49 8.24
C THR G 167 40.79 -13.59 7.55
N THR G 168 41.20 -14.84 7.75
CA THR G 168 40.49 -15.96 7.14
C THR G 168 39.96 -16.90 8.20
N ASP G 169 40.06 -16.48 9.46
CA ASP G 169 39.54 -17.28 10.57
C ASP G 169 39.30 -16.37 11.77
N ARG G 170 38.03 -16.19 12.12
CA ARG G 170 37.66 -15.34 13.24
C ARG G 170 36.32 -15.84 13.79
N ILE G 171 35.91 -15.30 14.94
CA ILE G 171 34.63 -15.64 15.53
C ILE G 171 33.56 -14.71 14.97
N LEU G 172 32.41 -15.25 14.62
CA LEU G 172 31.30 -14.45 14.11
C LEU G 172 30.16 -14.64 15.11
N ALA G 173 29.81 -13.57 15.82
CA ALA G 173 28.74 -13.64 16.82
C ALA G 173 27.76 -12.49 16.65
N THR G 174 26.47 -12.78 16.81
CA THR G 174 25.43 -11.78 16.66
C THR G 174 24.16 -12.15 17.39
N ASP G 175 23.26 -11.18 17.54
CA ASP G 175 21.96 -11.44 18.16
C ASP G 175 20.99 -11.44 16.98
N VAL G 176 20.40 -12.58 16.68
CA VAL G 176 19.45 -12.66 15.58
C VAL G 176 18.16 -11.93 15.90
N SER G 177 17.91 -10.86 15.14
CA SER G 177 16.67 -10.09 15.26
C SER G 177 16.17 -10.08 13.83
N ALA G 178 15.07 -10.77 13.61
CA ALA G 178 14.52 -10.86 12.27
C ALA G 178 13.03 -10.63 12.31
N ARG G 179 12.53 -9.96 11.28
CA ARG G 179 11.12 -9.65 11.15
C ARG G 179 10.70 -9.87 9.72
N TRP G 180 9.61 -10.62 9.52
CA TRP G 180 9.14 -10.90 8.19
C TRP G 180 7.66 -10.55 8.08
N ARG G 181 7.30 -9.97 6.94
CA ARG G 181 5.92 -9.54 6.70
C ARG G 181 5.18 -10.53 5.82
N TYR G 182 4.02 -10.97 6.30
CA TYR G 182 3.18 -11.91 5.58
C TYR G 182 2.34 -11.17 4.54
N ASN G 183 2.21 -11.75 3.35
CA ASN G 183 1.41 -11.14 2.29
C ASN G 183 -0.04 -11.60 2.37
N THR G 184 -0.36 -12.38 3.39
CA THR G 184 -1.71 -12.90 3.61
C THR G 184 -1.86 -13.32 5.06
N VAL G 185 -3.06 -13.19 5.62
CA VAL G 185 -3.27 -13.58 7.02
C VAL G 185 -3.54 -15.06 7.21
N GLU G 186 -3.77 -15.80 6.12
CA GLU G 186 -4.01 -17.24 6.24
C GLU G 186 -2.67 -17.96 6.33
N VAL G 187 -2.15 -18.01 7.54
CA VAL G 187 -0.85 -18.63 7.80
C VAL G 187 -0.89 -19.50 9.05
N ASP G 188 -0.21 -20.63 9.01
CA ASP G 188 -0.11 -21.50 10.16
C ASP G 188 1.01 -20.81 10.92
N PHE G 189 0.65 -19.73 11.61
CA PHE G 189 1.62 -18.91 12.32
C PHE G 189 2.68 -19.65 13.16
N ASP G 190 2.27 -20.64 13.94
CA ASP G 190 3.23 -21.38 14.77
C ASP G 190 4.19 -22.21 13.91
N ALA G 191 3.67 -22.82 12.86
CA ALA G 191 4.49 -23.65 11.99
C ALA G 191 5.53 -22.82 11.23
N VAL G 192 5.11 -21.68 10.68
CA VAL G 192 6.05 -20.83 9.94
C VAL G 192 7.13 -20.27 10.86
N TYR G 193 6.75 -19.83 12.05
CA TYR G 193 7.74 -19.29 12.98
C TYR G 193 8.84 -20.32 13.29
N ALA G 194 8.43 -21.57 13.48
CA ALA G 194 9.38 -22.65 13.79
C ALA G 194 10.27 -22.92 12.59
N SER G 195 9.69 -22.87 11.40
CA SER G 195 10.44 -23.11 10.17
C SER G 195 11.41 -21.97 9.94
N VAL G 196 10.89 -20.75 9.89
CA VAL G 196 11.71 -19.56 9.68
C VAL G 196 12.90 -19.57 10.63
N ARG G 197 12.61 -19.79 11.91
CA ARG G 197 13.63 -19.86 12.95
C ARG G 197 14.66 -20.90 12.54
N GLY G 198 14.18 -22.09 12.18
CA GLY G 198 15.06 -23.15 11.78
C GLY G 198 15.93 -22.77 10.60
N LEU G 199 15.33 -22.08 9.64
CA LEU G 199 16.06 -21.64 8.45
C LEU G 199 17.13 -20.59 8.79
N LEU G 200 16.79 -19.63 9.64
CA LEU G 200 17.76 -18.60 10.00
C LEU G 200 18.98 -19.24 10.65
N LEU G 201 18.76 -20.13 11.62
CA LEU G 201 19.84 -20.80 12.33
C LEU G 201 20.70 -21.67 11.43
N LYS G 202 20.06 -22.40 10.53
CA LYS G 202 20.76 -23.28 9.59
C LYS G 202 21.66 -22.49 8.65
N ALA G 203 21.10 -21.47 8.02
CA ALA G 203 21.88 -20.64 7.11
C ALA G 203 23.03 -19.97 7.86
N PHE G 204 22.78 -19.54 9.09
CA PHE G 204 23.83 -18.90 9.86
C PHE G 204 24.98 -19.89 10.13
N ALA G 205 24.65 -21.05 10.69
CA ALA G 205 25.68 -22.05 11.01
C ALA G 205 26.40 -22.67 9.81
N GLU G 206 25.65 -23.01 8.78
CA GLU G 206 26.20 -23.67 7.60
C GLU G 206 26.83 -22.84 6.50
N THR G 207 26.61 -21.53 6.50
CA THR G 207 27.21 -20.71 5.45
C THR G 207 28.64 -20.37 5.84
N HIS G 208 29.61 -20.64 4.95
CA HIS G 208 30.98 -20.28 5.24
C HIS G 208 30.99 -18.78 4.98
N SER G 209 31.00 -18.01 6.05
CA SER G 209 30.93 -16.56 5.97
C SER G 209 32.17 -15.79 5.52
N LEU G 210 31.95 -14.89 4.56
CA LEU G 210 32.99 -14.02 4.02
C LEU G 210 32.71 -12.60 4.49
N ALA G 211 31.59 -12.44 5.22
CA ALA G 211 31.16 -11.16 5.78
C ALA G 211 29.80 -11.37 6.42
N LEU G 212 29.48 -10.62 7.46
CA LEU G 212 28.18 -10.78 8.12
C LEU G 212 27.09 -10.47 7.09
N GLN G 213 27.40 -9.55 6.19
CA GLN G 213 26.47 -9.16 5.11
C GLN G 213 26.04 -10.36 4.29
N GLN G 214 27.00 -11.21 3.96
CA GLN G 214 26.74 -12.38 3.15
C GLN G 214 25.94 -13.42 3.91
N THR G 215 26.31 -13.65 5.16
CA THR G 215 25.63 -14.60 6.03
C THR G 215 24.15 -14.24 6.14
N MET G 216 23.91 -12.95 6.38
CA MET G 216 22.58 -12.41 6.54
C MET G 216 21.76 -12.59 5.26
N TYR G 217 22.39 -12.36 4.11
CA TYR G 217 21.70 -12.48 2.84
C TYR G 217 21.21 -13.91 2.64
N GLU G 218 22.07 -14.89 2.95
CA GLU G 218 21.71 -16.30 2.82
C GLU G 218 20.60 -16.68 3.78
N MET G 219 20.65 -16.15 5.00
CA MET G 219 19.62 -16.42 6.00
C MET G 219 18.25 -15.97 5.50
N GLY G 220 18.19 -14.75 4.98
CA GLY G 220 16.93 -14.22 4.47
C GLY G 220 16.47 -14.89 3.19
N ARG G 221 17.40 -15.24 2.31
CA ARG G 221 17.03 -15.87 1.05
C ARG G 221 16.38 -17.23 1.26
N ALA G 222 16.87 -18.01 2.22
CA ALA G 222 16.33 -19.33 2.49
C ALA G 222 14.88 -19.19 2.96
N VAL G 223 14.60 -18.12 3.71
CA VAL G 223 13.26 -17.89 4.20
C VAL G 223 12.31 -17.50 3.07
N ILE G 224 12.74 -16.60 2.20
CA ILE G 224 11.91 -16.14 1.09
C ILE G 224 11.66 -17.26 0.09
N GLU G 225 12.68 -18.08 -0.15
CA GLU G 225 12.56 -19.19 -1.07
C GLU G 225 11.61 -20.27 -0.55
N THR G 226 11.64 -20.51 0.76
CA THR G 226 10.81 -21.54 1.37
C THR G 226 9.34 -21.17 1.66
N HIS G 227 9.06 -19.92 2.03
CA HIS G 227 7.68 -19.55 2.34
C HIS G 227 7.03 -18.49 1.43
N PRO G 228 6.14 -18.93 0.52
CA PRO G 228 5.42 -18.06 -0.42
C PRO G 228 4.58 -16.98 0.25
N GLU G 229 4.15 -17.22 1.49
CA GLU G 229 3.35 -16.24 2.21
C GLU G 229 4.12 -15.06 2.79
N ILE G 230 5.44 -15.09 2.65
CA ILE G 230 6.28 -14.00 3.17
C ILE G 230 6.81 -13.16 2.02
N ASP G 231 6.53 -11.86 2.04
CA ASP G 231 7.00 -10.96 0.99
C ASP G 231 8.42 -10.48 1.23
N GLU G 232 8.79 -10.33 2.49
CA GLU G 232 10.11 -9.82 2.81
C GLU G 232 10.52 -10.14 4.22
N ILE G 233 11.83 -10.13 4.46
CA ILE G 233 12.35 -10.37 5.79
C ILE G 233 13.41 -9.32 6.06
N LYS G 234 13.27 -8.63 7.18
CA LYS G 234 14.23 -7.63 7.59
C LYS G 234 15.03 -8.19 8.75
N MET G 235 16.32 -7.88 8.78
CA MET G 235 17.21 -8.34 9.83
C MET G 235 18.16 -7.23 10.29
N SER G 236 18.45 -7.23 11.59
CA SER G 236 19.35 -6.25 12.19
C SER G 236 20.33 -7.12 12.98
N LEU G 237 21.52 -7.30 12.43
CA LEU G 237 22.51 -8.15 13.05
C LEU G 237 23.75 -7.44 13.57
N PRO G 238 23.93 -7.40 14.90
CA PRO G 238 25.12 -6.73 15.43
C PRO G 238 26.31 -7.70 15.33
N ASN G 239 27.48 -7.18 15.00
CA ASN G 239 28.69 -8.01 14.91
C ASN G 239 29.32 -7.88 16.29
N LYS G 240 29.05 -8.84 17.17
CA LYS G 240 29.56 -8.84 18.54
C LYS G 240 31.02 -9.28 18.57
N HIS G 241 31.90 -8.29 18.56
CA HIS G 241 33.33 -8.50 18.52
C HIS G 241 33.97 -9.29 19.63
N HIS G 242 34.65 -10.35 19.21
CA HIS G 242 35.40 -11.22 20.10
C HIS G 242 36.81 -11.06 19.60
N PHE G 243 37.59 -10.27 20.32
CA PHE G 243 38.97 -9.99 19.93
C PHE G 243 39.92 -11.09 20.38
N LEU G 244 40.72 -11.58 19.45
CA LEU G 244 41.71 -12.59 19.77
C LEU G 244 42.75 -11.86 20.60
N VAL G 245 42.78 -12.15 21.90
CA VAL G 245 43.74 -11.50 22.79
C VAL G 245 45.17 -11.72 22.35
N ASP G 246 45.98 -10.66 22.42
CA ASP G 246 47.39 -10.74 22.05
C ASP G 246 48.21 -11.13 23.28
N LEU G 247 48.71 -12.37 23.28
CA LEU G 247 49.49 -12.88 24.39
C LEU G 247 51.00 -12.88 24.08
N GLN G 248 51.37 -12.32 22.93
CA GLN G 248 52.78 -12.24 22.53
C GLN G 248 53.61 -11.60 23.65
N PRO G 249 53.10 -10.49 24.22
CA PRO G 249 53.83 -9.81 25.29
C PRO G 249 54.17 -10.72 26.46
N PHE G 250 53.47 -11.85 26.56
CA PHE G 250 53.70 -12.79 27.64
C PHE G 250 54.38 -14.07 27.16
N GLY G 251 54.96 -14.02 25.97
CA GLY G 251 55.65 -15.19 25.43
C GLY G 251 54.77 -16.39 25.06
N GLN G 252 53.51 -16.15 24.70
CA GLN G 252 52.63 -17.26 24.32
C GLN G 252 51.93 -16.91 23.01
N ASP G 253 51.46 -17.93 22.31
CA ASP G 253 50.73 -17.68 21.08
C ASP G 253 49.26 -17.84 21.49
N ASN G 254 48.34 -17.57 20.56
CA ASN G 254 46.91 -17.69 20.86
C ASN G 254 46.22 -18.19 19.60
N PRO G 255 46.29 -19.51 19.35
CA PRO G 255 45.69 -20.17 18.18
C PRO G 255 44.17 -20.11 18.10
N ASN G 256 43.62 -18.90 17.99
CA ASN G 256 42.18 -18.68 17.90
C ASN G 256 41.46 -19.32 19.08
N GLU G 257 41.98 -19.10 20.28
CA GLU G 257 41.40 -19.69 21.47
C GLU G 257 40.95 -18.75 22.58
N VAL G 258 41.77 -17.75 22.90
CA VAL G 258 41.43 -16.81 23.97
C VAL G 258 40.88 -15.50 23.44
N PHE G 259 39.62 -15.22 23.74
CA PHE G 259 38.99 -13.99 23.27
C PHE G 259 38.47 -13.05 24.34
N TYR G 260 38.34 -11.78 23.94
CA TYR G 260 37.81 -10.75 24.79
C TYR G 260 36.50 -10.36 24.13
N ALA G 261 35.39 -10.53 24.84
CA ALA G 261 34.08 -10.18 24.32
C ALA G 261 33.74 -8.74 24.68
N ALA G 262 34.01 -7.83 23.75
CA ALA G 262 33.75 -6.40 23.96
C ALA G 262 32.27 -6.06 23.85
N ASP G 263 31.81 -5.11 24.66
CA ASP G 263 30.41 -4.70 24.66
C ASP G 263 30.11 -3.70 23.56
N ARG G 264 30.80 -2.57 23.60
CA ARG G 264 30.64 -1.52 22.61
C ARG G 264 32.01 -0.99 22.24
N PRO G 265 32.17 -0.49 21.02
CA PRO G 265 31.13 -0.40 19.99
C PRO G 265 30.98 -1.76 19.28
N TYR G 266 30.03 -1.83 18.36
CA TYR G 266 29.81 -3.07 17.61
C TYR G 266 29.35 -2.75 16.20
N GLY G 267 29.61 -3.68 15.29
CA GLY G 267 29.17 -3.46 13.93
C GLY G 267 27.67 -3.71 13.94
N LEU G 268 26.94 -3.02 13.08
CA LEU G 268 25.51 -3.23 12.97
C LEU G 268 25.22 -3.37 11.47
N ILE G 269 24.97 -4.62 11.06
CA ILE G 269 24.70 -4.94 9.66
C ILE G 269 23.20 -5.27 9.51
N GLU G 270 22.50 -4.43 8.78
CA GLU G 270 21.06 -4.61 8.58
C GLU G 270 20.69 -4.63 7.11
N ALA G 271 19.65 -5.40 6.78
CA ALA G 271 19.21 -5.50 5.38
C ALA G 271 17.83 -6.11 5.22
N THR G 272 17.23 -5.86 4.07
CA THR G 272 15.91 -6.38 3.74
C THR G 272 16.05 -7.30 2.53
N ILE G 273 15.56 -8.54 2.65
CA ILE G 273 15.62 -9.49 1.54
C ILE G 273 14.16 -9.77 1.19
N GLN G 274 13.81 -9.44 -0.05
CA GLN G 274 12.44 -9.60 -0.50
C GLN G 274 12.20 -10.40 -1.77
N ARG G 275 10.91 -10.65 -2.01
CA ARG G 275 10.43 -11.36 -3.17
C ARG G 275 10.42 -10.28 -4.26
N GLU G 276 10.97 -10.59 -5.42
CA GLU G 276 11.03 -9.62 -6.51
C GLU G 276 9.67 -9.04 -6.89
N GLY G 277 9.58 -7.71 -6.91
CA GLY G 277 8.34 -7.05 -7.26
C GLY G 277 7.39 -6.75 -6.12
N SER G 278 7.71 -7.21 -4.91
CA SER G 278 6.84 -6.94 -3.77
C SER G 278 7.06 -5.51 -3.27
N ARG G 279 6.06 -4.98 -2.58
CA ARG G 279 6.10 -3.62 -2.03
C ARG G 279 7.37 -3.42 -1.20
N ALA G 280 8.01 -2.27 -1.34
CA ALA G 280 9.24 -2.00 -0.60
C ALA G 280 9.08 -1.04 0.56
N ASP G 281 7.94 -0.36 0.65
CA ASP G 281 7.74 0.59 1.73
C ASP G 281 6.44 0.41 2.49
N HIS G 282 6.13 -0.82 2.90
CA HIS G 282 4.89 -1.02 3.64
C HIS G 282 4.90 -0.14 4.89
N PRO G 283 3.76 0.49 5.20
CA PRO G 283 3.60 1.37 6.36
C PRO G 283 3.99 0.71 7.69
N ILE G 284 3.69 -0.58 7.82
CA ILE G 284 3.96 -1.30 9.04
C ILE G 284 5.41 -1.16 9.53
N TRP G 285 6.33 -0.87 8.63
CA TRP G 285 7.72 -0.71 9.03
C TRP G 285 8.02 0.66 9.65
N SER G 286 6.99 1.50 9.81
CA SER G 286 7.20 2.83 10.39
C SER G 286 6.71 2.96 11.82
N ASN G 287 5.83 2.05 12.24
CA ASN G 287 5.31 2.06 13.60
C ASN G 287 4.51 3.34 13.87
N THR H 1 37.77 12.36 64.46
CA THR H 1 39.14 12.79 64.85
C THR H 1 40.18 11.81 64.32
N LYS H 2 40.29 10.64 64.95
CA LYS H 2 41.24 9.61 64.53
C LYS H 2 40.60 8.66 63.51
N VAL H 3 41.03 8.78 62.25
CA VAL H 3 40.51 7.94 61.19
C VAL H 3 41.44 6.75 60.89
N VAL H 4 40.86 5.65 60.45
CA VAL H 4 41.62 4.44 60.16
C VAL H 4 41.05 3.72 58.94
N LEU H 5 41.93 3.07 58.19
CA LEU H 5 41.51 2.32 57.01
C LEU H 5 41.04 0.95 57.47
N GLY H 6 39.81 0.60 57.13
CA GLY H 6 39.28 -0.69 57.51
C GLY H 6 39.41 -1.70 56.38
N GLN H 7 38.39 -2.54 56.22
CA GLN H 7 38.39 -3.56 55.18
C GLN H 7 38.53 -2.89 53.82
N ASN H 8 39.20 -3.57 52.89
CA ASN H 8 39.38 -3.03 51.55
C ASN H 8 39.84 -4.08 50.55
N GLN H 9 39.53 -3.84 49.28
CA GLN H 9 39.91 -4.75 48.22
C GLN H 9 39.78 -4.02 46.89
N TYR H 10 40.49 -4.50 45.88
CA TYR H 10 40.46 -3.88 44.57
C TYR H 10 40.95 -4.87 43.51
N GLY H 11 40.60 -4.60 42.25
CA GLY H 11 41.01 -5.47 41.17
C GLY H 11 40.25 -5.15 39.90
N LYS H 12 40.30 -6.06 38.93
CA LYS H 12 39.60 -5.87 37.68
C LYS H 12 38.28 -6.61 37.76
N ALA H 13 37.19 -5.88 37.52
CA ALA H 13 35.86 -6.45 37.57
C ALA H 13 35.29 -6.67 36.18
N GLU H 14 34.52 -7.75 36.03
CA GLU H 14 33.85 -8.12 34.79
C GLU H 14 34.72 -8.20 33.55
N VAL H 15 35.67 -9.13 33.57
CA VAL H 15 36.56 -9.36 32.45
C VAL H 15 35.86 -10.45 31.66
N ARG H 16 35.34 -10.10 30.48
CA ARG H 16 34.61 -11.08 29.67
C ARG H 16 35.58 -11.95 28.90
N LEU H 17 35.49 -13.24 29.15
CA LEU H 17 36.38 -14.20 28.53
C LEU H 17 35.66 -15.32 27.78
N VAL H 18 36.12 -15.59 26.57
CA VAL H 18 35.57 -16.68 25.79
C VAL H 18 36.77 -17.53 25.42
N LYS H 19 36.72 -18.80 25.85
CA LYS H 19 37.79 -19.74 25.57
C LYS H 19 37.25 -20.82 24.66
N VAL H 20 37.86 -20.94 23.49
CA VAL H 20 37.44 -21.94 22.53
C VAL H 20 38.41 -23.11 22.60
N THR H 21 37.86 -24.32 22.58
CA THR H 21 38.68 -25.53 22.61
C THR H 21 38.53 -26.10 21.21
N ARG H 22 39.63 -26.08 20.45
CA ARG H 22 39.57 -26.58 19.08
C ARG H 22 40.75 -27.45 18.66
N ASN H 23 41.27 -28.24 19.59
CA ASN H 23 42.37 -29.12 19.24
C ASN H 23 41.82 -30.16 18.26
N THR H 24 40.50 -30.27 18.23
CA THR H 24 39.80 -31.18 17.33
C THR H 24 38.79 -30.37 16.53
N ALA H 25 38.09 -31.01 15.59
CA ALA H 25 37.11 -30.31 14.78
C ALA H 25 35.83 -30.08 15.56
N ARG H 26 35.78 -30.67 16.76
CA ARG H 26 34.63 -30.56 17.63
C ARG H 26 34.92 -29.47 18.66
N HIS H 27 34.59 -28.22 18.32
CA HIS H 27 34.85 -27.09 19.21
C HIS H 27 33.96 -26.99 20.46
N GLU H 28 34.58 -26.55 21.55
CA GLU H 28 33.88 -26.37 22.83
C GLU H 28 33.96 -24.88 23.17
N ILE H 29 32.95 -24.38 23.88
CA ILE H 29 32.93 -22.97 24.28
C ILE H 29 32.84 -22.82 25.80
N GLN H 30 33.58 -21.86 26.34
CA GLN H 30 33.52 -21.55 27.77
C GLN H 30 33.44 -20.04 27.81
N ASP H 31 32.32 -19.54 28.32
CA ASP H 31 32.03 -18.11 28.38
C ASP H 31 31.94 -17.66 29.84
N LEU H 32 32.87 -16.81 30.27
CA LEU H 32 32.85 -16.34 31.64
C LEU H 32 32.91 -14.82 31.72
N ASN H 33 32.54 -14.31 32.88
CA ASN H 33 32.58 -12.88 33.18
C ASN H 33 33.35 -12.96 34.51
N VAL H 34 34.66 -12.77 34.45
CA VAL H 34 35.51 -12.90 35.62
C VAL H 34 35.84 -11.61 36.37
N THR H 35 35.82 -11.70 37.70
CA THR H 35 36.16 -10.55 38.53
C THR H 35 37.27 -10.98 39.49
N SER H 36 38.29 -10.15 39.57
CA SER H 36 39.44 -10.42 40.43
C SER H 36 39.72 -9.25 41.36
N GLN H 37 39.77 -9.53 42.65
CA GLN H 37 40.07 -8.50 43.65
C GLN H 37 41.05 -9.05 44.68
N LEU H 38 42.04 -8.24 45.04
CA LEU H 38 43.06 -8.65 46.00
C LEU H 38 42.92 -7.95 47.35
N ARG H 39 43.25 -8.69 48.40
CA ARG H 39 43.20 -8.17 49.76
C ARG H 39 44.59 -8.33 50.38
N GLY H 40 44.93 -7.43 51.31
CA GLY H 40 46.22 -7.51 51.94
C GLY H 40 46.66 -6.17 52.50
N ASP H 41 47.96 -5.91 52.46
CA ASP H 41 48.46 -4.65 52.98
C ASP H 41 48.57 -3.56 51.91
N PHE H 42 47.53 -2.74 51.82
CA PHE H 42 47.48 -1.65 50.86
C PHE H 42 47.32 -0.34 51.62
N GLU H 43 47.80 -0.36 52.86
CA GLU H 43 47.76 0.79 53.75
C GLU H 43 48.34 2.04 53.10
N ALA H 44 49.57 1.95 52.62
CA ALA H 44 50.24 3.08 52.00
C ALA H 44 49.57 3.54 50.71
N ALA H 45 49.01 2.58 49.96
CA ALA H 45 48.34 2.93 48.70
C ALA H 45 47.18 3.89 48.95
N HIS H 46 46.43 3.64 50.01
CA HIS H 46 45.29 4.48 50.35
C HIS H 46 45.63 5.80 51.02
N THR H 47 46.38 5.71 52.12
CA THR H 47 46.75 6.89 52.92
C THR H 47 47.90 7.76 52.40
N ALA H 48 48.75 7.20 51.55
CA ALA H 48 49.90 7.96 51.04
C ALA H 48 49.97 8.10 49.53
N GLY H 49 49.40 7.14 48.80
CA GLY H 49 49.46 7.21 47.36
C GLY H 49 50.69 6.45 46.89
N ASP H 50 51.18 5.58 47.77
CA ASP H 50 52.34 4.75 47.50
C ASP H 50 51.82 3.48 46.84
N ASN H 51 51.92 3.40 45.52
CA ASN H 51 51.41 2.25 44.77
C ASN H 51 52.36 1.08 44.66
N ALA H 52 53.42 1.09 45.46
CA ALA H 52 54.42 0.02 45.42
C ALA H 52 53.82 -1.38 45.55
N HIS H 53 52.73 -1.52 46.29
CA HIS H 53 52.09 -2.82 46.48
C HIS H 53 50.92 -3.06 45.50
N VAL H 54 50.46 -2.01 44.86
CA VAL H 54 49.31 -2.11 43.96
C VAL H 54 49.56 -2.84 42.64
N VAL H 55 49.23 -4.13 42.61
CA VAL H 55 49.35 -4.94 41.40
C VAL H 55 48.23 -4.42 40.50
N ALA H 56 48.58 -3.65 39.48
CA ALA H 56 47.59 -3.04 38.58
C ALA H 56 46.39 -3.92 38.23
N THR H 57 45.21 -3.32 38.19
CA THR H 57 44.03 -4.08 37.84
C THR H 57 44.23 -4.55 36.40
N ASP H 58 44.85 -3.69 35.59
CA ASP H 58 45.12 -4.02 34.20
C ASP H 58 45.93 -5.32 34.15
N THR H 59 46.87 -5.44 35.08
CA THR H 59 47.74 -6.62 35.14
C THR H 59 46.94 -7.85 35.56
N GLN H 60 45.98 -7.66 36.47
CA GLN H 60 45.16 -8.78 36.93
C GLN H 60 44.35 -9.26 35.73
N LYS H 61 43.96 -8.31 34.89
CA LYS H 61 43.21 -8.61 33.68
C LYS H 61 44.04 -9.47 32.73
N ASN H 62 45.27 -9.03 32.47
CA ASN H 62 46.15 -9.77 31.56
C ASN H 62 46.35 -11.19 32.05
N THR H 63 46.53 -11.36 33.35
CA THR H 63 46.74 -12.68 33.93
C THR H 63 45.59 -13.62 33.59
N VAL H 64 44.35 -13.11 33.70
CA VAL H 64 43.17 -13.91 33.40
C VAL H 64 43.24 -14.48 31.98
N TYR H 65 43.51 -13.61 31.01
CA TYR H 65 43.60 -14.05 29.61
C TYR H 65 44.81 -14.95 29.37
N ALA H 66 45.92 -14.63 30.04
CA ALA H 66 47.14 -15.44 29.87
C ALA H 66 46.93 -16.85 30.40
N PHE H 67 46.25 -16.97 31.54
CA PHE H 67 45.99 -18.28 32.13
C PHE H 67 44.97 -19.02 31.29
N ALA H 68 44.00 -18.28 30.77
CA ALA H 68 42.95 -18.88 29.95
C ALA H 68 43.56 -19.67 28.82
N ARG H 69 44.68 -19.18 28.29
CA ARG H 69 45.38 -19.85 27.20
C ARG H 69 45.62 -21.34 27.45
N ASP H 70 45.97 -21.67 28.69
CA ASP H 70 46.24 -23.06 29.10
C ASP H 70 44.98 -23.90 29.23
N GLY H 71 43.83 -23.25 29.23
CA GLY H 71 42.58 -23.98 29.36
C GLY H 71 42.25 -24.27 30.81
N PHE H 72 40.99 -24.63 31.05
CA PHE H 72 40.52 -24.97 32.39
C PHE H 72 39.38 -25.97 32.29
N ALA H 73 39.34 -26.92 33.22
CA ALA H 73 38.30 -27.94 33.23
C ALA H 73 36.96 -27.37 33.70
N THR H 74 36.99 -26.51 34.71
CA THR H 74 35.78 -25.90 35.24
C THR H 74 36.04 -24.44 35.61
N THR H 75 34.99 -23.72 35.94
CA THR H 75 35.11 -22.32 36.32
C THR H 75 35.78 -22.22 37.68
N GLU H 76 35.46 -23.16 38.56
CA GLU H 76 36.04 -23.19 39.90
C GLU H 76 37.54 -23.50 39.84
N GLU H 77 37.93 -24.38 38.92
CA GLU H 77 39.35 -24.70 38.78
C GLU H 77 40.09 -23.45 38.29
N PHE H 78 39.48 -22.75 37.35
CA PHE H 78 40.07 -21.55 36.80
C PHE H 78 40.25 -20.51 37.90
N LEU H 79 39.25 -20.35 38.74
CA LEU H 79 39.32 -19.36 39.82
C LEU H 79 40.37 -19.74 40.87
N LEU H 80 40.48 -21.03 41.17
CA LEU H 80 41.46 -21.51 42.15
C LEU H 80 42.87 -21.18 41.68
N ARG H 81 43.12 -21.33 40.37
CA ARG H 81 44.44 -21.02 39.84
C ARG H 81 44.78 -19.56 40.03
N LEU H 82 43.82 -18.68 39.71
CA LEU H 82 44.04 -17.24 39.85
C LEU H 82 44.32 -16.84 41.30
N GLY H 83 43.47 -17.31 42.21
CA GLY H 83 43.62 -17.00 43.63
C GLY H 83 44.96 -17.44 44.21
N LYS H 84 45.42 -18.62 43.82
CA LYS H 84 46.70 -19.13 44.32
C LYS H 84 47.84 -18.31 43.75
N HIS H 85 47.70 -17.92 42.49
CA HIS H 85 48.73 -17.13 41.83
C HIS H 85 48.97 -15.77 42.50
N PHE H 86 47.91 -15.04 42.77
CA PHE H 86 48.04 -13.70 43.37
C PHE H 86 48.43 -13.69 44.85
N THR H 87 47.96 -14.67 45.61
CA THR H 87 48.29 -14.73 47.03
C THR H 87 49.75 -15.15 47.21
N GLU H 88 50.15 -16.23 46.55
CA GLU H 88 51.52 -16.70 46.66
C GLU H 88 52.52 -15.81 45.93
N GLY H 89 52.10 -15.22 44.83
CA GLY H 89 52.99 -14.37 44.06
C GLY H 89 53.40 -13.06 44.72
N PHE H 90 52.62 -12.60 45.69
CA PHE H 90 52.93 -11.34 46.36
C PHE H 90 52.83 -11.50 47.88
N ASP H 91 53.84 -11.00 48.60
CA ASP H 91 53.87 -11.10 50.05
C ASP H 91 52.76 -10.29 50.70
N TRP H 92 52.58 -9.06 50.25
CA TRP H 92 51.57 -8.16 50.79
C TRP H 92 50.14 -8.57 50.42
N VAL H 93 50.01 -9.62 49.61
CA VAL H 93 48.70 -10.11 49.20
C VAL H 93 48.38 -11.35 50.05
N THR H 94 47.44 -11.20 50.97
CA THR H 94 47.08 -12.28 51.88
C THR H 94 45.82 -13.06 51.51
N GLY H 95 45.18 -12.65 50.43
CA GLY H 95 43.95 -13.33 50.01
C GLY H 95 43.19 -12.47 49.03
N GLY H 96 41.93 -12.82 48.81
CA GLY H 96 41.11 -12.05 47.90
C GLY H 96 39.79 -12.73 47.57
N ARG H 97 39.07 -12.18 46.61
CA ARG H 97 37.79 -12.73 46.18
C ARG H 97 37.82 -12.82 44.67
N TRP H 98 37.59 -14.02 44.16
CA TRP H 98 37.57 -14.26 42.72
C TRP H 98 36.23 -14.86 42.36
N ALA H 99 35.50 -14.16 41.50
CA ALA H 99 34.18 -14.62 41.10
C ALA H 99 34.06 -14.67 39.60
N ALA H 100 33.04 -15.40 39.15
CA ALA H 100 32.80 -15.54 37.74
C ALA H 100 31.38 -15.99 37.47
N GLN H 101 30.84 -15.53 36.34
CA GLN H 101 29.52 -15.93 35.92
C GLN H 101 29.84 -16.80 34.71
N GLN H 102 29.12 -17.89 34.54
CA GLN H 102 29.35 -18.76 33.39
C GLN H 102 28.09 -18.83 32.53
N PHE H 103 28.24 -18.46 31.25
CA PHE H 103 27.11 -18.47 30.33
C PHE H 103 27.16 -19.70 29.46
N PHE H 104 26.03 -20.40 29.34
CA PHE H 104 25.97 -21.64 28.55
C PHE H 104 25.58 -21.47 27.08
N TRP H 105 26.15 -22.34 26.25
CA TRP H 105 25.90 -22.35 24.81
C TRP H 105 25.47 -23.74 24.35
N ASP H 106 24.58 -23.77 23.36
CA ASP H 106 24.09 -25.03 22.80
C ASP H 106 24.49 -25.10 21.34
N ARG H 107 24.87 -26.29 20.88
CA ARG H 107 25.22 -26.45 19.48
C ARG H 107 23.96 -26.22 18.67
N ILE H 108 24.15 -25.72 17.44
CA ILE H 108 23.01 -25.51 16.56
C ILE H 108 22.90 -26.79 15.76
N ASN H 109 21.90 -27.61 16.06
CA ASN H 109 21.71 -28.87 15.37
C ASN H 109 22.99 -29.69 15.36
N ASP H 110 23.57 -29.83 16.54
CA ASP H 110 24.79 -30.61 16.75
C ASP H 110 25.96 -30.24 15.86
N HIS H 111 26.03 -28.96 15.48
CA HIS H 111 27.13 -28.48 14.65
C HIS H 111 28.44 -28.47 15.44
N ASP H 112 29.55 -28.69 14.73
CA ASP H 112 30.87 -28.72 15.34
C ASP H 112 31.38 -27.37 15.85
N HIS H 113 30.97 -26.27 15.23
CA HIS H 113 31.44 -24.96 15.67
C HIS H 113 30.43 -23.83 15.49
N ALA H 114 29.16 -24.15 15.67
CA ALA H 114 28.09 -23.18 15.55
C ALA H 114 27.21 -23.38 16.78
N PHE H 115 26.99 -22.29 17.53
CA PHE H 115 26.22 -22.36 18.76
C PHE H 115 25.18 -21.24 18.91
N SER H 116 24.29 -21.46 19.85
CA SER H 116 23.24 -20.51 20.18
C SER H 116 23.31 -20.42 21.69
N ARG H 117 23.22 -19.20 22.20
CA ARG H 117 23.30 -18.95 23.62
C ARG H 117 22.07 -19.47 24.40
N ASN H 118 22.31 -20.18 25.50
CA ASN H 118 21.25 -20.68 26.38
C ASN H 118 21.15 -19.66 27.51
N LYS H 119 20.14 -18.79 27.45
CA LYS H 119 19.98 -17.73 28.44
C LYS H 119 19.05 -17.98 29.61
N SER H 120 18.55 -19.21 29.73
CA SER H 120 17.61 -19.55 30.79
C SER H 120 18.16 -19.61 32.21
N GLU H 121 19.47 -19.53 32.37
CA GLU H 121 20.11 -19.53 33.70
C GLU H 121 21.55 -19.08 33.59
N VAL H 122 22.10 -18.64 34.71
CA VAL H 122 23.48 -18.20 34.76
C VAL H 122 24.15 -18.85 35.96
N ARG H 123 25.27 -19.52 35.72
CA ARG H 123 26.00 -20.19 36.78
C ARG H 123 27.03 -19.26 37.42
N THR H 124 27.20 -19.37 38.74
CA THR H 124 28.13 -18.53 39.46
C THR H 124 29.10 -19.32 40.32
N ALA H 125 30.26 -18.72 40.57
CA ALA H 125 31.26 -19.37 41.39
C ALA H 125 32.02 -18.24 42.07
N VAL H 126 32.33 -18.43 43.35
CA VAL H 126 33.06 -17.42 44.09
C VAL H 126 34.12 -18.08 44.96
N LEU H 127 35.33 -17.56 44.87
CA LEU H 127 36.42 -18.10 45.67
C LEU H 127 36.95 -16.99 46.56
N GLU H 128 37.06 -17.29 47.84
CA GLU H 128 37.61 -16.33 48.77
C GLU H 128 38.76 -17.02 49.48
N ILE H 129 39.93 -16.39 49.43
CA ILE H 129 41.09 -16.94 50.09
C ILE H 129 41.45 -16.00 51.22
N SER H 130 41.78 -16.57 52.37
CA SER H 130 42.15 -15.78 53.54
C SER H 130 43.33 -16.49 54.20
N GLY H 131 44.52 -15.95 54.00
CA GLY H 131 45.69 -16.59 54.56
C GLY H 131 45.80 -17.99 53.97
N SER H 132 45.81 -19.01 54.81
CA SER H 132 45.93 -20.38 54.33
C SER H 132 44.58 -21.07 54.16
N GLU H 133 43.50 -20.31 54.31
CA GLU H 133 42.17 -20.88 54.16
C GLU H 133 41.44 -20.33 52.94
N GLN H 134 40.71 -21.21 52.24
CA GLN H 134 39.96 -20.79 51.08
C GLN H 134 38.56 -21.43 51.12
N ALA H 135 37.64 -20.85 50.36
CA ALA H 135 36.27 -21.37 50.31
C ALA H 135 35.64 -21.06 48.96
N ILE H 136 34.84 -21.99 48.47
CA ILE H 136 34.15 -21.85 47.19
C ILE H 136 32.64 -21.89 47.32
N VAL H 137 31.97 -20.91 46.73
CA VAL H 137 30.51 -20.86 46.73
C VAL H 137 30.04 -20.93 45.28
N ALA H 138 29.34 -22.02 44.94
CA ALA H 138 28.83 -22.16 43.59
C ALA H 138 27.38 -21.70 43.65
N GLY H 139 26.79 -21.39 42.50
CA GLY H 139 25.41 -20.95 42.52
C GLY H 139 24.72 -20.93 41.17
N ILE H 140 23.46 -20.52 41.18
CA ILE H 140 22.67 -20.44 39.95
C ILE H 140 21.68 -19.30 40.09
N GLU H 141 21.49 -18.56 39.02
CA GLU H 141 20.56 -17.44 39.05
C GLU H 141 19.86 -17.24 37.72
N GLY H 142 18.85 -16.38 37.70
CA GLY H 142 18.12 -16.09 36.49
C GLY H 142 17.28 -17.22 35.93
N LEU H 143 17.01 -18.25 36.73
CA LEU H 143 16.20 -19.38 36.27
C LEU H 143 14.75 -19.18 36.77
N THR H 144 13.88 -18.72 35.88
CA THR H 144 12.49 -18.47 36.23
C THR H 144 11.63 -19.73 36.12
N VAL H 145 10.82 -19.95 37.15
CA VAL H 145 9.96 -21.13 37.22
C VAL H 145 8.56 -20.73 37.65
N LEU H 146 7.58 -21.58 37.33
CA LEU H 146 6.19 -21.29 37.66
C LEU H 146 5.27 -22.51 37.69
N LYS H 147 4.47 -22.59 38.75
CA LYS H 147 3.48 -23.66 38.91
C LYS H 147 2.15 -22.96 38.72
N SER H 148 1.29 -23.50 37.86
CA SER H 148 0.00 -22.88 37.61
C SER H 148 -1.03 -23.32 38.64
N THR H 149 -0.65 -24.27 39.48
CA THR H 149 -1.51 -24.76 40.56
C THR H 149 -0.62 -25.55 41.53
N GLY H 150 -1.23 -26.14 42.55
CA GLY H 150 -0.45 -26.90 43.51
C GLY H 150 0.23 -25.94 44.47
N SER H 151 -0.44 -24.82 44.72
CA SER H 151 0.06 -23.81 45.63
C SER H 151 -1.07 -23.08 46.32
N GLU H 152 -0.97 -22.96 47.63
CA GLU H 152 -1.96 -22.23 48.40
C GLU H 152 -1.28 -21.34 49.44
N PHE H 153 -2.06 -20.46 50.04
CA PHE H 153 -1.57 -19.56 51.07
C PHE H 153 -2.76 -19.13 51.93
N HIS H 154 -2.77 -19.60 53.17
CA HIS H 154 -3.84 -19.29 54.10
C HIS H 154 -3.39 -19.53 55.53
N GLY H 155 -4.18 -19.05 56.48
CA GLY H 155 -3.83 -19.22 57.88
C GLY H 155 -2.90 -18.15 58.42
N PHE H 156 -2.61 -17.13 57.62
CA PHE H 156 -1.74 -16.05 58.06
C PHE H 156 -2.51 -15.05 58.91
N PRO H 157 -1.80 -14.32 59.79
CA PRO H 157 -2.43 -13.33 60.68
C PRO H 157 -3.21 -12.27 59.89
N ARG H 158 -4.24 -11.72 60.52
CA ARG H 158 -5.03 -10.68 59.87
C ARG H 158 -5.17 -9.48 60.79
N ASP H 159 -4.34 -8.45 60.60
CA ASP H 159 -4.41 -7.26 61.41
C ASP H 159 -5.25 -6.19 60.69
N LYS H 160 -5.23 -4.97 61.20
CA LYS H 160 -6.01 -3.89 60.61
C LYS H 160 -5.55 -3.53 59.20
N TYR H 161 -4.36 -3.98 58.82
CA TYR H 161 -3.83 -3.68 57.50
C TYR H 161 -3.85 -4.86 56.54
N THR H 162 -4.57 -5.93 56.91
CA THR H 162 -4.64 -7.12 56.07
C THR H 162 -5.87 -7.21 55.20
N THR H 163 -5.67 -7.29 53.89
CA THR H 163 -6.80 -7.40 52.97
C THR H 163 -6.66 -8.61 52.05
N LEU H 164 -5.49 -9.22 52.04
CA LEU H 164 -5.25 -10.40 51.20
C LEU H 164 -6.19 -11.55 51.57
N GLN H 165 -6.86 -12.11 50.56
CA GLN H 165 -7.78 -13.21 50.80
C GLN H 165 -7.06 -14.55 50.74
N GLU H 166 -7.39 -15.44 51.66
CA GLU H 166 -6.77 -16.76 51.69
C GLU H 166 -7.13 -17.48 50.39
N THR H 167 -6.30 -18.45 49.99
CA THR H 167 -6.57 -19.21 48.78
C THR H 167 -5.96 -20.60 48.84
N THR H 168 -6.50 -21.52 48.04
CA THR H 168 -5.97 -22.87 48.00
C THR H 168 -5.57 -23.21 46.58
N ASP H 169 -5.61 -22.21 45.69
CA ASP H 169 -5.24 -22.40 44.29
C ASP H 169 -4.79 -21.09 43.67
N ARG H 170 -3.47 -20.94 43.52
CA ARG H 170 -2.88 -19.73 42.93
C ARG H 170 -1.66 -20.14 42.13
N ILE H 171 -1.09 -19.17 41.43
CA ILE H 171 0.12 -19.40 40.67
C ILE H 171 1.29 -19.07 41.60
N LEU H 172 2.37 -19.83 41.46
CA LEU H 172 3.58 -19.61 42.24
C LEU H 172 4.72 -19.46 41.25
N ALA H 173 5.19 -18.22 41.08
CA ALA H 173 6.28 -17.94 40.15
C ALA H 173 7.44 -17.27 40.88
N THR H 174 8.66 -17.65 40.51
CA THR H 174 9.84 -17.07 41.15
C THR H 174 11.07 -17.24 40.27
N ASP H 175 12.14 -16.56 40.65
CA ASP H 175 13.43 -16.65 39.96
C ASP H 175 14.38 -17.37 40.91
N VAL H 176 14.80 -18.57 40.51
CA VAL H 176 15.69 -19.33 41.37
C VAL H 176 17.08 -18.73 41.49
N SER H 177 17.38 -18.23 42.68
CA SER H 177 18.68 -17.64 42.98
C SER H 177 19.20 -18.40 44.19
N ALA H 178 20.20 -19.25 43.96
CA ALA H 178 20.76 -20.04 45.05
C ALA H 178 22.27 -20.13 44.97
N ARG H 179 22.90 -20.15 46.14
CA ARG H 179 24.34 -20.23 46.27
C ARG H 179 24.66 -21.14 47.44
N TRP H 180 25.52 -22.12 47.23
CA TRP H 180 25.88 -23.06 48.27
C TRP H 180 27.37 -23.09 48.55
N ARG H 181 27.73 -23.17 49.83
CA ARG H 181 29.12 -23.22 50.25
C ARG H 181 29.63 -24.66 50.36
N TYR H 182 30.76 -24.93 49.72
CA TYR H 182 31.36 -26.25 49.75
C TYR H 182 32.22 -26.35 51.00
N ASN H 183 32.33 -27.55 51.55
CA ASN H 183 33.14 -27.76 52.74
C ASN H 183 34.47 -28.41 52.34
N THR H 184 34.71 -28.46 51.03
CA THR H 184 35.93 -29.05 50.49
C THR H 184 36.11 -28.60 49.05
N VAL H 185 37.36 -28.42 48.62
CA VAL H 185 37.63 -28.01 47.26
C VAL H 185 37.66 -29.24 46.36
N GLU H 186 37.80 -30.41 46.98
CA GLU H 186 37.83 -31.67 46.23
C GLU H 186 36.42 -32.05 45.81
N VAL H 187 35.86 -31.28 44.88
CA VAL H 187 34.50 -31.51 44.41
C VAL H 187 34.39 -31.54 42.88
N ASP H 188 33.54 -32.44 42.38
CA ASP H 188 33.29 -32.53 40.95
C ASP H 188 32.28 -31.41 40.67
N PHE H 189 32.79 -30.18 40.67
CA PHE H 189 31.99 -28.97 40.47
C PHE H 189 30.91 -29.03 39.40
N ASP H 190 31.23 -29.56 38.22
CA ASP H 190 30.23 -29.65 37.16
C ASP H 190 29.11 -30.60 37.51
N ALA H 191 29.46 -31.78 38.05
CA ALA H 191 28.45 -32.77 38.41
C ALA H 191 27.54 -32.25 39.51
N VAL H 192 28.12 -31.60 40.53
CA VAL H 192 27.33 -31.07 41.63
C VAL H 192 26.35 -30.01 41.14
N TYR H 193 26.84 -29.07 40.35
CA TYR H 193 25.97 -28.02 39.81
C TYR H 193 24.79 -28.63 39.07
N ALA H 194 25.06 -29.60 38.21
CA ALA H 194 24.01 -30.24 37.45
C ALA H 194 23.01 -30.89 38.40
N SER H 195 23.52 -31.58 39.43
CA SER H 195 22.65 -32.23 40.41
C SER H 195 21.84 -31.24 41.24
N VAL H 196 22.50 -30.24 41.80
CA VAL H 196 21.82 -29.22 42.61
C VAL H 196 20.68 -28.59 41.81
N ARG H 197 20.98 -28.16 40.60
CA ARG H 197 19.98 -27.53 39.75
C ARG H 197 18.76 -28.44 39.60
N GLY H 198 19.01 -29.73 39.36
CA GLY H 198 17.93 -30.67 39.21
C GLY H 198 17.11 -30.77 40.48
N LEU H 199 17.80 -30.86 41.61
CA LEU H 199 17.13 -30.96 42.90
C LEU H 199 16.24 -29.76 43.16
N LEU H 200 16.75 -28.56 42.89
CA LEU H 200 15.99 -27.34 43.11
C LEU H 200 14.71 -27.37 42.28
N LEU H 201 14.84 -27.63 40.98
CA LEU H 201 13.68 -27.70 40.12
C LEU H 201 12.69 -28.75 40.59
N LYS H 202 13.18 -29.94 40.91
CA LYS H 202 12.32 -31.03 41.36
C LYS H 202 11.52 -30.68 42.62
N ALA H 203 12.23 -30.19 43.63
CA ALA H 203 11.60 -29.80 44.89
C ALA H 203 10.53 -28.74 44.64
N PHE H 204 10.89 -27.72 43.87
CA PHE H 204 9.95 -26.64 43.56
C PHE H 204 8.69 -27.14 42.85
N ALA H 205 8.87 -28.06 41.90
CA ALA H 205 7.75 -28.60 41.12
C ALA H 205 6.87 -29.67 41.77
N GLU H 206 7.48 -30.55 42.57
CA GLU H 206 6.74 -31.64 43.20
C GLU H 206 6.15 -31.35 44.56
N THR H 207 6.61 -30.29 45.20
CA THR H 207 6.12 -29.92 46.52
C THR H 207 4.79 -29.16 46.48
N HIS H 208 3.76 -29.73 47.11
CA HIS H 208 2.48 -29.02 47.17
C HIS H 208 2.73 -27.85 48.12
N SER H 209 2.78 -26.64 47.57
CA SER H 209 3.10 -25.47 48.37
C SER H 209 2.01 -24.87 49.25
N LEU H 210 2.39 -24.62 50.50
CA LEU H 210 1.50 -24.00 51.47
C LEU H 210 2.05 -22.59 51.71
N ALA H 211 3.20 -22.32 51.11
CA ALA H 211 3.88 -21.02 51.20
C ALA H 211 5.24 -21.09 50.50
N LEU H 212 5.68 -19.96 49.95
CA LEU H 212 6.97 -19.94 49.27
C LEU H 212 8.06 -20.32 50.28
N GLN H 213 7.86 -19.93 51.55
CA GLN H 213 8.82 -20.25 52.59
C GLN H 213 9.00 -21.76 52.70
N GLN H 214 7.90 -22.50 52.58
CA GLN H 214 7.95 -23.95 52.67
C GLN H 214 8.57 -24.60 51.44
N THR H 215 8.27 -24.08 50.25
CA THR H 215 8.83 -24.64 49.02
C THR H 215 10.35 -24.48 49.04
N MET H 216 10.80 -23.27 49.37
CA MET H 216 12.22 -23.00 49.45
C MET H 216 12.90 -23.94 50.46
N TYR H 217 12.25 -24.16 51.59
CA TYR H 217 12.83 -25.06 52.60
C TYR H 217 13.04 -26.44 51.98
N GLU H 218 12.01 -26.96 51.32
CA GLU H 218 12.10 -28.27 50.70
C GLU H 218 13.20 -28.30 49.63
N MET H 219 13.36 -27.19 48.92
CA MET H 219 14.39 -27.10 47.90
C MET H 219 15.76 -27.19 48.58
N GLY H 220 15.97 -26.39 49.62
CA GLY H 220 17.24 -26.41 50.32
C GLY H 220 17.50 -27.75 50.99
N ARG H 221 16.44 -28.41 51.44
CA ARG H 221 16.56 -29.70 52.11
C ARG H 221 17.07 -30.80 51.18
N ALA H 222 16.53 -30.85 49.97
CA ALA H 222 16.94 -31.86 49.00
C ALA H 222 18.43 -31.77 48.67
N VAL H 223 18.95 -30.55 48.61
CA VAL H 223 20.36 -30.34 48.29
C VAL H 223 21.27 -30.76 49.44
N ILE H 224 20.96 -30.30 50.65
CA ILE H 224 21.78 -30.65 51.79
C ILE H 224 21.84 -32.16 51.96
N GLU H 225 20.67 -32.79 51.95
CA GLU H 225 20.58 -34.23 52.10
C GLU H 225 21.30 -35.00 51.01
N THR H 226 21.38 -34.43 49.82
CA THR H 226 22.02 -35.10 48.70
C THR H 226 23.53 -34.91 48.54
N HIS H 227 24.07 -33.77 48.96
CA HIS H 227 25.50 -33.52 48.81
C HIS H 227 26.25 -33.27 50.12
N PRO H 228 27.08 -34.23 50.54
CA PRO H 228 27.85 -34.09 51.79
C PRO H 228 28.87 -32.95 51.71
N GLU H 229 29.29 -32.60 50.50
CA GLU H 229 30.27 -31.53 50.33
C GLU H 229 29.65 -30.15 50.51
N ILE H 230 28.33 -30.09 50.67
CA ILE H 230 27.65 -28.82 50.86
C ILE H 230 27.21 -28.59 52.30
N ASP H 231 27.78 -27.57 52.94
CA ASP H 231 27.47 -27.23 54.32
C ASP H 231 26.18 -26.44 54.44
N GLU H 232 25.94 -25.54 53.49
CA GLU H 232 24.72 -24.72 53.52
C GLU H 232 24.37 -24.19 52.14
N ILE H 233 23.11 -23.82 51.98
CA ILE H 233 22.63 -23.26 50.72
C ILE H 233 21.70 -22.11 51.05
N LYS H 234 21.98 -20.95 50.46
CA LYS H 234 21.17 -19.76 50.67
C LYS H 234 20.39 -19.48 49.39
N MET H 235 19.12 -19.12 49.55
CA MET H 235 18.27 -18.83 48.41
C MET H 235 17.53 -17.53 48.63
N SER H 236 17.25 -16.84 47.53
CA SER H 236 16.52 -15.58 47.54
C SER H 236 15.46 -15.73 46.46
N LEU H 237 14.20 -15.86 46.88
CA LEU H 237 13.13 -16.06 45.91
C LEU H 237 12.05 -15.00 45.89
N PRO H 238 11.89 -14.34 44.74
CA PRO H 238 10.85 -13.32 44.65
C PRO H 238 9.53 -14.00 44.32
N ASN H 239 8.46 -13.55 44.95
CA ASN H 239 7.15 -14.10 44.68
C ASN H 239 6.61 -13.19 43.58
N LYS H 240 6.88 -13.56 42.34
CA LYS H 240 6.45 -12.80 41.18
C LYS H 240 4.95 -12.94 41.02
N HIS H 241 4.22 -11.97 41.57
CA HIS H 241 2.76 -11.99 41.55
C HIS H 241 2.02 -12.01 40.22
N HIS H 242 1.10 -12.96 40.13
CA HIS H 242 0.24 -13.14 38.98
C HIS H 242 -1.18 -13.01 39.52
N PHE H 243 -1.76 -11.82 39.33
CA PHE H 243 -3.11 -11.52 39.81
C PHE H 243 -4.21 -12.02 38.90
N LEU H 244 -5.11 -12.83 39.46
CA LEU H 244 -6.24 -13.35 38.71
C LEU H 244 -7.12 -12.14 38.41
N VAL H 245 -7.15 -11.73 37.15
CA VAL H 245 -7.93 -10.56 36.76
C VAL H 245 -9.42 -10.74 37.02
N ASP H 246 -10.07 -9.65 37.42
CA ASP H 246 -11.51 -9.66 37.69
C ASP H 246 -12.23 -9.39 36.38
N LEU H 247 -13.00 -10.36 35.91
CA LEU H 247 -13.72 -10.23 34.66
C LEU H 247 -15.23 -10.11 34.83
N GLN H 248 -15.71 -10.19 36.08
CA GLN H 248 -17.14 -10.05 36.34
C GLN H 248 -17.65 -8.76 35.70
N PRO H 249 -16.89 -7.66 35.80
CA PRO H 249 -17.35 -6.40 35.19
C PRO H 249 -17.73 -6.56 33.71
N PHE H 250 -17.22 -7.60 33.06
CA PHE H 250 -17.50 -7.84 31.64
C PHE H 250 -18.49 -8.99 31.42
N GLY H 251 -19.13 -9.43 32.50
CA GLY H 251 -20.09 -10.51 32.40
C GLY H 251 -19.49 -11.90 32.27
N GLN H 252 -18.21 -12.03 32.60
CA GLN H 252 -17.55 -13.32 32.51
C GLN H 252 -17.08 -13.75 33.88
N ASP H 253 -16.45 -14.92 33.94
CA ASP H 253 -15.87 -15.43 35.18
C ASP H 253 -14.41 -15.69 34.83
N ASN H 254 -13.60 -16.02 35.83
CA ASN H 254 -12.18 -16.28 35.58
C ASN H 254 -11.76 -17.45 36.46
N PRO H 255 -11.99 -18.69 35.98
CA PRO H 255 -11.63 -19.90 36.73
C PRO H 255 -10.13 -20.21 36.77
N ASN H 256 -9.37 -19.31 37.37
CA ASN H 256 -7.93 -19.48 37.51
C ASN H 256 -7.25 -19.57 36.15
N GLU H 257 -7.74 -18.77 35.20
CA GLU H 257 -7.19 -18.81 33.86
C GLU H 257 -6.46 -17.55 33.37
N VAL H 258 -7.07 -16.40 33.55
CA VAL H 258 -6.49 -15.14 33.07
C VAL H 258 -5.79 -14.36 34.15
N PHE H 259 -4.47 -14.20 34.01
CA PHE H 259 -3.69 -13.47 35.00
C PHE H 259 -2.91 -12.28 34.48
N TYR H 260 -2.66 -11.34 35.40
CA TYR H 260 -1.88 -10.14 35.12
C TYR H 260 -0.58 -10.33 35.88
N ALA H 261 0.55 -10.34 35.18
CA ALA H 261 1.84 -10.53 35.83
C ALA H 261 2.45 -9.17 36.14
N ALA H 262 2.36 -8.77 37.41
CA ALA H 262 2.89 -7.49 37.85
C ALA H 262 4.40 -7.55 38.05
N ASP H 263 5.05 -6.42 37.77
CA ASP H 263 6.49 -6.28 37.92
C ASP H 263 6.83 -6.00 39.39
N ARG H 264 6.33 -4.89 39.91
CA ARG H 264 6.59 -4.50 41.28
C ARG H 264 5.31 -3.97 41.93
N PRO H 265 5.18 -4.13 43.25
CA PRO H 265 6.19 -4.78 44.10
C PRO H 265 6.10 -6.30 44.01
N TYR H 266 7.02 -6.98 44.69
CA TYR H 266 7.02 -8.44 44.72
C TYR H 266 7.45 -8.90 46.10
N GLY H 267 6.98 -10.09 46.48
CA GLY H 267 7.36 -10.63 47.76
C GLY H 267 8.77 -11.16 47.62
N LEU H 268 9.58 -11.05 48.65
CA LEU H 268 10.94 -11.54 48.60
C LEU H 268 11.19 -12.46 49.79
N ILE H 269 11.27 -13.76 49.52
CA ILE H 269 11.48 -14.76 50.55
C ILE H 269 12.92 -15.29 50.49
N GLU H 270 13.63 -15.19 51.60
CA GLU H 270 15.02 -15.63 51.64
C GLU H 270 15.32 -16.45 52.90
N ALA H 271 16.18 -17.44 52.77
CA ALA H 271 16.55 -18.27 53.92
C ALA H 271 17.78 -19.11 53.67
N THR H 272 18.45 -19.48 54.75
CA THR H 272 19.65 -20.30 54.70
C THR H 272 19.28 -21.69 55.18
N ILE H 273 19.53 -22.70 54.37
CA ILE H 273 19.25 -24.07 54.76
C ILE H 273 20.63 -24.68 55.03
N GLN H 274 20.93 -24.89 56.30
CA GLN H 274 22.23 -25.43 56.70
C GLN H 274 22.20 -26.89 57.15
N ARG H 275 23.40 -27.43 57.33
CA ARG H 275 23.62 -28.79 57.78
C ARG H 275 23.90 -28.62 59.26
N GLU H 276 23.13 -29.29 60.12
CA GLU H 276 23.33 -29.16 61.55
C GLU H 276 24.80 -29.28 61.95
N GLY H 277 25.30 -28.26 62.63
CA GLY H 277 26.68 -28.27 63.05
C GLY H 277 27.55 -27.39 62.18
N SER H 278 27.30 -27.41 60.87
CA SER H 278 28.08 -26.60 59.94
C SER H 278 28.12 -25.16 60.40
N ARG H 279 29.21 -24.47 60.07
CA ARG H 279 29.38 -23.07 60.45
C ARG H 279 28.13 -22.26 60.13
N ALA H 280 27.89 -21.20 60.89
CA ALA H 280 26.71 -20.38 60.68
C ALA H 280 27.00 -18.89 60.44
N ASP H 281 28.18 -18.58 59.89
CA ASP H 281 28.53 -17.20 59.62
C ASP H 281 29.86 -17.06 58.87
N HIS H 282 30.04 -17.86 57.83
CA HIS H 282 31.29 -17.81 57.06
C HIS H 282 31.53 -16.42 56.46
N PRO H 283 32.79 -15.96 56.47
CA PRO H 283 33.22 -14.66 55.93
C PRO H 283 32.90 -14.44 54.45
N ILE H 284 32.80 -15.54 53.70
CA ILE H 284 32.53 -15.46 52.27
C ILE H 284 31.20 -14.80 51.91
N TRP H 285 30.26 -14.77 52.86
CA TRP H 285 28.96 -14.19 52.60
C TRP H 285 28.95 -12.67 52.73
N SER H 286 30.10 -12.11 53.10
CA SER H 286 30.23 -10.67 53.24
C SER H 286 30.78 -10.08 51.94
N ASN H 287 30.41 -10.72 50.82
CA ASN H 287 30.83 -10.33 49.48
C ASN H 287 31.24 -8.86 49.36
N1 AZA I . -4.24 -5.03 -54.10
C2 AZA I . -3.40 -5.72 -53.25
O2 AZA I . -3.53 -6.91 -53.09
N3 AZA I . -2.41 -5.05 -52.60
C4 AZA I . -2.27 -3.75 -52.78
C5 AZA I . -3.10 -3.03 -53.61
C6 AZA I . -4.18 -3.68 -54.35
O6 AZA I . -4.98 -3.16 -55.13
N7 AZA I . -2.71 -1.75 -53.58
N8 AZA I . -1.67 -1.76 -52.73
N9 AZA I . -1.38 -2.96 -52.21
N1 AZA J . -30.11 -7.40 -9.38
C2 AZA J . -30.61 -8.19 -10.39
O2 AZA J . -30.09 -9.25 -10.67
N3 AZA J . -31.70 -7.77 -11.09
C4 AZA J . -32.28 -6.62 -10.78
C5 AZA J . -31.80 -5.81 -9.78
C6 AZA J . -30.62 -6.19 -8.99
O6 AZA J . -30.10 -5.56 -8.07
N7 AZA J . -32.57 -4.73 -9.72
N8 AZA J . -33.49 -4.95 -10.69
N9 AZA J . -33.34 -6.09 -11.36
N1 AZA K . 4.63 15.71 -25.22
C2 AZA K . 4.27 16.47 -26.31
O2 AZA K . 3.66 17.51 -26.18
N3 AZA K . 4.60 16.03 -27.55
C4 AZA K . 5.26 14.90 -27.70
C5 AZA K . 5.64 14.13 -26.62
C6 AZA K . 5.31 14.53 -25.25
O6 AZA K . 5.58 13.93 -24.20
N7 AZA K . 6.28 13.06 -27.08
N8 AZA K . 6.27 13.23 -28.42
N9 AZA K . 5.65 14.35 -28.83
N1 AZA L . -45.01 7.41 -39.25
C2 AZA L . -44.87 8.17 -38.11
O2 AZA L . -44.64 9.36 -38.17
N3 AZA L . -45.01 7.57 -36.89
C4 AZA L . -45.26 6.27 -36.82
C5 AZA L . -45.41 5.50 -37.95
C6 AZA L . -45.28 6.06 -39.29
O6 AZA L . -45.37 5.48 -40.38
N7 AZA L . -45.66 4.25 -37.56
N8 AZA L . -45.66 4.33 -36.21
N9 AZA L . -45.42 5.55 -35.73
N1 AZA M . 44.27 2.13 40.91
C2 AZA M . 44.11 3.23 40.09
O2 AZA M . 43.78 4.29 40.55
N3 AZA M . 44.33 3.10 38.76
C4 AZA M . 44.70 1.92 38.26
C5 AZA M . 44.85 0.81 39.05
C6 AZA M . 44.64 0.87 40.49
O6 AZA M . 44.74 -0.05 41.31
N7 AZA M . 45.21 -0.20 38.27
N8 AZA M . 45.26 0.35 37.03
N9 AZA M . 44.94 1.64 36.99
N1 AZA N . -5.66 9.82 27.62
C2 AZA N . -5.48 10.32 28.88
O2 AZA N . -5.05 11.44 29.06
N3 AZA N . -5.80 9.54 29.95
C4 AZA N . -6.27 8.33 29.77
C5 AZA N . -6.45 7.79 28.51
C6 AZA N . -6.14 8.57 27.31
O6 AZA N . -6.25 8.21 26.14
N7 AZA N . -6.93 6.56 28.65
N8 AZA N . -7.01 6.40 29.98
N9 AZA N . -6.62 7.46 30.70
N1 AZA O . 31.33 -6.90 7.67
C2 AZA O . 31.80 -7.90 8.49
O2 AZA O . 31.26 -8.99 8.51
N3 AZA O . 32.87 -7.66 9.29
C4 AZA O . 33.46 -6.47 9.26
C5 AZA O . 33.01 -5.46 8.45
C6 AZA O . 31.86 -5.64 7.56
O6 AZA O . 31.36 -4.82 6.79
N7 AZA O . 33.79 -4.40 8.65
N8 AZA O . 34.68 -4.82 9.57
N9 AZA O . 34.50 -6.09 9.97
N1 AZA P . 4.82 -16.15 51.27
C2 AZA P . 4.23 -16.69 50.16
O2 AZA P . 4.66 -17.71 49.65
N3 AZA P . 3.16 -16.08 49.61
C4 AZA P . 2.68 -14.96 50.16
C5 AZA P . 3.25 -14.40 51.28
C6 AZA P . 4.42 -15.01 51.92
O6 AZA P . 5.02 -14.61 52.92
N7 AZA P . 2.56 -13.31 51.60
N8 AZA P . 1.60 -13.26 50.64
N9 AZA P . 1.65 -14.26 49.75
#